data_8W75
#
_entry.id   8W75
#
_cell.length_a   100.115
_cell.length_b   103.178
_cell.length_c   102.538
_cell.angle_alpha   90.00
_cell.angle_beta   108.61
_cell.angle_gamma   90.00
#
_symmetry.space_group_name_H-M   'P 1 21 1'
#
loop_
_entity.id
_entity.type
_entity.pdbx_description
1 polymer FI05204p
2 non-polymer 'FLAVIN-ADENINE DINUCLEOTIDE'
3 non-polymer DODECYL-BETA-D-MALTOSIDE
#
_entity_poly.entity_id   1
_entity_poly.type   'polypeptide(L)'
_entity_poly.pdbx_seq_one_letter_code
;GDYDLVVVGGGIVGAASAREIVLRHPSLKVAVLEKECKLAKHQSGHNSGVIHAGIYYKPGTLKARLCVEGMHLAYAYLDE
KKIPYKKTGKLIVATDEKEVKLLKDLEKRGIANNVPDLRMIEGSEIQEIEPYCQGVMALHSPHTGIVDWGLVTEHYGQDF
KQCGGDIYLDFNVSKFTETKEGTDYPVTIHGAKPGQTVRTKNVLTCGGLQSDLLAEKTGCPRDPRIVPFRGEYLLLTKEK
QHMVKGNIYPVPDPRFPFLGVHFTPRMDGSIWLGPNAVLALKREGYTWGDINLFELFDALRYPGFVKMASKYIGFGLSEM
SKSWFINLQIKALQKYIPDITEYDIQRGPAGVRAQAMDLDGNLVDDFVFDRGQGSGALAKRVLHCRNAPSPGATSSLAIA
KMIADKIENEFSIGK
;
_entity_poly.pdbx_strand_id   D,A,B,C
#
loop_
_chem_comp.id
_chem_comp.type
_chem_comp.name
_chem_comp.formula
FAD non-polymer 'FLAVIN-ADENINE DINUCLEOTIDE' 'C27 H33 N9 O15 P2'
LMT D-saccharide DODECYL-BETA-D-MALTOSIDE 'C24 H46 O11'
#
# COMPACT_ATOMS: atom_id res chain seq x y z
N ASP A 2 34.15 -32.17 17.35
CA ASP A 2 33.88 -31.11 18.30
C ASP A 2 32.73 -31.50 19.23
N TYR A 3 31.67 -32.04 18.64
CA TYR A 3 30.51 -32.50 19.40
C TYR A 3 29.90 -33.71 18.73
N ASP A 4 29.20 -34.51 19.52
CA ASP A 4 28.49 -35.68 19.00
C ASP A 4 27.10 -35.34 18.51
N LEU A 5 26.46 -34.34 19.11
CA LEU A 5 25.10 -33.96 18.77
C LEU A 5 24.93 -32.46 19.00
N VAL A 6 24.16 -31.82 18.13
CA VAL A 6 23.87 -30.39 18.24
C VAL A 6 22.37 -30.19 18.23
N VAL A 7 21.87 -29.41 19.18
CA VAL A 7 20.45 -29.07 19.27
C VAL A 7 20.36 -27.56 19.08
N VAL A 8 20.01 -27.11 17.88
CA VAL A 8 19.82 -25.69 17.63
C VAL A 8 18.43 -25.29 18.09
N GLY A 9 18.33 -24.11 18.69
CA GLY A 9 17.07 -23.67 19.28
C GLY A 9 17.06 -23.81 20.79
N GLY A 10 17.06 -22.69 21.49
CA GLY A 10 17.09 -22.70 22.95
C GLY A 10 15.72 -22.54 23.56
N GLY A 11 14.68 -22.98 22.85
CA GLY A 11 13.35 -22.93 23.39
C GLY A 11 13.12 -24.01 24.43
N ILE A 12 11.87 -24.11 24.86
CA ILE A 12 11.54 -25.09 25.91
C ILE A 12 11.55 -26.51 25.36
N VAL A 13 11.31 -26.67 24.05
CA VAL A 13 11.34 -28.00 23.46
C VAL A 13 12.77 -28.43 23.17
N GLY A 14 13.60 -27.51 22.67
CA GLY A 14 14.98 -27.84 22.38
C GLY A 14 15.81 -28.06 23.64
N ALA A 15 15.57 -27.23 24.67
CA ALA A 15 16.32 -27.38 25.91
C ALA A 15 15.90 -28.62 26.69
N ALA A 16 14.61 -28.99 26.62
CA ALA A 16 14.17 -30.20 27.30
C ALA A 16 14.71 -31.44 26.60
N SER A 17 14.72 -31.44 25.26
CA SER A 17 15.26 -32.58 24.53
C SER A 17 16.75 -32.72 24.77
N ALA A 18 17.48 -31.60 24.83
CA ALA A 18 18.91 -31.67 25.10
C ALA A 18 19.20 -32.12 26.52
N ARG A 19 18.41 -31.64 27.48
CA ARG A 19 18.57 -32.08 28.86
C ARG A 19 18.22 -33.55 29.01
N GLU A 20 17.16 -34.01 28.33
CA GLU A 20 16.79 -35.42 28.40
C GLU A 20 17.85 -36.30 27.75
N ILE A 21 18.39 -35.87 26.61
CA ILE A 21 19.31 -36.71 25.86
C ILE A 21 20.67 -36.82 26.54
N VAL A 22 21.02 -35.85 27.39
CA VAL A 22 22.29 -35.93 28.12
C VAL A 22 22.15 -36.69 29.44
N LEU A 23 20.94 -36.77 30.00
CA LEU A 23 20.75 -37.58 31.20
C LEU A 23 20.76 -39.06 30.86
N ARG A 24 20.19 -39.44 29.71
CA ARG A 24 20.16 -40.84 29.33
C ARG A 24 21.53 -41.32 28.85
N HIS A 25 22.32 -40.42 28.27
CA HIS A 25 23.63 -40.77 27.70
C HIS A 25 24.64 -39.72 28.14
N PRO A 26 25.21 -39.87 29.34
CA PRO A 26 26.23 -38.94 29.84
C PRO A 26 27.59 -39.15 29.18
N LEU A 28 27.77 -38.63 25.94
CA LEU A 28 27.59 -37.85 24.72
C LEU A 28 28.02 -36.40 24.90
N LYS A 29 28.81 -35.90 23.95
CA LYS A 29 29.19 -34.49 23.91
C LYS A 29 28.15 -33.76 23.07
N VAL A 30 27.23 -33.06 23.72
CA VAL A 30 26.10 -32.40 23.07
C VAL A 30 26.19 -30.91 23.33
N ALA A 31 25.87 -30.11 22.32
CA ALA A 31 25.84 -28.67 22.42
C ALA A 31 24.47 -28.14 22.03
N VAL A 32 24.19 -26.91 22.43
CA VAL A 32 22.94 -26.23 22.12
C VAL A 32 23.27 -24.87 21.51
N LEU A 33 22.74 -24.62 20.32
CA LEU A 33 22.96 -23.37 19.60
C LEU A 33 21.67 -22.56 19.60
N GLU A 34 21.73 -21.37 20.20
CA GLU A 34 20.60 -20.45 20.25
C GLU A 34 20.99 -19.14 19.61
N LYS A 35 20.18 -18.66 18.68
CA LYS A 35 20.52 -17.42 17.96
C LYS A 35 20.33 -16.20 18.85
N GLU A 36 19.42 -16.26 19.82
CA GLU A 36 19.16 -15.11 20.66
C GLU A 36 20.16 -15.05 21.82
N CYS A 37 20.09 -13.95 22.57
CA CYS A 37 20.96 -13.76 23.74
C CYS A 37 20.74 -14.88 24.76
N LYS A 38 19.51 -15.01 25.25
CA LYS A 38 19.18 -15.96 26.30
C LYS A 38 18.17 -16.97 25.79
N LEU A 39 18.02 -18.06 26.55
CA LEU A 39 17.04 -19.08 26.22
C LEU A 39 15.63 -18.55 26.48
N ALA A 40 14.65 -19.18 25.83
CA ALA A 40 13.23 -18.84 25.98
C ALA A 40 12.97 -17.38 25.64
N LYS A 41 13.56 -16.93 24.53
CA LYS A 41 13.42 -15.54 24.10
C LYS A 41 12.24 -15.32 23.16
N HIS A 42 11.46 -16.37 22.88
CA HIS A 42 10.32 -16.23 21.97
C HIS A 42 9.08 -16.91 22.52
N GLN A 43 8.69 -18.05 21.93
CA GLN A 43 7.46 -18.71 22.33
C GLN A 43 7.51 -19.19 23.77
N SER A 44 8.70 -19.59 24.25
CA SER A 44 8.82 -20.05 25.63
C SER A 44 8.85 -18.90 26.62
N GLY A 45 9.08 -17.67 26.17
CA GLY A 45 9.12 -16.53 27.07
C GLY A 45 8.01 -15.53 26.81
N HIS A 46 7.13 -15.85 25.87
CA HIS A 46 5.98 -15.00 25.54
C HIS A 46 4.73 -15.87 25.45
N ASN A 47 4.36 -16.49 26.58
CA ASN A 47 3.23 -17.39 26.64
C ASN A 47 2.33 -17.01 27.82
N SER A 48 1.16 -17.63 27.86
CA SER A 48 0.22 -17.39 28.95
C SER A 48 0.71 -17.97 30.27
N GLY A 49 1.67 -18.87 30.21
CA GLY A 49 2.19 -19.51 31.43
C GLY A 49 1.18 -20.35 32.17
N VAL A 50 0.36 -21.13 31.46
CA VAL A 50 -0.64 -22.01 32.09
C VAL A 50 -0.17 -23.46 32.00
N ILE A 51 -0.48 -24.28 33.00
CA ILE A 51 -0.15 -25.73 33.02
C ILE A 51 -1.46 -26.44 32.76
N HIS A 52 -1.62 -27.03 31.58
CA HIS A 52 -2.91 -27.65 31.22
C HIS A 52 -2.99 -29.12 31.59
N ALA A 53 -4.21 -29.61 31.74
CA ALA A 53 -4.59 -31.04 31.92
C ALA A 53 -5.29 -31.45 30.62
N GLY A 54 -5.29 -32.71 30.25
CA GLY A 54 -5.84 -32.99 28.91
C GLY A 54 -7.35 -32.87 28.81
N ILE A 55 -7.88 -31.65 28.75
CA ILE A 55 -9.37 -31.51 28.67
C ILE A 55 -9.85 -31.42 27.23
N TYR A 56 -9.20 -30.64 26.40
CA TYR A 56 -9.67 -30.39 25.05
C TYR A 56 -9.27 -31.48 24.06
N TYR A 57 -8.30 -32.32 24.41
CA TYR A 57 -7.69 -33.21 23.44
C TYR A 57 -8.43 -34.55 23.37
N LYS A 58 -8.24 -35.23 22.25
CA LYS A 58 -8.98 -36.46 21.98
C LYS A 58 -8.51 -37.58 22.91
N PRO A 59 -9.42 -38.35 23.50
CA PRO A 59 -8.99 -39.43 24.40
C PRO A 59 -8.27 -40.53 23.65
N GLY A 60 -7.16 -40.99 24.22
CA GLY A 60 -6.38 -42.05 23.63
C GLY A 60 -5.38 -41.62 22.59
N THR A 61 -5.29 -40.33 22.27
CA THR A 61 -4.33 -39.84 21.29
C THR A 61 -3.03 -39.44 21.97
N LEU A 62 -2.01 -39.16 21.15
CA LEU A 62 -0.72 -38.78 21.68
C LEU A 62 -0.75 -37.40 22.30
N LYS A 63 -1.51 -36.47 21.70
CA LYS A 63 -1.57 -35.12 22.22
C LYS A 63 -2.18 -35.08 23.62
N ALA A 64 -3.17 -35.94 23.88
CA ALA A 64 -3.80 -35.98 25.20
C ALA A 64 -2.94 -36.70 26.21
N ARG A 65 -2.20 -37.73 25.79
CA ARG A 65 -1.34 -38.45 26.72
C ARG A 65 -0.16 -37.60 27.17
N LEU A 66 0.43 -36.85 26.25
CA LEU A 66 1.62 -36.06 26.58
C LEU A 66 1.29 -34.93 27.55
N CYS A 67 0.10 -34.34 27.42
CA CYS A 67 -0.25 -33.18 28.25
C CYS A 67 -0.31 -33.56 29.72
N VAL A 68 -1.11 -34.57 30.05
CA VAL A 68 -1.20 -35.01 31.44
C VAL A 68 0.11 -35.64 31.89
N GLU A 69 0.84 -36.27 30.96
CA GLU A 69 2.15 -36.83 31.30
C GLU A 69 3.15 -35.71 31.58
N GLY A 70 3.15 -34.67 30.75
CA GLY A 70 4.03 -33.54 30.99
C GLY A 70 3.58 -32.68 32.16
N MET A 71 2.29 -32.71 32.49
CA MET A 71 1.80 -31.94 33.62
C MET A 71 2.25 -32.55 34.95
N HIS A 72 2.13 -33.86 35.09
CA HIS A 72 2.62 -34.53 36.29
C HIS A 72 4.14 -34.49 36.37
N LEU A 73 4.83 -34.54 35.23
CA LEU A 73 6.29 -34.43 35.24
C LEU A 73 6.73 -33.01 35.56
N ALA A 74 5.93 -32.00 35.20
CA ALA A 74 6.31 -30.62 35.48
C ALA A 74 6.22 -30.32 36.96
N TYR A 75 5.10 -30.68 37.60
CA TYR A 75 4.95 -30.42 39.03
C TYR A 75 6.01 -31.14 39.85
N ALA A 76 6.37 -32.35 39.45
CA ALA A 76 7.46 -33.05 40.12
C ALA A 76 8.80 -32.36 39.86
N TYR A 77 8.95 -31.74 38.70
CA TYR A 77 10.20 -31.04 38.38
C TYR A 77 10.24 -29.66 39.02
N LEU A 78 9.10 -28.99 39.12
CA LEU A 78 9.05 -27.68 39.77
C LEU A 78 9.39 -27.80 41.25
N ASP A 79 8.84 -28.81 41.92
CA ASP A 79 9.14 -29.01 43.33
C ASP A 79 10.57 -29.50 43.54
N GLU A 80 11.11 -30.27 42.59
CA GLU A 80 12.46 -30.78 42.74
C GLU A 80 13.50 -29.66 42.64
N LYS A 81 13.29 -28.71 41.74
CA LYS A 81 14.20 -27.59 41.55
C LYS A 81 13.79 -26.35 42.32
N LYS A 82 12.70 -26.41 43.08
CA LYS A 82 12.19 -25.27 43.85
C LYS A 82 11.91 -24.06 42.95
N ILE A 83 11.15 -24.31 41.89
CA ILE A 83 10.74 -23.25 40.98
C ILE A 83 9.37 -22.74 41.42
N PRO A 84 9.20 -21.42 41.55
CA PRO A 84 7.91 -20.90 42.04
C PRO A 84 6.79 -21.19 41.07
N TYR A 85 5.66 -21.65 41.62
CA TYR A 85 4.48 -21.92 40.81
C TYR A 85 3.24 -21.82 41.69
N LYS A 86 2.17 -21.26 41.13
CA LYS A 86 0.89 -21.14 41.81
C LYS A 86 -0.13 -22.05 41.12
N LYS A 87 -0.87 -22.81 41.91
CA LYS A 87 -1.84 -23.78 41.41
C LYS A 87 -3.25 -23.29 41.76
N THR A 88 -3.88 -22.59 40.84
CA THR A 88 -5.23 -22.09 41.01
C THR A 88 -6.20 -23.02 40.27
N GLY A 89 -7.18 -22.53 39.53
CA GLY A 89 -8.06 -23.41 38.78
C GLY A 89 -8.42 -22.79 37.44
N LYS A 90 -8.74 -23.66 36.49
CA LYS A 90 -9.16 -23.25 35.15
C LYS A 90 -10.65 -23.53 35.04
N LEU A 91 -11.45 -22.47 34.92
CA LEU A 91 -12.90 -22.59 34.87
C LEU A 91 -13.35 -22.25 33.46
N ILE A 92 -13.84 -23.26 32.73
CA ILE A 92 -14.29 -23.08 31.36
C ILE A 92 -15.79 -22.82 31.41
N VAL A 93 -16.19 -21.58 31.15
CA VAL A 93 -17.59 -21.14 31.29
C VAL A 93 -18.25 -21.11 29.92
N ALA A 94 -19.51 -21.52 29.88
CA ALA A 94 -20.31 -21.49 28.66
C ALA A 94 -21.16 -20.22 28.63
N THR A 95 -21.27 -19.61 27.45
CA THR A 95 -21.98 -18.34 27.34
C THR A 95 -23.48 -18.54 27.16
N ASP A 96 -23.89 -19.50 26.34
CA ASP A 96 -25.30 -19.73 26.06
C ASP A 96 -25.55 -21.24 26.01
N GLU A 97 -26.77 -21.62 25.62
CA GLU A 97 -27.11 -23.03 25.53
C GLU A 97 -26.34 -23.72 24.42
N LYS A 98 -26.03 -23.02 23.33
CA LYS A 98 -25.22 -23.61 22.27
C LYS A 98 -23.83 -23.94 22.76
N GLU A 99 -23.30 -23.15 23.71
CA GLU A 99 -22.00 -23.45 24.31
C GLU A 99 -22.09 -24.55 25.37
N VAL A 100 -23.29 -24.84 25.88
CA VAL A 100 -23.43 -25.90 26.86
C VAL A 100 -23.26 -27.26 26.23
N LYS A 101 -23.60 -27.39 24.94
CA LYS A 101 -23.41 -28.66 24.26
C LYS A 101 -21.93 -28.98 24.06
N LEU A 102 -21.13 -27.97 23.70
CA LEU A 102 -19.70 -28.18 23.55
C LEU A 102 -19.03 -28.45 24.89
N LEU A 103 -19.49 -27.77 25.95
CA LEU A 103 -18.90 -27.96 27.27
C LEU A 103 -19.20 -29.34 27.83
N LYS A 104 -20.37 -29.89 27.50
CA LYS A 104 -20.69 -31.25 27.95
C LYS A 104 -19.74 -32.27 27.33
N ASP A 105 -19.38 -32.08 26.07
CA ASP A 105 -18.43 -32.98 25.42
C ASP A 105 -17.03 -32.82 26.03
N LEU A 106 -16.62 -31.59 26.33
CA LEU A 106 -15.33 -31.37 26.95
C LEU A 106 -15.25 -32.01 28.33
N GLU A 107 -16.38 -32.12 29.03
CA GLU A 107 -16.39 -32.81 30.32
C GLU A 107 -16.13 -34.30 30.13
N LYS A 108 -16.83 -34.93 29.18
CA LYS A 108 -16.59 -36.34 28.91
C LYS A 108 -15.22 -36.56 28.26
N ARG A 109 -14.76 -35.61 27.47
CA ARG A 109 -13.46 -35.74 26.84
C ARG A 109 -12.31 -35.54 27.82
N GLY A 110 -12.55 -34.84 28.93
CA GLY A 110 -11.53 -34.58 29.91
C GLY A 110 -11.39 -35.69 30.93
N ILE A 111 -12.52 -36.19 31.45
CA ILE A 111 -12.48 -37.28 32.40
C ILE A 111 -12.01 -38.58 31.76
N ALA A 112 -12.17 -38.72 30.44
CA ALA A 112 -11.66 -39.91 29.76
C ALA A 112 -10.14 -39.98 29.80
N ASN A 113 -9.47 -38.83 29.76
CA ASN A 113 -8.02 -38.77 29.83
C ASN A 113 -7.51 -38.65 31.26
N ASN A 114 -8.34 -38.91 32.26
CA ASN A 114 -7.98 -38.85 33.67
C ASN A 114 -7.42 -37.48 34.03
N VAL A 115 -8.33 -36.50 34.06
CA VAL A 115 -8.01 -35.14 34.46
C VAL A 115 -8.46 -34.94 35.89
N PRO A 116 -7.55 -35.01 36.87
CA PRO A 116 -7.97 -34.96 38.28
C PRO A 116 -8.01 -33.54 38.85
N ASP A 117 -9.20 -33.08 39.23
CA ASP A 117 -10.43 -33.82 39.05
C ASP A 117 -11.51 -32.93 38.43
N LEU A 118 -12.07 -33.37 37.31
CA LEU A 118 -13.08 -32.59 36.63
C LEU A 118 -14.39 -32.63 37.40
N ARG A 119 -15.10 -31.49 37.40
CA ARG A 119 -16.38 -31.40 38.11
C ARG A 119 -17.17 -30.25 37.48
N MET A 120 -18.29 -30.58 36.85
CA MET A 120 -19.13 -29.56 36.24
C MET A 120 -19.90 -28.80 37.31
N ILE A 121 -19.99 -27.47 37.13
CA ILE A 121 -20.71 -26.60 38.05
C ILE A 121 -21.65 -25.72 37.23
N GLU A 122 -22.62 -25.13 37.92
CA GLU A 122 -23.61 -24.27 37.28
C GLU A 122 -24.30 -23.43 38.34
N GLY A 123 -25.03 -22.43 37.87
CA GLY A 123 -25.84 -21.62 38.78
C GLY A 123 -25.00 -20.77 39.70
N SER A 124 -25.40 -20.73 40.97
CA SER A 124 -24.69 -19.94 41.97
C SER A 124 -23.36 -20.55 42.39
N GLU A 125 -23.06 -21.76 41.93
CA GLU A 125 -21.77 -22.38 42.26
C GLU A 125 -20.60 -21.64 41.61
N ILE A 126 -20.85 -20.92 40.50
CA ILE A 126 -19.80 -20.16 39.86
C ILE A 126 -19.32 -19.04 40.78
N GLN A 127 -20.20 -18.50 41.62
CA GLN A 127 -19.80 -17.46 42.57
C GLN A 127 -18.89 -17.99 43.66
N GLU A 128 -18.92 -19.30 43.93
CA GLU A 128 -18.08 -19.86 44.98
C GLU A 128 -16.62 -19.96 44.56
N ILE A 129 -16.33 -19.99 43.26
CA ILE A 129 -14.97 -20.09 42.77
C ILE A 129 -14.48 -18.76 42.20
N GLU A 130 -15.33 -18.06 41.45
CA GLU A 130 -15.02 -16.73 40.93
C GLU A 130 -16.25 -15.86 41.10
N PRO A 131 -16.29 -15.03 42.14
CA PRO A 131 -17.53 -14.30 42.48
C PRO A 131 -17.92 -13.21 41.49
N TYR A 132 -17.03 -12.81 40.59
CA TYR A 132 -17.32 -11.74 39.65
C TYR A 132 -17.71 -12.24 38.26
N CYS A 133 -17.62 -13.54 38.00
CA CYS A 133 -17.91 -14.09 36.69
C CYS A 133 -19.28 -14.76 36.67
N GLN A 134 -19.98 -14.63 35.56
CA GLN A 134 -21.30 -15.22 35.36
C GLN A 134 -21.24 -16.30 34.29
N GLY A 135 -22.39 -16.84 33.95
CA GLY A 135 -22.45 -17.89 32.95
C GLY A 135 -23.54 -18.89 33.28
N VAL A 136 -23.85 -19.72 32.29
CA VAL A 136 -24.89 -20.74 32.44
C VAL A 136 -24.33 -22.01 33.06
N MET A 137 -23.19 -22.49 32.57
CA MET A 137 -22.56 -23.69 33.09
C MET A 137 -21.05 -23.54 32.96
N ALA A 138 -20.32 -24.23 33.84
CA ALA A 138 -18.87 -24.13 33.89
C ALA A 138 -18.27 -25.50 34.18
N LEU A 139 -16.95 -25.60 33.97
CA LEU A 139 -16.20 -26.82 34.20
C LEU A 139 -14.97 -26.47 35.03
N HIS A 140 -14.85 -27.06 36.22
CA HIS A 140 -13.80 -26.71 37.16
C HIS A 140 -12.64 -27.68 37.06
N SER A 141 -11.42 -27.14 37.12
CA SER A 141 -10.19 -27.93 37.08
C SER A 141 -9.24 -27.39 38.14
N PRO A 142 -9.25 -27.97 39.35
CA PRO A 142 -8.41 -27.44 40.43
C PRO A 142 -6.92 -27.68 40.25
N HIS A 143 -6.53 -28.60 39.37
CA HIS A 143 -5.12 -28.94 39.21
C HIS A 143 -4.39 -28.02 38.23
N THR A 144 -5.10 -27.12 37.56
CA THR A 144 -4.47 -26.21 36.61
C THR A 144 -3.73 -25.11 37.34
N GLY A 145 -2.43 -24.97 37.04
CA GLY A 145 -1.59 -23.98 37.67
C GLY A 145 -0.95 -23.04 36.67
N ILE A 146 -0.20 -22.08 37.19
CA ILE A 146 0.53 -21.11 36.39
C ILE A 146 2.00 -21.19 36.75
N VAL A 147 2.85 -20.78 35.82
CA VAL A 147 4.30 -20.88 35.99
C VAL A 147 4.99 -19.94 35.02
N ASP A 148 6.29 -19.69 35.25
CA ASP A 148 7.13 -18.92 34.33
C ASP A 148 7.86 -19.92 33.44
N TRP A 149 7.27 -20.21 32.28
CA TRP A 149 7.87 -21.17 31.37
C TRP A 149 9.26 -20.73 30.89
N GLY A 150 9.49 -19.41 30.84
CA GLY A 150 10.81 -18.93 30.52
C GLY A 150 11.82 -19.28 31.61
N LEU A 151 11.40 -19.19 32.88
CA LEU A 151 12.27 -19.60 33.97
C LEU A 151 12.45 -21.11 34.00
N VAL A 152 11.41 -21.86 33.60
CA VAL A 152 11.53 -23.30 33.51
C VAL A 152 12.50 -23.70 32.41
N THR A 153 12.47 -22.98 31.29
CA THR A 153 13.36 -23.29 30.18
C THR A 153 14.83 -23.07 30.56
N GLU A 154 15.10 -22.00 31.32
CA GLU A 154 16.48 -21.75 31.76
C GLU A 154 16.97 -22.84 32.71
N HIS A 155 16.06 -23.46 33.46
CA HIS A 155 16.46 -24.56 34.33
C HIS A 155 16.78 -25.82 33.54
N TYR A 156 16.15 -26.00 32.37
CA TYR A 156 16.52 -27.11 31.50
C TYR A 156 17.96 -26.97 31.02
N GLY A 157 18.34 -25.75 30.60
CA GLY A 157 19.73 -25.51 30.23
C GLY A 157 20.67 -25.55 31.41
N GLN A 158 20.17 -25.22 32.60
CA GLN A 158 21.00 -25.34 33.80
C GLN A 158 21.35 -26.79 34.08
N ASP A 159 20.35 -27.69 34.01
CA ASP A 159 20.63 -29.11 34.14
C ASP A 159 21.42 -29.62 32.96
N PHE A 160 21.23 -29.03 31.76
CA PHE A 160 21.99 -29.45 30.59
C PHE A 160 23.47 -29.12 30.75
N LYS A 161 23.78 -27.94 31.30
CA LYS A 161 25.17 -27.58 31.56
C LYS A 161 25.74 -28.27 32.78
N GLN A 162 24.90 -28.71 33.72
CA GLN A 162 25.35 -29.42 34.90
C GLN A 162 25.74 -30.86 34.62
N CYS A 163 25.68 -31.30 33.36
CA CYS A 163 26.03 -32.67 32.99
C CYS A 163 27.05 -32.71 31.85
N GLY A 164 27.72 -31.58 31.58
CA GLY A 164 28.71 -31.52 30.53
C GLY A 164 28.26 -30.90 29.23
N GLY A 165 27.03 -30.39 29.16
CA GLY A 165 26.54 -29.80 27.93
C GLY A 165 26.95 -28.34 27.80
N ASP A 166 27.23 -27.93 26.56
CA ASP A 166 27.63 -26.56 26.26
C ASP A 166 26.49 -25.83 25.58
N ILE A 167 26.19 -24.62 26.04
CA ILE A 167 25.13 -23.79 25.48
C ILE A 167 25.79 -22.67 24.70
N TYR A 168 25.52 -22.60 23.40
CA TYR A 168 26.05 -21.56 22.53
C TYR A 168 24.98 -20.50 22.32
N LEU A 169 25.16 -19.36 22.97
CA LEU A 169 24.27 -18.22 22.80
C LEU A 169 24.82 -17.28 21.74
N ASP A 170 23.92 -16.46 21.16
CA ASP A 170 24.25 -15.56 20.08
C ASP A 170 24.83 -16.33 18.89
N PHE A 171 24.26 -17.48 18.59
CA PHE A 171 24.71 -18.37 17.53
C PHE A 171 23.57 -18.52 16.53
N ASN A 172 23.56 -17.66 15.52
CA ASN A 172 22.53 -17.68 14.48
C ASN A 172 22.97 -18.65 13.40
N VAL A 173 22.40 -19.85 13.40
CA VAL A 173 22.76 -20.87 12.42
C VAL A 173 22.39 -20.38 11.03
N SER A 174 23.38 -20.32 10.14
CA SER A 174 23.21 -19.74 8.82
C SER A 174 23.33 -20.74 7.69
N LYS A 175 24.26 -21.68 7.76
CA LYS A 175 24.48 -22.61 6.67
C LYS A 175 24.88 -23.97 7.23
N PHE A 176 24.57 -25.02 6.46
CA PHE A 176 24.97 -26.39 6.76
C PHE A 176 25.83 -26.91 5.63
N THR A 177 27.10 -27.20 5.92
CA THR A 177 28.04 -27.71 4.94
C THR A 177 28.72 -28.95 5.49
N GLU A 178 29.49 -29.61 4.63
CA GLU A 178 30.20 -30.84 4.97
C GLU A 178 31.69 -30.67 4.73
N THR A 179 32.49 -31.40 5.50
CA THR A 179 33.95 -31.33 5.37
C THR A 179 34.44 -32.24 4.26
N THR A 183 37.57 -37.07 8.76
CA THR A 183 36.19 -36.66 8.94
C THR A 183 35.72 -36.90 10.38
N ASP A 184 34.92 -37.96 10.56
CA ASP A 184 34.38 -38.37 11.85
C ASP A 184 33.38 -37.36 12.42
N TYR A 185 33.46 -36.11 11.96
CA TYR A 185 32.46 -35.09 12.24
C TYR A 185 32.07 -34.45 10.91
N PRO A 186 31.30 -35.16 10.09
CA PRO A 186 31.09 -34.70 8.71
C PRO A 186 30.33 -33.40 8.60
N VAL A 187 29.48 -33.07 9.57
CA VAL A 187 28.61 -31.90 9.50
C VAL A 187 29.19 -30.80 10.37
N THR A 188 29.48 -29.65 9.76
CA THR A 188 29.84 -28.44 10.50
C THR A 188 28.72 -27.42 10.34
N ILE A 189 28.58 -26.58 11.35
CA ILE A 189 27.46 -25.63 11.43
C ILE A 189 28.05 -24.22 11.50
N HIS A 190 27.66 -23.38 10.55
CA HIS A 190 28.18 -22.03 10.44
C HIS A 190 27.19 -21.03 11.04
N GLY A 191 27.73 -20.00 11.71
CA GLY A 191 26.93 -18.96 12.30
C GLY A 191 26.92 -17.69 11.47
N ALA A 192 26.23 -16.68 12.01
CA ALA A 192 26.16 -15.39 11.33
C ALA A 192 27.50 -14.66 11.39
N LYS A 193 28.20 -14.74 12.52
CA LYS A 193 29.49 -14.08 12.65
C LYS A 193 30.54 -14.84 11.85
N PRO A 194 31.50 -14.15 11.24
CA PRO A 194 32.53 -14.85 10.46
C PRO A 194 33.47 -15.63 11.36
N GLY A 195 33.76 -16.87 10.94
CA GLY A 195 34.63 -17.76 11.68
C GLY A 195 33.92 -18.65 12.69
N GLN A 196 32.71 -18.28 13.12
CA GLN A 196 31.98 -19.06 14.11
C GLN A 196 31.47 -20.35 13.47
N THR A 197 32.12 -21.47 13.79
CA THR A 197 31.76 -22.77 13.25
C THR A 197 31.80 -23.81 14.35
N VAL A 198 30.98 -24.86 14.19
CA VAL A 198 30.93 -25.98 15.12
C VAL A 198 30.71 -27.25 14.31
N ARG A 199 31.61 -28.22 14.47
CA ARG A 199 31.48 -29.51 13.80
C ARG A 199 30.79 -30.51 14.72
N THR A 200 30.03 -31.42 14.11
CA THR A 200 29.31 -32.42 14.88
C THR A 200 28.95 -33.59 13.97
N LYS A 201 28.53 -34.69 14.60
CA LYS A 201 28.15 -35.89 13.88
C LYS A 201 26.69 -35.88 13.47
N ASN A 202 25.80 -35.41 14.36
CA ASN A 202 24.37 -35.35 14.07
C ASN A 202 23.81 -34.05 14.58
N VAL A 203 22.74 -33.58 13.93
CA VAL A 203 22.11 -32.30 14.24
C VAL A 203 20.62 -32.51 14.46
N LEU A 204 20.08 -31.85 15.47
CA LEU A 204 18.65 -31.78 15.72
C LEU A 204 18.24 -30.31 15.79
N THR A 205 17.17 -29.95 15.09
CA THR A 205 16.73 -28.57 15.00
C THR A 205 15.33 -28.44 15.59
N CYS A 206 15.20 -27.56 16.58
CA CYS A 206 13.89 -27.16 17.11
C CYS A 206 13.74 -25.66 16.97
N GLY A 207 13.77 -25.17 15.73
CA GLY A 207 13.81 -23.74 15.47
C GLY A 207 12.53 -22.98 15.77
N GLY A 208 11.44 -23.69 16.10
CA GLY A 208 10.19 -23.03 16.40
C GLY A 208 9.63 -22.25 15.24
N LEU A 209 9.77 -20.93 15.26
CA LEU A 209 9.26 -20.08 14.20
C LEU A 209 10.05 -20.20 12.90
N GLN A 210 11.24 -20.81 12.93
CA GLN A 210 12.06 -21.00 11.75
C GLN A 210 12.36 -22.48 11.50
N SER A 211 11.44 -23.37 11.90
CA SER A 211 11.66 -24.79 11.69
C SER A 211 11.63 -25.14 10.19
N ASP A 212 10.82 -24.43 9.41
CA ASP A 212 10.77 -24.68 7.97
C ASP A 212 11.95 -24.05 7.24
N LEU A 213 12.47 -22.93 7.74
CA LEU A 213 13.62 -22.30 7.09
C LEU A 213 14.89 -23.09 7.35
N LEU A 214 15.05 -23.62 8.56
CA LEU A 214 16.21 -24.45 8.86
C LEU A 214 16.15 -25.78 8.11
N ALA A 215 14.96 -26.38 8.01
CA ALA A 215 14.82 -27.63 7.28
C ALA A 215 15.08 -27.44 5.80
N GLU A 216 14.87 -26.22 5.28
CA GLU A 216 15.12 -25.95 3.87
C GLU A 216 16.60 -25.87 3.55
N LYS A 217 17.45 -25.67 4.56
CA LYS A 217 18.89 -25.62 4.37
C LYS A 217 19.54 -26.99 4.31
N THR A 218 18.76 -28.07 4.41
CA THR A 218 19.26 -29.43 4.31
C THR A 218 18.75 -30.15 3.07
N GLY A 219 17.45 -30.04 2.77
CA GLY A 219 16.88 -30.69 1.61
C GLY A 219 15.42 -31.02 1.80
N CYS A 220 14.85 -30.57 2.92
CA CYS A 220 13.46 -30.84 3.24
C CYS A 220 12.54 -29.91 2.44
N PRO A 221 11.33 -30.36 2.11
CA PRO A 221 10.41 -29.53 1.33
C PRO A 221 9.95 -28.31 2.12
N ARG A 222 9.28 -27.40 1.40
CA ARG A 222 8.76 -26.20 2.04
C ARG A 222 7.60 -26.51 2.97
N ASP A 223 6.89 -27.61 2.72
CA ASP A 223 5.79 -27.98 3.61
C ASP A 223 6.27 -28.97 4.66
N PRO A 224 5.78 -28.87 5.91
CA PRO A 224 4.80 -27.87 6.35
C PRO A 224 5.42 -26.50 6.60
N ARG A 225 4.71 -25.45 6.20
CA ARG A 225 5.19 -24.08 6.37
C ARG A 225 4.78 -23.54 7.73
N ILE A 226 5.62 -22.67 8.28
CA ILE A 226 5.34 -22.02 9.55
C ILE A 226 4.64 -20.70 9.29
N VAL A 227 3.41 -20.58 9.78
CA VAL A 227 2.57 -19.40 9.57
C VAL A 227 2.46 -18.66 10.89
N PRO A 228 3.00 -17.45 11.01
CA PRO A 228 2.99 -16.75 12.31
C PRO A 228 1.62 -16.20 12.64
N PHE A 229 1.15 -16.50 13.85
CA PHE A 229 -0.12 -15.98 14.37
C PHE A 229 0.17 -15.23 15.66
N ARG A 230 0.04 -13.91 15.62
CA ARG A 230 0.34 -13.10 16.80
C ARG A 230 -0.71 -13.33 17.89
N GLY A 231 -0.23 -13.44 19.13
CA GLY A 231 -1.12 -13.59 20.26
C GLY A 231 -1.01 -12.43 21.22
N GLU A 232 -1.86 -11.43 21.06
CA GLU A 232 -1.78 -10.22 21.84
C GLU A 232 -2.49 -10.37 23.18
N TYR A 233 -1.94 -9.72 24.20
CA TYR A 233 -2.50 -9.76 25.54
C TYR A 233 -2.94 -8.37 25.97
N LEU A 234 -3.94 -8.33 26.86
CA LEU A 234 -4.44 -7.08 27.43
C LEU A 234 -4.19 -7.09 28.93
N LEU A 235 -3.71 -5.96 29.45
CA LEU A 235 -3.34 -5.84 30.85
C LEU A 235 -4.53 -5.27 31.62
N LEU A 236 -5.13 -6.11 32.47
CA LEU A 236 -6.17 -5.63 33.38
C LEU A 236 -5.54 -4.73 34.43
N THR A 237 -6.15 -3.57 34.67
CA THR A 237 -5.61 -2.62 35.62
C THR A 237 -5.53 -3.22 37.01
N LYS A 238 -4.57 -2.74 37.81
CA LYS A 238 -4.38 -3.24 39.16
C LYS A 238 -5.57 -2.94 40.08
N GLU A 239 -6.40 -1.95 39.71
CA GLU A 239 -7.55 -1.62 40.54
C GLU A 239 -8.66 -2.65 40.47
N LYS A 240 -8.62 -3.58 39.50
CA LYS A 240 -9.63 -4.61 39.36
C LYS A 240 -9.03 -5.99 39.15
N GLN A 241 -7.76 -6.19 39.52
CA GLN A 241 -7.16 -7.51 39.42
C GLN A 241 -7.74 -8.49 40.44
N HIS A 242 -8.46 -7.98 41.44
CA HIS A 242 -9.14 -8.83 42.41
C HIS A 242 -10.41 -9.47 41.86
N MET A 243 -10.89 -9.01 40.70
CA MET A 243 -12.09 -9.57 40.10
C MET A 243 -11.88 -10.93 39.47
N VAL A 244 -10.64 -11.35 39.26
CA VAL A 244 -10.31 -12.66 38.72
C VAL A 244 -9.39 -13.36 39.71
N LYS A 245 -9.82 -14.52 40.20
CA LYS A 245 -9.02 -15.30 41.14
C LYS A 245 -8.27 -16.45 40.49
N GLY A 246 -8.73 -16.93 39.35
CA GLY A 246 -8.06 -18.01 38.65
C GLY A 246 -8.15 -17.89 37.14
N ASN A 247 -8.04 -19.00 36.44
CA ASN A 247 -8.11 -19.02 34.98
C ASN A 247 -9.55 -19.15 34.53
N ILE A 248 -10.02 -18.19 33.75
CA ILE A 248 -11.36 -18.21 33.16
C ILE A 248 -11.18 -18.38 31.66
N TYR A 249 -11.52 -19.57 31.15
CA TYR A 249 -11.38 -19.88 29.74
C TYR A 249 -12.74 -19.97 29.05
N PRO A 250 -12.87 -19.42 27.85
CA PRO A 250 -14.09 -19.63 27.08
C PRO A 250 -14.05 -20.96 26.34
N VAL A 251 -15.25 -21.47 26.04
CA VAL A 251 -15.35 -22.70 25.26
C VAL A 251 -14.95 -22.36 23.83
N PRO A 252 -13.88 -22.96 23.30
CA PRO A 252 -13.41 -22.61 21.96
C PRO A 252 -14.05 -23.45 20.87
N ASP A 253 -13.90 -22.95 19.65
CA ASP A 253 -14.36 -23.70 18.49
C ASP A 253 -13.46 -24.92 18.32
N PRO A 254 -14.00 -26.15 18.37
CA PRO A 254 -13.15 -27.34 18.30
C PRO A 254 -12.44 -27.53 16.96
N ARG A 255 -12.76 -26.72 15.95
CA ARG A 255 -12.11 -26.86 14.66
C ARG A 255 -10.69 -26.29 14.67
N PHE A 256 -10.42 -25.33 15.56
CA PHE A 256 -9.11 -24.69 15.61
C PHE A 256 -8.41 -25.02 16.94
N PRO A 257 -7.08 -25.14 16.92
CA PRO A 257 -6.35 -25.39 18.17
C PRO A 257 -6.26 -24.19 19.08
N PHE A 258 -6.71 -23.04 18.61
CA PHE A 258 -6.67 -21.82 19.44
C PHE A 258 -7.69 -21.95 20.56
N LEU A 259 -7.26 -21.69 21.80
CA LEU A 259 -8.08 -21.86 23.02
C LEU A 259 -8.92 -20.63 23.30
N GLY A 260 -8.71 -19.53 22.59
CA GLY A 260 -9.52 -18.33 22.76
C GLY A 260 -8.96 -17.39 23.82
N VAL A 261 -9.42 -16.15 23.76
CA VAL A 261 -9.00 -15.13 24.72
C VAL A 261 -9.52 -15.51 26.10
N HIS A 262 -8.60 -15.74 27.04
CA HIS A 262 -8.93 -16.23 28.37
C HIS A 262 -8.36 -15.31 29.44
N PHE A 263 -9.05 -15.27 30.58
CA PHE A 263 -8.56 -14.54 31.75
C PHE A 263 -7.49 -15.38 32.43
N THR A 264 -6.29 -14.84 32.54
CA THR A 264 -5.19 -15.61 33.12
C THR A 264 -4.31 -14.74 34.00
N PRO A 265 -4.16 -15.09 35.28
CA PRO A 265 -3.25 -14.35 36.15
C PRO A 265 -1.80 -14.80 35.97
N ARG A 266 -0.91 -13.83 36.10
CA ARG A 266 0.52 -14.11 36.16
C ARG A 266 0.99 -14.05 37.61
N MET A 267 2.10 -14.74 37.89
CA MET A 267 2.55 -14.93 39.26
C MET A 267 3.00 -13.63 39.93
N ASP A 268 3.21 -12.56 39.17
CA ASP A 268 3.51 -11.27 39.77
C ASP A 268 2.24 -10.50 40.16
N GLY A 269 1.08 -11.15 40.10
CA GLY A 269 -0.18 -10.55 40.46
C GLY A 269 -0.99 -10.00 39.29
N SER A 270 -0.35 -9.79 38.14
CA SER A 270 -1.05 -9.20 37.01
C SER A 270 -2.08 -10.16 36.43
N ILE A 271 -3.14 -9.58 35.87
CA ILE A 271 -4.18 -10.32 35.18
C ILE A 271 -4.12 -9.95 33.70
N TRP A 272 -3.82 -10.93 32.86
CA TRP A 272 -3.73 -10.72 31.41
C TRP A 272 -4.94 -11.34 30.73
N LEU A 273 -5.48 -10.61 29.74
CA LEU A 273 -6.68 -11.01 29.02
C LEU A 273 -6.28 -11.35 27.59
N GLY A 274 -6.08 -12.63 27.33
CA GLY A 274 -5.69 -13.10 26.01
C GLY A 274 -5.18 -14.52 26.05
N PRO A 275 -4.49 -14.95 24.97
CA PRO A 275 -4.23 -14.14 23.79
C PRO A 275 -5.23 -14.36 22.66
N ASN A 276 -5.17 -13.53 21.63
CA ASN A 276 -6.00 -13.69 20.45
C ASN A 276 -5.20 -14.40 19.36
N ALA A 277 -5.75 -14.46 18.14
CA ALA A 277 -5.12 -15.13 17.01
C ALA A 277 -5.19 -14.21 15.80
N VAL A 278 -4.22 -13.32 15.67
CA VAL A 278 -4.13 -12.37 14.57
C VAL A 278 -2.99 -12.80 13.66
N LEU A 279 -3.23 -12.79 12.35
CA LEU A 279 -2.18 -13.12 11.39
C LEU A 279 -1.06 -12.09 11.48
N ALA A 280 0.17 -12.58 11.55
CA ALA A 280 1.33 -11.72 11.67
C ALA A 280 1.93 -11.43 10.31
N LEU A 281 2.28 -10.16 10.08
CA LEU A 281 2.94 -9.73 8.87
C LEU A 281 4.44 -10.00 8.89
N LYS A 282 4.90 -10.86 9.80
CA LYS A 282 6.32 -11.14 9.99
C LYS A 282 6.42 -12.37 10.89
N ARG A 283 7.46 -13.18 10.63
CA ARG A 283 7.66 -14.38 11.44
C ARG A 283 7.84 -14.04 12.91
N GLU A 284 8.61 -13.00 13.21
CA GLU A 284 8.80 -12.52 14.58
C GLU A 284 8.19 -11.13 14.75
N GLY A 285 7.03 -10.91 14.14
CA GLY A 285 6.33 -9.65 14.26
C GLY A 285 5.46 -9.59 15.51
N TYR A 286 6.05 -9.22 16.64
CA TYR A 286 5.30 -9.16 17.89
C TYR A 286 4.42 -7.93 18.00
N THR A 287 4.63 -6.93 17.14
CA THR A 287 3.84 -5.71 17.15
C THR A 287 3.00 -5.63 15.88
N TRP A 288 2.03 -4.72 15.90
CA TRP A 288 1.09 -4.59 14.78
C TRP A 288 1.80 -4.08 13.52
N GLY A 289 2.75 -3.17 13.68
CA GLY A 289 3.42 -2.54 12.55
C GLY A 289 4.59 -3.30 11.96
N ASP A 290 5.07 -4.35 12.62
CA ASP A 290 6.21 -5.10 12.12
C ASP A 290 5.84 -5.85 10.85
N ILE A 291 6.41 -5.46 9.72
CA ILE A 291 6.13 -6.06 8.43
C ILE A 291 7.46 -6.36 7.74
N ASN A 292 7.63 -7.60 7.31
CA ASN A 292 8.77 -8.02 6.49
C ASN A 292 8.23 -8.51 5.16
N LEU A 293 8.51 -7.76 4.09
CA LEU A 293 7.91 -8.08 2.79
C LEU A 293 8.34 -9.44 2.27
N PHE A 294 9.56 -9.88 2.62
CA PHE A 294 10.02 -11.19 2.17
C PHE A 294 9.20 -12.31 2.81
N GLU A 295 8.95 -12.21 4.12
CA GLU A 295 8.16 -13.20 4.82
C GLU A 295 6.65 -12.99 4.62
N LEU A 296 6.23 -11.76 4.31
CA LEU A 296 4.82 -11.53 4.02
C LEU A 296 4.44 -12.06 2.64
N PHE A 297 5.20 -11.67 1.62
CA PHE A 297 4.90 -12.09 0.25
C PHE A 297 5.24 -13.55 -0.01
N ASP A 298 5.70 -14.30 0.99
CA ASP A 298 5.90 -15.73 0.85
C ASP A 298 4.88 -16.55 1.61
N ALA A 299 4.39 -16.06 2.76
CA ALA A 299 3.28 -16.72 3.43
C ALA A 299 1.99 -16.62 2.63
N LEU A 300 1.88 -15.63 1.75
CA LEU A 300 0.72 -15.53 0.88
C LEU A 300 0.87 -16.41 -0.36
N ARG A 301 2.10 -16.59 -0.84
CA ARG A 301 2.35 -17.43 -1.99
C ARG A 301 2.36 -18.92 -1.64
N TYR A 302 2.11 -19.27 -0.39
CA TYR A 302 2.05 -20.68 0.01
C TYR A 302 0.71 -21.27 -0.42
N PRO A 303 0.71 -22.45 -1.04
CA PRO A 303 -0.56 -23.02 -1.51
C PRO A 303 -1.55 -23.31 -0.40
N GLY A 304 -1.09 -23.71 0.78
CA GLY A 304 -1.99 -23.99 1.87
C GLY A 304 -2.65 -22.74 2.44
N PHE A 305 -2.00 -21.59 2.31
CA PHE A 305 -2.56 -20.36 2.83
C PHE A 305 -3.80 -19.93 2.05
N VAL A 306 -3.79 -20.13 0.73
CA VAL A 306 -4.96 -19.80 -0.08
C VAL A 306 -6.10 -20.75 0.23
N LYS A 307 -5.80 -22.03 0.45
CA LYS A 307 -6.84 -23.00 0.74
C LYS A 307 -7.41 -22.80 2.14
N MET A 308 -6.57 -22.42 3.10
CA MET A 308 -7.07 -22.20 4.45
C MET A 308 -7.93 -20.95 4.53
N ALA A 309 -7.50 -19.87 3.86
CA ALA A 309 -8.28 -18.65 3.84
C ALA A 309 -9.59 -18.80 3.07
N SER A 310 -9.72 -19.85 2.25
CA SER A 310 -10.95 -20.06 1.49
C SER A 310 -12.12 -20.42 2.37
N LYS A 311 -11.88 -20.87 3.61
CA LYS A 311 -12.94 -21.33 4.49
C LYS A 311 -12.95 -20.67 5.86
N TYR A 312 -11.83 -20.10 6.33
CA TYR A 312 -11.75 -19.58 7.69
C TYR A 312 -11.27 -18.14 7.72
N ILE A 313 -11.46 -17.39 6.64
CA ILE A 313 -11.05 -15.99 6.66
C ILE A 313 -11.99 -15.16 7.52
N GLY A 314 -13.24 -15.60 7.67
CA GLY A 314 -14.18 -14.87 8.51
C GLY A 314 -13.78 -14.88 9.98
N PHE A 315 -13.27 -16.01 10.46
CA PHE A 315 -12.82 -16.09 11.84
C PHE A 315 -11.56 -15.28 12.08
N GLY A 316 -10.74 -15.11 11.04
CA GLY A 316 -9.52 -14.34 11.17
C GLY A 316 -9.75 -12.85 11.13
N LEU A 317 -10.62 -12.40 10.21
CA LEU A 317 -10.99 -10.99 10.18
C LEU A 317 -11.74 -10.58 11.44
N SER A 318 -12.46 -11.52 12.06
CA SER A 318 -13.08 -11.26 13.35
C SER A 318 -12.05 -10.91 14.41
N GLU A 319 -10.97 -11.71 14.47
CA GLU A 319 -9.90 -11.44 15.43
C GLU A 319 -9.20 -10.12 15.12
N MET A 320 -9.04 -9.80 13.83
CA MET A 320 -8.37 -8.55 13.46
C MET A 320 -9.23 -7.34 13.79
N SER A 321 -10.54 -7.44 13.55
CA SER A 321 -11.43 -6.31 13.84
C SER A 321 -11.47 -6.01 15.33
N LYS A 322 -11.47 -7.07 16.16
CA LYS A 322 -11.42 -6.86 17.61
C LYS A 322 -10.04 -6.41 18.06
N SER A 323 -9.01 -6.58 17.22
CA SER A 323 -7.69 -6.10 17.58
C SER A 323 -7.50 -4.62 17.26
N TRP A 324 -8.15 -4.14 16.19
CA TRP A 324 -8.08 -2.73 15.85
C TRP A 324 -8.93 -1.88 16.79
N PHE A 325 -10.14 -2.35 17.10
CA PHE A 325 -11.05 -1.68 18.03
C PHE A 325 -11.24 -2.59 19.24
N ILE A 326 -10.62 -2.23 20.36
CA ILE A 326 -10.68 -3.07 21.54
C ILE A 326 -12.06 -3.02 22.20
N ASN A 327 -12.86 -2.00 21.89
CA ASN A 327 -14.22 -1.95 22.40
C ASN A 327 -15.02 -3.18 21.99
N LEU A 328 -14.71 -3.76 20.83
CA LEU A 328 -15.34 -5.01 20.43
C LEU A 328 -14.84 -6.17 21.29
N GLN A 329 -13.56 -6.16 21.64
CA GLN A 329 -13.02 -7.21 22.51
C GLN A 329 -13.59 -7.14 23.91
N ILE A 330 -13.86 -5.92 24.40
CA ILE A 330 -14.43 -5.77 25.74
C ILE A 330 -15.86 -6.31 25.77
N LYS A 331 -16.64 -6.02 24.73
CA LYS A 331 -18.00 -6.54 24.67
C LYS A 331 -18.03 -8.06 24.69
N ALA A 332 -16.96 -8.70 24.21
CA ALA A 332 -16.87 -10.15 24.27
C ALA A 332 -16.48 -10.61 25.67
N LEU A 333 -15.56 -9.90 26.32
CA LEU A 333 -15.13 -10.28 27.67
C LEU A 333 -16.19 -9.96 28.72
N GLN A 334 -17.08 -9.01 28.44
CA GLN A 334 -18.14 -8.68 29.39
C GLN A 334 -19.18 -9.79 29.53
N LYS A 335 -19.20 -10.76 28.62
CA LYS A 335 -20.07 -11.91 28.75
C LYS A 335 -19.66 -12.81 29.92
N TYR A 336 -18.48 -12.59 30.49
CA TYR A 336 -18.00 -13.35 31.64
C TYR A 336 -17.89 -12.47 32.88
N ILE A 337 -17.10 -11.41 32.83
CA ILE A 337 -17.01 -10.43 33.90
C ILE A 337 -17.47 -9.09 33.36
N PRO A 338 -18.70 -8.67 33.66
CA PRO A 338 -19.25 -7.46 33.03
C PRO A 338 -18.70 -6.16 33.57
N ASP A 339 -18.13 -6.16 34.78
CA ASP A 339 -17.63 -4.93 35.38
C ASP A 339 -16.33 -4.42 34.74
N ILE A 340 -15.95 -4.93 33.57
CA ILE A 340 -14.72 -4.53 32.90
C ILE A 340 -15.09 -3.62 31.73
N THR A 341 -14.43 -2.48 31.63
CA THR A 341 -14.61 -1.54 30.54
C THR A 341 -13.26 -1.26 29.89
N GLU A 342 -13.30 -0.45 28.81
CA GLU A 342 -12.08 -0.14 28.08
C GLU A 342 -11.11 0.69 28.91
N TYR A 343 -11.61 1.44 29.89
CA TYR A 343 -10.74 2.20 30.78
C TYR A 343 -10.00 1.31 31.76
N ASP A 344 -10.40 0.05 31.91
CA ASP A 344 -9.79 -0.87 32.86
C ASP A 344 -8.77 -1.81 32.22
N ILE A 345 -8.33 -1.51 31.00
CA ILE A 345 -7.40 -2.37 30.29
C ILE A 345 -6.26 -1.53 29.73
N GLN A 346 -5.25 -2.21 29.19
CA GLN A 346 -4.11 -1.56 28.57
C GLN A 346 -3.43 -2.58 27.67
N ARG A 347 -2.92 -2.11 26.53
CA ARG A 347 -2.23 -3.00 25.60
C ARG A 347 -0.96 -3.54 26.24
N GLY A 348 -0.77 -4.85 26.16
CA GLY A 348 0.40 -5.49 26.72
C GLY A 348 1.27 -6.14 25.66
N PRO A 349 2.28 -6.90 26.10
CA PRO A 349 3.13 -7.61 25.14
C PRO A 349 2.39 -8.73 24.42
N ALA A 350 3.07 -9.43 23.52
CA ALA A 350 2.42 -10.46 22.73
C ALA A 350 3.39 -11.58 22.43
N GLY A 351 2.85 -12.71 21.96
CA GLY A 351 3.64 -13.80 21.46
C GLY A 351 3.20 -14.18 20.06
N VAL A 352 4.03 -14.99 19.40
CA VAL A 352 3.79 -15.42 18.03
C VAL A 352 3.83 -16.94 18.00
N ARG A 353 2.76 -17.56 17.50
CA ARG A 353 2.69 -19.01 17.41
C ARG A 353 3.39 -19.50 16.15
N ALA A 354 4.16 -20.58 16.31
CA ALA A 354 4.79 -21.24 15.16
C ALA A 354 3.83 -22.31 14.63
N GLN A 355 2.75 -21.84 14.02
CA GLN A 355 1.68 -22.71 13.55
C GLN A 355 2.09 -23.32 12.21
N ALA A 356 2.32 -24.63 12.20
CA ALA A 356 2.64 -25.32 10.97
C ALA A 356 1.39 -25.59 10.15
N MET A 357 1.54 -25.59 8.83
CA MET A 357 0.42 -25.76 7.91
C MET A 357 0.86 -26.58 6.72
N ASP A 358 0.02 -27.55 6.33
CA ASP A 358 0.31 -28.36 5.16
C ASP A 358 -0.18 -27.67 3.89
N LEU A 359 0.02 -28.32 2.75
CA LEU A 359 -0.35 -27.73 1.47
C LEU A 359 -1.86 -27.68 1.27
N ASP A 360 -2.62 -28.48 2.00
CA ASP A 360 -4.07 -28.47 1.89
C ASP A 360 -4.74 -27.41 2.76
N GLY A 361 -3.98 -26.72 3.61
CA GLY A 361 -4.51 -25.67 4.44
C GLY A 361 -4.82 -26.04 5.87
N ASN A 362 -4.60 -27.31 6.25
CA ASN A 362 -4.91 -27.75 7.60
C ASN A 362 -3.77 -27.42 8.55
N LEU A 363 -4.12 -27.08 9.79
CA LEU A 363 -3.15 -26.78 10.83
C LEU A 363 -2.77 -28.09 11.51
N VAL A 364 -1.57 -28.59 11.21
CA VAL A 364 -1.12 -29.85 11.78
C VAL A 364 -0.66 -29.63 13.22
N ASP A 365 -1.09 -30.52 14.10
CA ASP A 365 -0.78 -30.40 15.53
C ASP A 365 -0.14 -31.68 16.06
N ASP A 366 0.65 -32.36 15.23
CA ASP A 366 1.32 -33.59 15.61
C ASP A 366 2.82 -33.45 15.40
N PHE A 367 3.56 -34.47 15.83
CA PHE A 367 5.00 -34.51 15.60
C PHE A 367 5.29 -34.57 14.11
N VAL A 368 6.17 -33.68 13.64
CA VAL A 368 6.57 -33.63 12.23
C VAL A 368 8.09 -33.64 12.21
N PHE A 369 8.67 -34.81 11.94
CA PHE A 369 10.11 -34.94 11.77
C PHE A 369 10.42 -35.07 10.28
N ASP A 370 11.48 -34.37 9.84
CA ASP A 370 11.82 -34.33 8.43
C ASP A 370 13.33 -34.23 8.28
N ARG A 371 13.87 -34.99 7.33
CA ARG A 371 15.28 -34.98 7.01
C ARG A 371 15.45 -34.77 5.51
N GLY A 372 16.70 -34.57 5.09
CA GLY A 372 16.98 -34.35 3.69
C GLY A 372 16.75 -35.59 2.84
N GLN A 373 16.80 -35.39 1.53
CA GLN A 373 16.60 -36.46 0.57
C GLN A 373 17.95 -37.02 0.12
N GLY A 374 18.02 -38.33 -0.03
CA GLY A 374 19.24 -38.99 -0.46
C GLY A 374 20.01 -39.59 0.70
N SER A 375 21.13 -40.23 0.35
CA SER A 375 22.01 -40.86 1.32
C SER A 375 23.26 -40.03 1.59
N GLY A 376 23.17 -38.71 1.43
CA GLY A 376 24.30 -37.83 1.65
C GLY A 376 24.59 -37.62 3.12
N ALA A 377 25.50 -36.68 3.38
CA ALA A 377 25.90 -36.39 4.75
C ALA A 377 24.85 -35.54 5.46
N LEU A 378 24.47 -34.41 4.86
CA LEU A 378 23.49 -33.53 5.50
C LEU A 378 22.10 -34.15 5.53
N ALA A 379 21.80 -35.02 4.57
CA ALA A 379 20.45 -35.57 4.46
C ALA A 379 20.18 -36.65 5.51
N LYS A 380 21.22 -37.32 6.00
CA LYS A 380 21.06 -38.42 6.93
C LYS A 380 21.51 -38.09 8.35
N ARG A 381 22.12 -36.93 8.58
CA ARG A 381 22.65 -36.59 9.89
C ARG A 381 21.98 -35.36 10.51
N VAL A 382 21.07 -34.70 9.81
CA VAL A 382 20.40 -33.51 10.31
C VAL A 382 18.90 -33.77 10.24
N LEU A 383 18.29 -33.98 11.41
CA LEU A 383 16.85 -34.22 11.51
C LEU A 383 16.18 -32.96 12.03
N HIS A 384 15.07 -32.57 11.40
CA HIS A 384 14.35 -31.36 11.74
C HIS A 384 13.00 -31.71 12.35
N CYS A 385 12.77 -31.25 13.57
CA CYS A 385 11.45 -31.34 14.21
C CYS A 385 10.68 -30.08 13.83
N ARG A 386 9.83 -30.19 12.82
CA ARG A 386 9.16 -29.03 12.25
C ARG A 386 7.82 -28.73 12.92
N ASN A 387 7.34 -29.59 13.81
CA ASN A 387 6.12 -29.32 14.55
C ASN A 387 6.03 -30.26 15.74
N ALA A 388 5.57 -29.73 16.88
CA ALA A 388 5.37 -30.50 18.09
C ALA A 388 3.92 -30.37 18.55
N PRO A 389 3.36 -31.39 19.19
CA PRO A 389 1.97 -31.32 19.62
C PRO A 389 1.76 -30.25 20.67
N SER A 390 0.55 -29.69 20.68
CA SER A 390 0.22 -28.62 21.61
C SER A 390 -0.28 -29.21 22.92
N PRO A 391 0.09 -28.61 24.07
CA PRO A 391 0.98 -27.45 24.18
C PRO A 391 2.43 -27.84 24.46
N GLY A 392 3.36 -27.22 23.73
CA GLY A 392 4.76 -27.59 23.88
C GLY A 392 5.34 -27.26 25.23
N ALA A 393 4.80 -26.25 25.91
CA ALA A 393 5.35 -25.83 27.20
C ALA A 393 5.01 -26.85 28.29
N THR A 394 3.73 -27.18 28.42
CA THR A 394 3.32 -28.13 29.47
C THR A 394 3.85 -29.52 29.18
N SER A 395 3.80 -29.96 27.93
CA SER A 395 4.23 -31.30 27.54
C SER A 395 5.75 -31.38 27.32
N SER A 396 6.51 -30.41 27.81
CA SER A 396 7.94 -30.33 27.48
C SER A 396 8.68 -31.59 27.91
N LEU A 397 8.48 -32.04 29.15
CA LEU A 397 9.17 -33.23 29.62
C LEU A 397 8.71 -34.47 28.86
N ALA A 398 7.43 -34.52 28.50
CA ALA A 398 6.94 -35.66 27.74
C ALA A 398 7.38 -35.58 26.28
N ILE A 399 7.40 -34.37 25.71
CA ILE A 399 7.89 -34.20 24.34
C ILE A 399 9.38 -34.54 24.27
N ALA A 400 10.14 -34.18 25.30
CA ALA A 400 11.58 -34.45 25.30
C ALA A 400 11.85 -35.95 25.23
N LYS A 401 11.09 -36.75 25.98
CA LYS A 401 11.29 -38.20 25.93
C LYS A 401 10.92 -38.76 24.56
N MET A 402 9.87 -38.23 23.94
CA MET A 402 9.50 -38.66 22.59
C MET A 402 10.58 -38.29 21.59
N ILE A 403 11.08 -37.06 21.67
CA ILE A 403 12.13 -36.62 20.76
C ILE A 403 13.42 -37.42 21.00
N ALA A 404 13.73 -37.71 22.27
CA ALA A 404 14.91 -38.49 22.57
C ALA A 404 14.82 -39.88 21.96
N ASP A 405 13.65 -40.51 22.02
CA ASP A 405 13.48 -41.80 21.38
C ASP A 405 13.57 -41.69 19.86
N LYS A 406 13.04 -40.61 19.29
CA LYS A 406 13.14 -40.40 17.85
C LYS A 406 14.59 -40.19 17.42
N ILE A 407 15.38 -39.51 18.24
CA ILE A 407 16.78 -39.29 17.90
C ILE A 407 17.60 -40.55 18.11
N GLU A 408 17.26 -41.35 19.13
CA GLU A 408 17.99 -42.59 19.37
C GLU A 408 17.85 -43.57 18.21
N ASN A 409 16.75 -43.49 17.46
CA ASN A 409 16.55 -44.35 16.30
C ASN A 409 17.14 -43.75 15.04
N GLU A 410 16.91 -42.46 14.81
CA GLU A 410 17.36 -41.83 13.58
C GLU A 410 18.88 -41.78 13.47
N PHE A 411 19.57 -41.75 14.61
CA PHE A 411 21.02 -41.60 14.62
C PHE A 411 21.75 -42.77 15.30
N SER A 412 21.04 -43.69 15.94
CA SER A 412 21.63 -44.86 16.57
C SER A 412 22.69 -44.47 17.59
N ILE A 413 22.25 -44.01 18.77
CA ILE A 413 23.17 -43.60 19.82
C ILE A 413 23.29 -44.71 20.87
N GLY B 1 -28.95 29.14 -22.67
CA GLY B 1 -30.26 29.71 -22.43
C GLY B 1 -30.50 30.10 -20.98
N ASP B 2 -31.57 30.85 -20.75
CA ASP B 2 -31.95 31.30 -19.42
C ASP B 2 -33.20 30.56 -18.96
N TYR B 3 -33.24 30.19 -17.68
CA TYR B 3 -34.32 29.40 -17.12
C TYR B 3 -34.76 29.99 -15.79
N ASP B 4 -35.90 29.51 -15.30
CA ASP B 4 -36.39 29.86 -13.97
C ASP B 4 -35.80 28.94 -12.91
N LEU B 5 -36.00 27.64 -13.06
CA LEU B 5 -35.47 26.63 -12.16
C LEU B 5 -34.57 25.67 -12.92
N VAL B 6 -33.52 25.20 -12.25
CA VAL B 6 -32.60 24.23 -12.83
C VAL B 6 -32.42 23.09 -11.82
N VAL B 7 -32.58 21.86 -12.30
CA VAL B 7 -32.42 20.66 -11.49
C VAL B 7 -31.15 19.96 -11.95
N VAL B 8 -30.20 19.80 -11.04
CA VAL B 8 -28.93 19.16 -11.33
C VAL B 8 -29.06 17.71 -10.89
N GLY B 9 -29.24 16.81 -11.86
CA GLY B 9 -29.38 15.40 -11.56
C GLY B 9 -30.28 14.67 -12.54
N GLY B 10 -29.72 13.74 -13.31
CA GLY B 10 -30.49 12.99 -14.27
C GLY B 10 -31.00 11.66 -13.74
N GLY B 11 -30.99 11.50 -12.42
CA GLY B 11 -31.47 10.31 -11.79
C GLY B 11 -32.99 10.28 -11.69
N ILE B 12 -33.50 9.23 -11.05
CA ILE B 12 -34.94 9.09 -10.90
C ILE B 12 -35.50 10.10 -9.93
N VAL B 13 -34.66 10.68 -9.07
CA VAL B 13 -35.15 11.69 -8.13
C VAL B 13 -35.16 13.07 -8.77
N GLY B 14 -34.10 13.38 -9.52
CA GLY B 14 -34.05 14.68 -10.19
C GLY B 14 -35.05 14.81 -11.32
N ALA B 15 -35.27 13.73 -12.07
CA ALA B 15 -36.21 13.76 -13.17
C ALA B 15 -37.65 13.85 -12.66
N ALA B 16 -37.99 13.02 -11.67
CA ALA B 16 -39.34 13.05 -11.12
C ALA B 16 -39.64 14.37 -10.44
N SER B 17 -38.64 14.95 -9.77
CA SER B 17 -38.82 16.27 -9.15
C SER B 17 -38.97 17.34 -10.22
N ALA B 18 -38.20 17.24 -11.31
CA ALA B 18 -38.37 18.18 -12.41
C ALA B 18 -39.68 17.95 -13.16
N ARG B 19 -40.15 16.70 -13.19
CA ARG B 19 -41.43 16.41 -13.84
C ARG B 19 -42.60 16.92 -13.00
N GLU B 20 -42.48 16.83 -11.67
CA GLU B 20 -43.58 17.26 -10.81
C GLU B 20 -43.71 18.78 -10.82
N ILE B 21 -42.59 19.50 -10.91
CA ILE B 21 -42.64 20.95 -10.74
C ILE B 21 -43.21 21.61 -11.99
N VAL B 22 -43.06 20.98 -13.16
CA VAL B 22 -43.63 21.54 -14.39
C VAL B 22 -45.09 21.13 -14.59
N LEU B 23 -45.53 20.02 -14.01
CA LEU B 23 -46.94 19.67 -14.07
C LEU B 23 -47.76 20.59 -13.17
N ARG B 24 -47.20 20.98 -12.03
CA ARG B 24 -47.90 21.92 -11.15
C ARG B 24 -47.86 23.34 -11.70
N HIS B 25 -46.78 23.70 -12.41
CA HIS B 25 -46.59 25.04 -12.94
C HIS B 25 -46.13 24.92 -14.39
N PRO B 26 -47.04 24.78 -15.34
CA PRO B 26 -46.65 24.70 -16.75
C PRO B 26 -46.04 26.00 -17.29
N SER B 27 -46.13 27.09 -16.54
CA SER B 27 -45.55 28.36 -16.94
C SER B 27 -44.08 28.49 -16.55
N LEU B 28 -43.49 27.46 -15.97
CA LEU B 28 -42.09 27.51 -15.55
C LEU B 28 -41.16 27.12 -16.69
N LYS B 29 -39.98 27.74 -16.71
CA LYS B 29 -38.91 27.38 -17.64
C LYS B 29 -37.86 26.62 -16.84
N VAL B 30 -37.99 25.29 -16.82
CA VAL B 30 -37.16 24.43 -16.00
C VAL B 30 -36.25 23.62 -16.91
N ALA B 31 -34.97 23.54 -16.55
CA ALA B 31 -33.99 22.75 -17.28
C ALA B 31 -33.38 21.71 -16.34
N VAL B 32 -32.79 20.68 -16.94
CA VAL B 32 -32.15 19.59 -16.22
C VAL B 32 -30.72 19.44 -16.74
N LEU B 33 -29.76 19.40 -15.83
CA LEU B 33 -28.34 19.26 -16.17
C LEU B 33 -27.85 17.91 -15.66
N GLU B 34 -27.37 17.07 -16.57
CA GLU B 34 -26.84 15.75 -16.23
C GLU B 34 -25.44 15.63 -16.81
N LYS B 35 -24.48 15.19 -15.98
CA LYS B 35 -23.10 15.08 -16.44
C LYS B 35 -22.85 13.88 -17.33
N GLU B 36 -23.72 12.86 -17.28
CA GLU B 36 -23.55 11.67 -18.10
C GLU B 36 -24.24 11.88 -19.46
N CYS B 37 -24.26 10.83 -20.29
CA CYS B 37 -24.86 10.88 -21.61
C CYS B 37 -26.30 10.37 -21.65
N LYS B 38 -26.81 9.84 -20.55
CA LYS B 38 -28.17 9.34 -20.50
C LYS B 38 -28.68 9.39 -19.06
N LEU B 39 -29.99 9.57 -18.92
CA LEU B 39 -30.60 9.54 -17.60
C LEU B 39 -30.51 8.13 -17.01
N ALA B 40 -30.44 8.07 -15.68
CA ALA B 40 -30.33 6.81 -14.94
C ALA B 40 -29.09 6.02 -15.40
N LYS B 41 -27.94 6.69 -15.29
CA LYS B 41 -26.67 6.08 -15.63
C LYS B 41 -25.89 5.61 -14.40
N HIS B 42 -26.45 5.80 -13.20
CA HIS B 42 -25.78 5.39 -11.98
C HIS B 42 -26.70 4.58 -11.08
N GLN B 43 -27.16 5.19 -9.98
CA GLN B 43 -28.00 4.47 -9.03
C GLN B 43 -29.31 4.03 -9.68
N SER B 44 -29.97 4.94 -10.38
CA SER B 44 -31.23 4.61 -11.04
C SER B 44 -31.05 3.68 -12.24
N GLY B 45 -29.81 3.40 -12.63
CA GLY B 45 -29.57 2.49 -13.74
C GLY B 45 -28.75 1.29 -13.35
N HIS B 46 -28.53 1.10 -12.05
CA HIS B 46 -27.81 -0.05 -11.51
C HIS B 46 -28.44 -0.43 -10.17
N ASN B 47 -29.69 -0.91 -10.24
CA ASN B 47 -30.46 -1.26 -9.06
C ASN B 47 -31.01 -2.67 -9.22
N SER B 48 -31.60 -3.17 -8.13
CA SER B 48 -32.23 -4.49 -8.16
C SER B 48 -33.50 -4.47 -9.00
N GLY B 49 -34.16 -3.32 -9.10
CA GLY B 49 -35.33 -3.15 -9.94
C GLY B 49 -36.63 -3.65 -9.36
N VAL B 50 -36.64 -3.97 -8.06
CA VAL B 50 -37.91 -4.42 -7.42
C VAL B 50 -38.64 -3.22 -6.85
N ILE B 51 -39.96 -3.21 -7.00
CA ILE B 51 -40.86 -2.15 -6.51
C ILE B 51 -41.31 -2.58 -5.13
N HIS B 52 -40.88 -1.87 -4.11
CA HIS B 52 -41.14 -2.26 -2.71
C HIS B 52 -42.55 -1.90 -2.28
N ALA B 53 -43.09 -2.59 -1.26
CA ALA B 53 -44.42 -2.31 -0.71
C ALA B 53 -44.33 -1.79 0.73
N GLY B 54 -43.15 -1.40 1.18
CA GLY B 54 -42.94 -0.83 2.53
C GLY B 54 -43.25 -1.75 3.66
N ILE B 55 -42.66 -2.94 3.67
CA ILE B 55 -42.90 -3.94 4.75
C ILE B 55 -41.85 -3.85 5.85
N TYR B 56 -40.86 -2.95 5.80
CA TYR B 56 -39.79 -3.06 6.82
C TYR B 56 -39.70 -1.87 7.74
N TYR B 57 -40.27 -0.78 7.27
CA TYR B 57 -40.25 0.52 7.92
C TYR B 57 -41.40 0.69 8.90
N PRO B 59 -43.65 2.01 11.23
CA PRO B 59 -44.92 2.70 11.01
C PRO B 59 -44.97 4.06 11.71
N GLY B 60 -45.74 5.00 11.15
CA GLY B 60 -45.83 6.33 11.69
C GLY B 60 -44.79 7.31 11.19
N THR B 61 -43.77 6.83 10.48
CA THR B 61 -42.73 7.69 9.95
C THR B 61 -43.11 8.15 8.54
N LEU B 62 -42.18 8.89 7.91
CA LEU B 62 -42.41 9.37 6.55
C LEU B 62 -41.99 8.38 5.48
N LYS B 63 -40.94 7.59 5.75
CA LYS B 63 -40.47 6.62 4.76
C LYS B 63 -41.51 5.53 4.52
N ALA B 64 -42.18 5.10 5.58
CA ALA B 64 -43.21 4.07 5.42
C ALA B 64 -44.42 4.59 4.67
N ARG B 65 -44.65 5.91 4.70
CA ARG B 65 -45.78 6.48 3.97
C ARG B 65 -45.43 6.76 2.52
N LEU B 66 -44.22 7.26 2.26
CA LEU B 66 -43.81 7.58 0.90
C LEU B 66 -43.66 6.33 0.04
N CYS B 67 -43.22 5.22 0.64
CA CYS B 67 -42.99 4.01 -0.14
C CYS B 67 -44.31 3.39 -0.60
N VAL B 68 -45.26 3.23 0.34
CA VAL B 68 -46.55 2.63 -0.02
C VAL B 68 -47.32 3.55 -0.96
N GLU B 69 -47.30 4.85 -0.69
CA GLU B 69 -47.95 5.80 -1.60
C GLU B 69 -47.21 5.86 -2.94
N GLY B 70 -45.88 5.81 -2.90
CA GLY B 70 -45.12 5.77 -4.13
C GLY B 70 -45.29 4.48 -4.91
N MET B 71 -45.51 3.36 -4.20
CA MET B 71 -45.76 2.10 -4.87
C MET B 71 -47.09 2.13 -5.61
N HIS B 72 -48.11 2.76 -5.01
CA HIS B 72 -49.39 2.89 -5.69
C HIS B 72 -49.28 3.85 -6.87
N LEU B 73 -48.58 4.96 -6.70
CA LEU B 73 -48.40 5.91 -7.80
C LEU B 73 -47.55 5.32 -8.92
N ALA B 74 -46.63 4.41 -8.59
CA ALA B 74 -45.79 3.82 -9.61
C ALA B 74 -46.59 2.89 -10.52
N TYR B 75 -47.38 1.98 -9.94
CA TYR B 75 -48.20 1.09 -10.75
C TYR B 75 -49.20 1.85 -11.59
N ALA B 76 -49.69 2.99 -11.09
CA ALA B 76 -50.58 3.83 -11.89
C ALA B 76 -49.83 4.47 -13.04
N TYR B 77 -48.58 4.90 -12.80
CA TYR B 77 -47.79 5.50 -13.87
C TYR B 77 -47.35 4.45 -14.88
N LEU B 78 -47.05 3.23 -14.42
CA LEU B 78 -46.64 2.17 -15.33
C LEU B 78 -47.78 1.76 -16.25
N ASP B 79 -49.02 1.73 -15.73
CA ASP B 79 -50.16 1.39 -16.57
C ASP B 79 -50.57 2.54 -17.48
N GLU B 80 -50.39 3.79 -17.03
CA GLU B 80 -50.77 4.93 -17.87
C GLU B 80 -49.82 5.07 -19.06
N LYS B 81 -48.53 4.86 -18.83
CA LYS B 81 -47.53 4.95 -19.89
C LYS B 81 -47.29 3.62 -20.59
N LYS B 82 -47.90 2.53 -20.12
CA LYS B 82 -47.79 1.21 -20.70
C LYS B 82 -46.33 0.75 -20.75
N ILE B 83 -45.78 0.56 -19.57
CA ILE B 83 -44.42 0.06 -19.38
C ILE B 83 -44.51 -1.32 -18.75
N PRO B 84 -43.80 -2.32 -19.29
CA PRO B 84 -43.94 -3.68 -18.76
C PRO B 84 -43.48 -3.78 -17.31
N TYR B 85 -44.20 -4.58 -16.54
CA TYR B 85 -43.85 -4.88 -15.16
C TYR B 85 -44.50 -6.20 -14.76
N LYS B 86 -43.85 -6.91 -13.85
CA LYS B 86 -44.32 -8.22 -13.41
C LYS B 86 -44.46 -8.22 -11.89
N LYS B 87 -45.63 -8.63 -11.40
CA LYS B 87 -45.88 -8.73 -9.96
C LYS B 87 -45.32 -10.06 -9.47
N THR B 88 -44.01 -10.08 -9.26
CA THR B 88 -43.33 -11.31 -8.86
C THR B 88 -43.73 -11.73 -7.45
N GLY B 89 -43.91 -10.76 -6.55
CA GLY B 89 -44.21 -11.08 -5.16
C GLY B 89 -42.95 -11.31 -4.36
N LYS B 90 -42.95 -10.84 -3.11
CA LYS B 90 -41.80 -10.98 -2.23
C LYS B 90 -42.06 -12.08 -1.21
N LEU B 91 -41.01 -12.85 -0.90
CA LEU B 91 -41.09 -13.94 0.08
C LEU B 91 -39.93 -13.77 1.05
N ILE B 92 -40.21 -13.17 2.21
CA ILE B 92 -39.20 -12.95 3.24
C ILE B 92 -39.18 -14.19 4.12
N VAL B 93 -38.15 -15.00 3.98
CA VAL B 93 -38.05 -16.30 4.65
C VAL B 93 -37.12 -16.20 5.84
N ALA B 94 -37.50 -16.85 6.94
CA ALA B 94 -36.67 -16.96 8.12
C ALA B 94 -36.08 -18.37 8.21
N THR B 95 -34.89 -18.46 8.81
CA THR B 95 -34.16 -19.72 8.89
C THR B 95 -33.96 -20.20 10.32
N ASP B 96 -33.36 -19.39 11.18
CA ASP B 96 -33.11 -19.78 12.56
C ASP B 96 -34.32 -19.44 13.43
N GLU B 97 -34.19 -19.63 14.75
CA GLU B 97 -35.28 -19.30 15.65
C GLU B 97 -35.30 -17.81 16.00
N LYS B 98 -34.14 -17.16 16.01
CA LYS B 98 -34.10 -15.72 16.26
C LYS B 98 -34.65 -14.93 15.09
N GLU B 99 -34.50 -15.45 13.86
CA GLU B 99 -35.10 -14.81 12.70
C GLU B 99 -36.61 -14.93 12.69
N VAL B 100 -37.17 -15.94 13.36
CA VAL B 100 -38.61 -16.03 13.49
C VAL B 100 -39.14 -14.89 14.34
N LYS B 101 -38.42 -14.55 15.41
CA LYS B 101 -38.84 -13.43 16.25
C LYS B 101 -38.76 -12.11 15.51
N LEU B 102 -37.70 -11.91 14.71
CA LEU B 102 -37.58 -10.68 13.94
C LEU B 102 -38.63 -10.62 12.82
N LEU B 103 -38.99 -11.78 12.25
CA LEU B 103 -40.02 -11.79 11.21
C LEU B 103 -41.40 -11.49 11.79
N LYS B 104 -41.63 -11.82 13.05
CA LYS B 104 -42.91 -11.56 13.69
C LYS B 104 -43.02 -10.09 14.12
N LEU B 106 -41.32 -7.90 11.90
CA LEU B 106 -41.47 -7.33 10.57
C LEU B 106 -42.90 -7.52 10.06
N GLU B 107 -43.59 -8.52 10.59
CA GLU B 107 -44.97 -8.78 10.17
C GLU B 107 -45.94 -7.75 10.76
N LYS B 108 -45.71 -7.33 12.01
CA LYS B 108 -46.59 -6.35 12.63
C LYS B 108 -46.38 -4.96 12.03
N ARG B 109 -45.12 -4.62 11.70
CA ARG B 109 -44.85 -3.32 11.09
C ARG B 109 -45.41 -3.23 9.68
N GLY B 110 -45.45 -4.35 8.96
CA GLY B 110 -46.02 -4.34 7.62
C GLY B 110 -47.53 -4.27 7.61
N ILE B 111 -48.18 -4.85 8.63
CA ILE B 111 -49.64 -4.79 8.70
C ILE B 111 -50.09 -3.38 9.07
N ALA B 112 -49.31 -2.67 9.90
CA ALA B 112 -49.67 -1.30 10.26
C ALA B 112 -49.50 -0.36 9.06
N ASN B 113 -48.48 -0.58 8.24
CA ASN B 113 -48.27 0.21 7.05
C ASN B 113 -49.25 -0.13 5.93
N ASN B 114 -50.17 -1.07 6.15
CA ASN B 114 -51.21 -1.41 5.20
C ASN B 114 -50.63 -1.91 3.88
N VAL B 115 -49.63 -2.76 3.96
CA VAL B 115 -49.14 -3.49 2.78
C VAL B 115 -50.24 -4.47 2.39
N PRO B 116 -50.91 -4.27 1.26
CA PRO B 116 -52.11 -5.05 0.96
C PRO B 116 -51.78 -6.51 0.70
N ASP B 117 -52.65 -7.40 1.21
CA ASP B 117 -52.52 -8.84 1.05
C ASP B 117 -51.23 -9.35 1.70
N LEU B 118 -50.97 -8.89 2.91
CA LEU B 118 -49.81 -9.35 3.68
C LEU B 118 -50.24 -10.48 4.59
N ARG B 119 -49.59 -11.64 4.44
CA ARG B 119 -49.93 -12.83 5.21
C ARG B 119 -48.67 -13.46 5.79
N MET B 120 -48.77 -13.93 7.03
CA MET B 120 -47.66 -14.60 7.69
C MET B 120 -47.65 -16.07 7.32
N ILE B 121 -46.55 -16.53 6.74
CA ILE B 121 -46.45 -17.90 6.26
C ILE B 121 -45.44 -18.68 7.09
N SER B 124 -41.94 -22.50 8.16
CA SER B 124 -42.68 -21.96 7.04
C SER B 124 -44.02 -22.69 6.89
N GLU B 125 -44.33 -23.09 5.65
CA GLU B 125 -45.58 -23.81 5.40
C GLU B 125 -45.41 -24.79 4.25
N ILE B 126 -45.35 -24.29 3.02
CA ILE B 126 -45.23 -25.14 1.84
C ILE B 126 -44.46 -24.42 0.75
N GLN B 127 -44.28 -25.09 -0.39
CA GLN B 127 -43.58 -24.53 -1.54
C GLN B 127 -44.55 -24.17 -2.66
N GLU B 128 -45.76 -23.72 -2.32
CA GLU B 128 -46.77 -23.38 -3.30
C GLU B 128 -46.36 -22.16 -4.13
N GLU B 130 -42.65 -20.47 -4.15
CA GLU B 130 -41.28 -20.88 -4.44
C GLU B 130 -41.09 -22.37 -4.22
N PRO B 131 -41.02 -23.13 -5.31
CA PRO B 131 -40.93 -24.60 -5.16
C PRO B 131 -39.64 -25.06 -4.51
N TYR B 132 -38.51 -24.43 -4.84
CA TYR B 132 -37.20 -24.90 -4.39
C TYR B 132 -36.73 -24.21 -3.11
N CYS B 133 -37.53 -23.32 -2.53
CA CYS B 133 -37.11 -22.59 -1.33
C CYS B 133 -37.53 -23.34 -0.08
N GLN B 134 -36.66 -23.30 0.94
CA GLN B 134 -36.93 -23.95 2.21
C GLN B 134 -36.91 -22.93 3.34
N GLY B 135 -36.58 -23.37 4.56
CA GLY B 135 -36.53 -22.51 5.71
C GLY B 135 -37.76 -22.62 6.58
N VAL B 136 -37.64 -22.07 7.79
CA VAL B 136 -38.74 -22.11 8.74
C VAL B 136 -39.38 -20.73 8.88
N ALA B 138 -42.20 -17.52 7.35
CA ALA B 138 -42.04 -16.70 6.15
C ALA B 138 -43.16 -15.66 6.05
N LEU B 139 -42.97 -14.70 5.13
CA LEU B 139 -43.96 -13.67 4.87
C LEU B 139 -44.09 -13.52 3.36
N HIS B 140 -45.32 -13.49 2.87
CA HIS B 140 -45.60 -13.30 1.45
C HIS B 140 -46.37 -12.00 1.26
N SER B 141 -45.96 -11.20 0.29
CA SER B 141 -46.68 -10.00 -0.12
C SER B 141 -46.70 -9.97 -1.64
N PRO B 142 -47.79 -10.41 -2.27
CA PRO B 142 -47.80 -10.58 -3.73
C PRO B 142 -47.84 -9.29 -4.52
N HIS B 143 -47.87 -8.12 -3.86
CA HIS B 143 -47.91 -6.85 -4.57
C HIS B 143 -46.52 -6.29 -4.87
N THR B 144 -45.47 -6.98 -4.43
CA THR B 144 -44.11 -6.59 -4.78
C THR B 144 -43.80 -7.06 -6.20
N GLY B 145 -43.25 -6.16 -7.02
CA GLY B 145 -42.97 -6.46 -8.40
C GLY B 145 -41.60 -5.97 -8.82
N ILE B 146 -41.27 -6.23 -10.09
CA ILE B 146 -40.00 -5.82 -10.67
C ILE B 146 -40.28 -4.94 -11.87
N VAL B 147 -39.32 -4.06 -12.18
CA VAL B 147 -39.43 -3.16 -13.32
C VAL B 147 -38.05 -2.60 -13.61
N ASP B 148 -37.87 -2.07 -14.82
CA ASP B 148 -36.64 -1.40 -15.21
C ASP B 148 -36.73 0.05 -14.76
N TRP B 149 -36.21 0.33 -13.57
CA TRP B 149 -36.23 1.69 -13.05
C TRP B 149 -35.45 2.65 -13.94
N GLY B 150 -34.42 2.15 -14.63
CA GLY B 150 -33.71 2.99 -15.58
C GLY B 150 -34.59 3.41 -16.74
N LEU B 151 -35.47 2.51 -17.20
CA LEU B 151 -36.41 2.86 -18.24
C LEU B 151 -37.51 3.78 -17.70
N VAL B 152 -37.90 3.58 -16.44
CA VAL B 152 -38.88 4.46 -15.81
C VAL B 152 -38.33 5.88 -15.72
N THR B 153 -37.03 6.01 -15.46
CA THR B 153 -36.42 7.33 -15.38
C THR B 153 -36.44 8.03 -16.73
N GLU B 154 -36.24 7.28 -17.82
CA GLU B 154 -36.30 7.86 -19.15
C GLU B 154 -37.69 8.39 -19.47
N HIS B 155 -38.74 7.72 -18.95
CA HIS B 155 -40.10 8.19 -19.17
C HIS B 155 -40.39 9.45 -18.36
N TYR B 156 -39.75 9.61 -17.19
CA TYR B 156 -39.88 10.86 -16.46
C TYR B 156 -39.29 12.02 -17.27
N GLY B 157 -38.16 11.79 -17.94
CA GLY B 157 -37.60 12.81 -18.81
C GLY B 157 -38.42 13.04 -20.06
N GLN B 158 -39.10 11.99 -20.55
CA GLN B 158 -39.98 12.17 -21.70
C GLN B 158 -41.17 13.06 -21.34
N ASP B 159 -41.80 12.83 -20.19
CA ASP B 159 -42.88 13.68 -19.74
C ASP B 159 -42.39 15.10 -19.45
N PHE B 160 -41.19 15.21 -18.86
CA PHE B 160 -40.63 16.53 -18.56
C PHE B 160 -40.33 17.31 -19.83
N LYS B 161 -39.85 16.63 -20.88
CA LYS B 161 -39.61 17.31 -22.14
C LYS B 161 -40.90 17.65 -22.86
N GLN B 162 -41.94 16.83 -22.68
CA GLN B 162 -43.24 17.13 -23.27
C GLN B 162 -43.91 18.32 -22.61
N CYS B 163 -43.52 18.66 -21.38
CA CYS B 163 -44.05 19.81 -20.68
C CYS B 163 -43.25 21.09 -20.93
N GLY B 164 -42.39 21.09 -21.94
CA GLY B 164 -41.60 22.26 -22.28
C GLY B 164 -40.24 22.32 -21.62
N GLY B 165 -39.85 21.31 -20.85
CA GLY B 165 -38.56 21.31 -20.20
C GLY B 165 -37.47 20.74 -21.09
N ASP B 166 -36.24 21.22 -20.86
CA ASP B 166 -35.08 20.79 -21.62
C ASP B 166 -34.11 20.06 -20.70
N ILE B 167 -33.54 18.97 -21.19
CA ILE B 167 -32.59 18.16 -20.44
C ILE B 167 -31.22 18.34 -21.08
N TYR B 168 -30.34 19.05 -20.40
CA TYR B 168 -28.96 19.27 -20.88
C TYR B 168 -28.11 18.08 -20.46
N LEU B 169 -27.82 17.21 -21.41
CA LEU B 169 -26.93 16.09 -21.15
C LEU B 169 -25.47 16.49 -21.40
N ASP B 170 -24.55 15.68 -20.87
CA ASP B 170 -23.13 15.96 -20.92
C ASP B 170 -22.80 17.31 -20.28
N PHE B 171 -23.58 17.70 -19.28
CA PHE B 171 -23.41 18.96 -18.57
C PHE B 171 -22.88 18.63 -17.18
N ASN B 172 -21.57 18.73 -17.00
CA ASN B 172 -20.92 18.43 -15.73
C ASN B 172 -20.83 19.73 -14.94
N VAL B 173 -21.80 19.95 -14.04
CA VAL B 173 -21.81 21.16 -13.23
C VAL B 173 -20.56 21.22 -12.38
N SER B 174 -19.87 22.36 -12.42
CA SER B 174 -18.58 22.48 -11.74
C SER B 174 -18.40 23.76 -10.94
N LYS B 175 -19.29 24.74 -11.08
CA LYS B 175 -19.07 26.02 -10.41
C LYS B 175 -20.36 26.83 -10.47
N PHE B 176 -20.80 27.30 -9.31
CA PHE B 176 -21.93 28.23 -9.19
C PHE B 176 -21.37 29.61 -8.86
N THR B 177 -21.62 30.58 -9.73
CA THR B 177 -21.22 31.96 -9.51
C THR B 177 -22.44 32.87 -9.65
N GLU B 178 -22.22 34.16 -9.37
CA GLU B 178 -23.28 35.16 -9.48
C GLU B 178 -23.24 35.81 -10.86
N THR B 179 -24.41 36.18 -11.35
CA THR B 179 -24.53 36.75 -12.68
C THR B 179 -24.03 38.20 -12.71
N ASP B 184 -32.21 39.56 -13.14
CA ASP B 184 -33.40 38.75 -13.37
C ASP B 184 -33.10 37.26 -13.17
N TYR B 185 -31.86 36.88 -13.44
CA TYR B 185 -31.39 35.51 -13.29
C TYR B 185 -30.07 35.57 -12.54
N PRO B 186 -30.11 35.73 -11.21
CA PRO B 186 -28.91 36.13 -10.45
C PRO B 186 -27.93 35.00 -10.15
N VAL B 187 -28.14 33.80 -10.66
CA VAL B 187 -27.18 32.71 -10.49
C VAL B 187 -26.92 32.06 -11.84
N THR B 188 -25.65 31.79 -12.13
CA THR B 188 -25.26 31.14 -13.36
C THR B 188 -24.47 29.88 -13.03
N ILE B 189 -24.58 28.89 -13.91
CA ILE B 189 -24.02 27.56 -13.68
C ILE B 189 -22.99 27.27 -14.77
N HIS B 190 -21.82 26.78 -14.35
CA HIS B 190 -20.72 26.51 -15.26
C HIS B 190 -20.51 25.00 -15.39
N GLY B 191 -20.43 24.52 -16.63
CA GLY B 191 -20.15 23.13 -16.90
C GLY B 191 -18.67 22.85 -16.94
N ALA B 192 -18.33 21.62 -17.32
CA ALA B 192 -16.93 21.24 -17.44
C ALA B 192 -16.30 21.79 -18.71
N LYS B 193 -17.01 21.71 -19.83
CA LYS B 193 -16.49 22.23 -21.07
C LYS B 193 -16.47 23.75 -21.05
N PRO B 194 -15.46 24.39 -21.65
CA PRO B 194 -15.42 25.86 -21.66
C PRO B 194 -16.56 26.42 -22.51
N GLY B 195 -17.22 27.44 -21.96
CA GLY B 195 -18.36 28.05 -22.62
C GLY B 195 -19.70 27.44 -22.27
N GLN B 196 -19.72 26.33 -21.54
CA GLN B 196 -20.96 25.68 -21.13
C GLN B 196 -21.53 26.44 -19.95
N THR B 197 -22.57 27.22 -20.20
CA THR B 197 -23.13 28.11 -19.18
C THR B 197 -24.65 28.09 -19.26
N VAL B 198 -25.29 28.08 -18.09
CA VAL B 198 -26.74 28.13 -17.97
C VAL B 198 -27.10 29.12 -16.87
N ARG B 199 -27.96 30.08 -17.20
CA ARG B 199 -28.43 31.08 -16.25
C ARG B 199 -29.80 30.67 -15.72
N THR B 200 -29.99 30.82 -14.40
CA THR B 200 -31.24 30.45 -13.77
C THR B 200 -31.50 31.39 -12.60
N LYS B 201 -32.67 31.21 -11.98
CA LYS B 201 -33.05 31.99 -10.80
C LYS B 201 -32.79 31.23 -9.51
N ASN B 202 -33.32 30.02 -9.38
CA ASN B 202 -33.08 29.18 -8.23
C ASN B 202 -32.68 27.78 -8.69
N VAL B 203 -31.91 27.09 -7.85
CA VAL B 203 -31.29 25.81 -8.21
C VAL B 203 -31.68 24.76 -7.20
N LEU B 204 -31.93 23.54 -7.69
CA LEU B 204 -32.12 22.35 -6.86
C LEU B 204 -31.21 21.25 -7.38
N THR B 205 -30.45 20.64 -6.49
CA THR B 205 -29.49 19.61 -6.86
C THR B 205 -29.90 18.26 -6.28
N CYS B 206 -29.88 17.23 -7.13
CA CYS B 206 -30.11 15.86 -6.71
C CYS B 206 -28.98 14.98 -7.25
N GLY B 207 -27.76 15.29 -6.78
CA GLY B 207 -26.54 14.71 -7.30
C GLY B 207 -26.24 13.28 -6.91
N GLY B 208 -27.05 12.66 -6.06
CA GLY B 208 -26.84 11.28 -5.67
C GLY B 208 -25.51 11.01 -5.01
N LEU B 209 -24.59 10.38 -5.75
CA LEU B 209 -23.27 10.07 -5.22
C LEU B 209 -22.44 11.32 -4.92
N GLN B 210 -22.81 12.46 -5.49
CA GLN B 210 -22.11 13.72 -5.26
C GLN B 210 -23.02 14.74 -4.57
N SER B 211 -23.81 14.27 -3.60
CA SER B 211 -24.69 15.17 -2.85
C SER B 211 -23.87 16.20 -2.07
N ASP B 212 -22.83 15.73 -1.37
CA ASP B 212 -22.04 16.62 -0.54
C ASP B 212 -21.12 17.51 -1.38
N LEU B 213 -20.54 16.97 -2.45
CA LEU B 213 -19.62 17.75 -3.27
C LEU B 213 -20.34 18.90 -3.95
N LEU B 214 -21.54 18.66 -4.48
CA LEU B 214 -22.33 19.75 -5.05
C LEU B 214 -22.72 20.76 -3.98
N ALA B 215 -23.06 20.29 -2.79
CA ALA B 215 -23.45 21.20 -1.72
C ALA B 215 -22.27 22.04 -1.23
N GLU B 216 -21.04 21.55 -1.40
CA GLU B 216 -19.87 22.30 -0.97
C GLU B 216 -19.63 23.53 -1.84
N LYS B 217 -20.07 23.50 -3.10
CA LYS B 217 -19.84 24.62 -4.01
C LYS B 217 -20.81 25.78 -3.77
N THR B 218 -21.61 25.72 -2.72
CA THR B 218 -22.53 26.79 -2.35
C THR B 218 -22.25 27.38 -0.99
N GLY B 219 -21.93 26.54 0.00
CA GLY B 219 -21.63 27.02 1.33
C GLY B 219 -22.08 26.07 2.42
N CYS B 220 -22.59 24.91 2.02
CA CYS B 220 -23.09 23.91 2.96
C CYS B 220 -21.92 23.19 3.64
N PRO B 221 -22.11 22.71 4.87
CA PRO B 221 -21.03 22.00 5.57
C PRO B 221 -20.68 20.68 4.93
N ARG B 222 -19.66 19.99 5.47
CA ARG B 222 -19.25 18.71 4.94
C ARG B 222 -20.28 17.62 5.23
N ASP B 223 -21.02 17.74 6.32
CA ASP B 223 -22.01 16.75 6.73
C ASP B 223 -23.39 17.11 6.17
N PRO B 224 -24.18 16.11 5.75
CA PRO B 224 -23.82 14.69 5.76
C PRO B 224 -22.93 14.30 4.58
N ARG B 225 -22.02 13.37 4.81
CA ARG B 225 -21.11 12.89 3.78
C ARG B 225 -21.69 11.68 3.06
N ILE B 226 -21.34 11.54 1.79
CA ILE B 226 -21.79 10.43 0.98
C ILE B 226 -20.69 9.36 0.99
N VAL B 227 -20.97 8.25 1.64
CA VAL B 227 -20.04 7.13 1.74
C VAL B 227 -20.46 6.07 0.72
N PRO B 228 -19.61 5.72 -0.25
CA PRO B 228 -20.01 4.78 -1.30
C PRO B 228 -20.02 3.34 -0.79
N PHE B 229 -21.13 2.64 -1.03
CA PHE B 229 -21.27 1.22 -0.70
C PHE B 229 -21.61 0.47 -1.98
N ARG B 230 -20.64 -0.29 -2.50
CA ARG B 230 -20.86 -1.02 -3.73
C ARG B 230 -21.77 -2.22 -3.48
N GLY B 231 -22.73 -2.41 -4.38
CA GLY B 231 -23.65 -3.54 -4.29
C GLY B 231 -23.44 -4.53 -5.42
N GLU B 232 -22.58 -5.52 -5.18
CA GLU B 232 -22.26 -6.51 -6.21
C GLU B 232 -23.39 -7.50 -6.38
N TYR B 233 -23.57 -7.95 -7.62
CA TYR B 233 -24.62 -8.90 -7.97
C TYR B 233 -24.01 -10.16 -8.58
N LEU B 234 -24.60 -11.30 -8.25
CA LEU B 234 -24.24 -12.59 -8.83
C LEU B 234 -25.39 -13.09 -9.68
N LEU B 235 -25.06 -13.58 -10.88
CA LEU B 235 -26.06 -13.98 -11.86
C LEU B 235 -26.19 -15.49 -11.88
N LEU B 236 -27.38 -15.98 -11.53
CA LEU B 236 -27.66 -17.41 -11.66
C LEU B 236 -27.80 -17.76 -13.14
N THR B 237 -27.05 -18.77 -13.58
CA THR B 237 -27.00 -19.12 -14.98
C THR B 237 -28.35 -19.67 -15.45
N LYS B 238 -28.52 -19.68 -16.78
CA LYS B 238 -29.81 -20.04 -17.38
C LYS B 238 -30.21 -21.49 -17.07
N GLU B 239 -29.25 -22.36 -16.76
CA GLU B 239 -29.58 -23.75 -16.45
C GLU B 239 -30.32 -23.90 -15.13
N LYS B 240 -30.39 -22.85 -14.31
CA LYS B 240 -31.10 -22.93 -13.03
C LYS B 240 -31.93 -21.69 -12.74
N GLN B 241 -32.27 -20.89 -13.76
CA GLN B 241 -33.12 -19.73 -13.53
C GLN B 241 -34.54 -20.12 -13.13
N HIS B 242 -34.95 -21.35 -13.41
CA HIS B 242 -36.30 -21.80 -13.05
C HIS B 242 -36.46 -22.03 -11.56
N MET B 243 -35.37 -22.10 -10.80
CA MET B 243 -35.44 -22.41 -9.39
C MET B 243 -35.93 -21.26 -8.54
N VAL B 244 -36.09 -20.07 -9.11
CA VAL B 244 -36.59 -18.90 -8.40
C VAL B 244 -37.71 -18.29 -9.23
N LYS B 245 -38.93 -18.30 -8.68
CA LYS B 245 -40.07 -17.72 -9.38
C LYS B 245 -40.25 -16.24 -9.06
N GLY B 246 -40.30 -15.90 -7.78
CA GLY B 246 -40.43 -14.51 -7.36
C GLY B 246 -39.32 -14.06 -6.45
N ASN B 247 -39.44 -12.86 -5.90
CA ASN B 247 -38.40 -12.33 -5.02
C ASN B 247 -38.38 -13.11 -3.72
N ILE B 248 -37.18 -13.50 -3.28
CA ILE B 248 -36.98 -14.25 -2.05
C ILE B 248 -35.97 -13.47 -1.21
N TYR B 249 -36.48 -12.73 -0.21
CA TYR B 249 -35.67 -11.89 0.65
C TYR B 249 -35.38 -12.58 1.97
N PRO B 250 -34.22 -12.32 2.57
CA PRO B 250 -33.94 -12.82 3.91
C PRO B 250 -34.43 -11.83 4.97
N VAL B 251 -34.37 -12.27 6.22
CA VAL B 251 -34.70 -11.42 7.36
C VAL B 251 -33.46 -10.60 7.72
N PRO B 252 -33.45 -9.29 7.47
CA PRO B 252 -32.23 -8.51 7.64
C PRO B 252 -32.05 -8.00 9.07
N ASP B 253 -30.84 -7.55 9.35
CA ASP B 253 -30.55 -6.89 10.62
C ASP B 253 -31.19 -5.51 10.61
N PRO B 254 -32.11 -5.21 11.53
CA PRO B 254 -32.77 -3.89 11.51
C PRO B 254 -31.84 -2.73 11.79
N ARG B 255 -30.60 -2.98 12.25
CA ARG B 255 -29.65 -1.91 12.52
C ARG B 255 -29.07 -1.31 11.25
N PHE B 256 -29.28 -1.93 10.09
CA PHE B 256 -28.76 -1.42 8.83
C PHE B 256 -29.87 -1.34 7.81
N PRO B 257 -29.85 -0.32 6.94
CA PRO B 257 -30.87 -0.23 5.88
C PRO B 257 -30.69 -1.28 4.78
N PHE B 258 -29.55 -1.96 4.74
CA PHE B 258 -29.31 -2.96 3.72
C PHE B 258 -30.20 -4.18 3.96
N LEU B 259 -30.97 -4.56 2.95
CA LEU B 259 -31.90 -5.68 3.04
C LEU B 259 -31.22 -7.04 2.85
N GLY B 260 -29.90 -7.07 2.73
CA GLY B 260 -29.18 -8.31 2.57
C GLY B 260 -29.26 -8.86 1.16
N VAL B 261 -28.43 -9.86 0.89
CA VAL B 261 -28.40 -10.51 -0.42
C VAL B 261 -29.68 -11.33 -0.59
N HIS B 262 -30.41 -11.07 -1.67
CA HIS B 262 -31.70 -11.69 -1.91
C HIS B 262 -31.77 -12.22 -3.33
N PHE B 263 -32.76 -13.08 -3.58
CA PHE B 263 -33.03 -13.62 -4.90
C PHE B 263 -34.03 -12.71 -5.59
N THR B 264 -33.68 -12.22 -6.78
CA THR B 264 -34.57 -11.31 -7.50
C THR B 264 -34.54 -11.59 -9.00
N PRO B 265 -35.69 -11.90 -9.60
CA PRO B 265 -35.75 -12.04 -11.05
C PRO B 265 -35.79 -10.67 -11.73
N ARG B 266 -35.39 -10.67 -13.00
CA ARG B 266 -35.43 -9.46 -13.81
C ARG B 266 -36.39 -9.64 -14.97
N MET B 267 -36.70 -8.53 -15.62
CA MET B 267 -37.66 -8.53 -16.73
C MET B 267 -37.16 -9.37 -17.91
N ASP B 268 -35.84 -9.51 -18.06
CA ASP B 268 -35.28 -10.33 -19.13
C ASP B 268 -35.25 -11.81 -18.78
N GLY B 269 -35.79 -12.20 -17.62
CA GLY B 269 -35.83 -13.59 -17.20
C GLY B 269 -34.66 -14.03 -16.34
N SER B 270 -33.63 -13.20 -16.20
CA SER B 270 -32.45 -13.58 -15.43
C SER B 270 -32.74 -13.48 -13.93
N ILE B 271 -32.00 -14.28 -13.16
CA ILE B 271 -32.09 -14.30 -11.70
C ILE B 271 -30.80 -13.68 -11.16
N TRP B 272 -30.94 -12.55 -10.46
CA TRP B 272 -29.80 -11.86 -9.88
C TRP B 272 -29.74 -12.12 -8.38
N LEU B 273 -28.54 -12.43 -7.89
CA LEU B 273 -28.32 -12.71 -6.47
C LEU B 273 -27.53 -11.56 -5.87
N GLY B 274 -28.18 -10.80 -5.00
CA GLY B 274 -27.55 -9.65 -4.37
C GLY B 274 -28.56 -8.57 -4.03
N PRO B 275 -28.06 -7.37 -3.70
CA PRO B 275 -26.63 -7.05 -3.62
C PRO B 275 -26.08 -7.16 -2.20
N ASN B 276 -24.75 -7.12 -2.08
CA ASN B 276 -24.09 -7.10 -0.79
C ASN B 276 -23.69 -5.66 -0.46
N ALA B 277 -22.99 -5.47 0.65
CA ALA B 277 -22.61 -4.14 1.14
C ALA B 277 -21.10 -4.09 1.30
N VAL B 278 -20.40 -3.78 0.22
CA VAL B 278 -18.96 -3.62 0.21
C VAL B 278 -18.63 -2.14 0.07
N LEU B 279 -17.83 -1.63 1.00
CA LEU B 279 -17.40 -0.23 0.94
C LEU B 279 -16.58 0.00 -0.33
N ALA B 280 -17.07 0.86 -1.20
CA ALA B 280 -16.36 1.19 -2.43
C ALA B 280 -15.20 2.12 -2.15
N LEU B 281 -14.05 1.82 -2.74
CA LEU B 281 -12.85 2.65 -2.64
C LEU B 281 -12.88 3.85 -3.58
N LYS B 282 -14.07 4.30 -3.99
CA LYS B 282 -14.26 5.40 -4.92
C LYS B 282 -15.74 5.76 -4.92
N ARG B 283 -16.05 7.04 -5.14
CA ARG B 283 -17.45 7.47 -5.19
C ARG B 283 -18.22 6.69 -6.25
N GLU B 284 -17.68 6.62 -7.46
CA GLU B 284 -18.25 5.81 -8.55
C GLU B 284 -17.47 4.52 -8.74
N GLY B 285 -17.07 3.86 -7.66
CA GLY B 285 -16.31 2.65 -7.75
C GLY B 285 -17.16 1.41 -7.97
N TYR B 286 -17.52 1.15 -9.23
CA TYR B 286 -18.34 -0.02 -9.55
C TYR B 286 -17.54 -1.31 -9.55
N THR B 287 -16.21 -1.23 -9.61
CA THR B 287 -15.34 -2.41 -9.59
C THR B 287 -14.52 -2.43 -8.31
N TRP B 288 -14.01 -3.62 -8.00
CA TRP B 288 -13.26 -3.81 -6.76
C TRP B 288 -11.89 -3.16 -6.78
N GLY B 289 -11.32 -2.94 -7.98
CA GLY B 289 -9.98 -2.42 -8.07
C GLY B 289 -9.88 -0.93 -8.30
N ASP B 290 -10.99 -0.31 -8.73
CA ASP B 290 -10.99 1.12 -9.03
C ASP B 290 -10.87 1.91 -7.74
N ILE B 291 -9.74 2.59 -7.55
CA ILE B 291 -9.44 3.30 -6.32
C ILE B 291 -9.14 4.76 -6.65
N ASN B 292 -9.71 5.67 -5.85
CA ASN B 292 -9.42 7.09 -5.95
C ASN B 292 -8.86 7.53 -4.60
N LEU B 293 -7.54 7.77 -4.55
CA LEU B 293 -6.88 8.07 -3.29
C LEU B 293 -7.47 9.32 -2.62
N PHE B 294 -7.87 10.30 -3.43
CA PHE B 294 -8.47 11.50 -2.88
C PHE B 294 -9.84 11.20 -2.27
N GLU B 295 -10.72 10.54 -3.04
CA GLU B 295 -12.04 10.17 -2.55
C GLU B 295 -12.01 9.07 -1.51
N LEU B 296 -10.91 8.33 -1.38
CA LEU B 296 -10.75 7.33 -0.33
C LEU B 296 -10.29 7.93 0.99
N PHE B 297 -9.29 8.82 0.95
CA PHE B 297 -8.78 9.41 2.19
C PHE B 297 -9.82 10.28 2.87
N ASP B 298 -10.67 10.96 2.09
CA ASP B 298 -11.67 11.84 2.70
C ASP B 298 -12.77 11.04 3.39
N ALA B 299 -13.15 9.91 2.82
CA ALA B 299 -14.18 9.08 3.44
C ALA B 299 -13.69 8.50 4.77
N LEU B 300 -12.40 8.17 4.84
CA LEU B 300 -11.85 7.61 6.07
C LEU B 300 -11.51 8.71 7.08
N ARG B 301 -10.99 9.84 6.61
CA ARG B 301 -10.71 10.96 7.49
C ARG B 301 -11.97 11.68 7.95
N TYR B 302 -13.13 11.33 7.41
CA TYR B 302 -14.38 11.90 7.89
C TYR B 302 -14.60 11.47 9.34
N PRO B 303 -14.95 12.41 10.23
CA PRO B 303 -15.04 12.05 11.67
C PRO B 303 -16.07 10.98 11.96
N GLY B 304 -17.14 10.87 11.17
CA GLY B 304 -18.17 9.90 11.44
C GLY B 304 -17.87 8.50 10.95
N PHE B 305 -16.82 8.31 10.15
CA PHE B 305 -16.53 6.99 9.60
C PHE B 305 -15.96 6.07 10.66
N VAL B 306 -14.90 6.51 11.35
CA VAL B 306 -14.27 5.67 12.37
C VAL B 306 -15.24 5.37 13.50
N LYS B 307 -16.14 6.31 13.81
CA LYS B 307 -17.14 6.05 14.84
C LYS B 307 -18.10 4.95 14.41
N MET B 308 -18.49 4.92 13.14
CA MET B 308 -19.31 3.83 12.64
C MET B 308 -18.51 2.56 12.45
N ALA B 309 -17.24 2.67 12.05
CA ALA B 309 -16.41 1.48 11.85
C ALA B 309 -16.12 0.79 13.17
N SER B 310 -15.92 1.57 14.24
CA SER B 310 -15.62 0.98 15.54
C SER B 310 -16.76 0.13 16.09
N LYS B 311 -17.93 0.16 15.46
CA LYS B 311 -19.09 -0.59 15.93
C LYS B 311 -19.54 -1.68 14.97
N TYR B 312 -19.30 -1.54 13.67
CA TYR B 312 -19.83 -2.49 12.70
C TYR B 312 -18.83 -2.77 11.58
N ILE B 313 -17.54 -2.85 11.92
CA ILE B 313 -16.57 -3.22 10.89
C ILE B 313 -16.58 -4.73 10.65
N GLY B 314 -16.91 -5.52 11.68
CA GLY B 314 -17.02 -6.96 11.47
C GLY B 314 -18.12 -7.32 10.50
N PHE B 315 -19.19 -6.52 10.44
CA PHE B 315 -20.26 -6.77 9.49
C PHE B 315 -19.79 -6.46 8.07
N GLY B 316 -19.06 -5.35 7.89
CA GLY B 316 -18.57 -5.01 6.56
C GLY B 316 -17.43 -5.90 6.10
N LEU B 317 -16.68 -6.46 7.05
CA LEU B 317 -15.60 -7.37 6.68
C LEU B 317 -16.15 -8.71 6.19
N SER B 318 -17.22 -9.21 6.82
CA SER B 318 -17.84 -10.43 6.33
C SER B 318 -18.45 -10.24 4.95
N GLU B 319 -18.92 -9.03 4.65
CA GLU B 319 -19.40 -8.74 3.30
C GLU B 319 -18.25 -8.78 2.30
N MET B 320 -17.09 -8.23 2.67
CA MET B 320 -15.93 -8.27 1.78
C MET B 320 -15.40 -9.69 1.64
N SER B 321 -15.45 -10.48 2.72
CA SER B 321 -14.94 -11.84 2.65
C SER B 321 -15.83 -12.72 1.79
N LYS B 322 -17.15 -12.49 1.82
CA LYS B 322 -18.04 -13.21 0.92
C LYS B 322 -17.87 -12.78 -0.52
N SER B 323 -17.31 -11.59 -0.75
CA SER B 323 -17.03 -11.11 -2.10
C SER B 323 -15.68 -11.63 -2.63
N TRP B 324 -14.67 -11.70 -1.76
CA TRP B 324 -13.38 -12.23 -2.18
C TRP B 324 -13.47 -13.71 -2.51
N PHE B 325 -14.11 -14.48 -1.64
CA PHE B 325 -14.31 -15.91 -1.84
C PHE B 325 -15.81 -16.16 -2.03
N ILE B 326 -16.20 -16.47 -3.27
CA ILE B 326 -17.61 -16.67 -3.59
C ILE B 326 -18.16 -17.91 -2.89
N ASN B 327 -17.32 -18.92 -2.66
CA ASN B 327 -17.76 -20.15 -2.03
C ASN B 327 -18.41 -19.90 -0.67
N LEU B 328 -17.95 -18.88 0.05
CA LEU B 328 -18.57 -18.53 1.32
C LEU B 328 -19.95 -17.89 1.14
N GLN B 329 -20.23 -17.29 -0.02
CA GLN B 329 -21.53 -16.68 -0.28
C GLN B 329 -22.62 -17.71 -0.53
N ILE B 330 -22.27 -18.85 -1.15
CA ILE B 330 -23.29 -19.83 -1.49
C ILE B 330 -23.73 -20.68 -0.30
N LYS B 331 -22.87 -20.82 0.73
CA LYS B 331 -23.31 -21.50 1.94
C LYS B 331 -24.45 -20.77 2.61
N ALA B 332 -24.51 -19.44 2.44
CA ALA B 332 -25.64 -18.66 2.94
C ALA B 332 -26.85 -18.82 2.03
N LEU B 333 -26.64 -18.81 0.71
CA LEU B 333 -27.75 -18.98 -0.22
C LEU B 333 -28.31 -20.39 -0.16
N GLN B 334 -27.49 -21.39 0.18
CA GLN B 334 -27.96 -22.76 0.27
C GLN B 334 -28.92 -22.96 1.45
N LYS B 335 -28.92 -22.06 2.42
CA LYS B 335 -29.92 -22.12 3.48
C LYS B 335 -31.33 -21.87 2.96
N TYR B 336 -31.45 -21.15 1.84
CA TYR B 336 -32.74 -20.89 1.20
C TYR B 336 -32.98 -21.79 -0.01
N ILE B 337 -31.98 -21.94 -0.87
CA ILE B 337 -32.06 -22.87 -1.99
C ILE B 337 -30.80 -23.74 -1.97
N PRO B 338 -30.88 -24.98 -1.47
CA PRO B 338 -29.67 -25.78 -1.31
C PRO B 338 -29.12 -26.37 -2.61
N ASP B 339 -29.92 -26.42 -3.67
CA ASP B 339 -29.48 -27.01 -4.93
C ASP B 339 -28.78 -26.01 -5.84
N ILE B 340 -27.91 -25.18 -5.28
CA ILE B 340 -27.12 -24.21 -6.05
C ILE B 340 -25.66 -24.39 -5.66
N THR B 341 -24.82 -24.70 -6.64
CA THR B 341 -23.40 -24.90 -6.43
C THR B 341 -22.62 -23.63 -6.76
N GLU B 342 -21.30 -23.72 -6.64
CA GLU B 342 -20.42 -22.66 -7.09
C GLU B 342 -20.29 -22.59 -8.61
N TYR B 343 -20.76 -23.62 -9.31
CA TYR B 343 -20.70 -23.68 -10.77
C TYR B 343 -21.89 -23.04 -11.46
N ASP B 344 -22.97 -22.75 -10.72
CA ASP B 344 -24.20 -22.26 -11.31
C ASP B 344 -24.29 -20.74 -11.33
N ILE B 345 -23.29 -20.04 -10.80
CA ILE B 345 -23.35 -18.59 -10.67
C ILE B 345 -22.12 -17.97 -11.31
N GLN B 346 -22.26 -16.71 -11.74
CA GLN B 346 -21.18 -15.93 -12.30
C GLN B 346 -21.27 -14.51 -11.78
N ARG B 347 -20.13 -13.83 -11.75
CA ARG B 347 -20.09 -12.47 -11.24
C ARG B 347 -20.72 -11.51 -12.24
N GLY B 348 -21.62 -10.66 -11.76
CA GLY B 348 -22.31 -9.72 -12.61
C GLY B 348 -21.96 -8.28 -12.29
N PRO B 349 -22.72 -7.34 -12.85
CA PRO B 349 -22.45 -5.92 -12.61
C PRO B 349 -22.79 -5.51 -11.18
N ALA B 350 -22.63 -4.23 -10.88
CA ALA B 350 -22.83 -3.72 -9.51
C ALA B 350 -23.42 -2.33 -9.52
N GLY B 351 -23.93 -1.94 -8.37
CA GLY B 351 -24.42 -0.58 -8.14
C GLY B 351 -23.72 -0.01 -6.94
N VAL B 352 -23.51 1.29 -6.91
CA VAL B 352 -22.89 1.95 -5.73
C VAL B 352 -23.98 2.79 -5.09
N ARG B 353 -24.18 2.57 -3.80
CA ARG B 353 -25.18 3.24 -2.95
C ARG B 353 -24.64 4.56 -2.48
N ALA B 354 -25.43 5.61 -2.62
CA ALA B 354 -25.02 6.92 -2.11
C ALA B 354 -25.52 6.98 -0.69
N GLN B 355 -24.78 6.37 0.21
CA GLN B 355 -25.17 6.34 1.63
C GLN B 355 -24.72 7.62 2.28
N ALA B 356 -25.65 8.32 2.93
CA ALA B 356 -25.37 9.57 3.66
C ALA B 356 -25.07 9.20 5.10
N MET B 357 -24.06 9.82 5.66
CA MET B 357 -23.61 9.53 7.02
C MET B 357 -23.34 10.84 7.74
N ASP B 358 -23.81 10.93 8.99
CA ASP B 358 -23.59 12.11 9.81
C ASP B 358 -22.25 12.02 10.53
N LEU B 359 -21.92 13.07 11.29
CA LEU B 359 -20.65 13.11 12.01
C LEU B 359 -20.60 12.12 13.18
N ASP B 360 -21.75 11.59 13.60
CA ASP B 360 -21.78 10.60 14.68
C ASP B 360 -21.63 9.17 14.19
N GLY B 361 -21.77 8.92 12.88
CA GLY B 361 -21.66 7.60 12.32
C GLY B 361 -22.97 6.98 11.90
N ASN B 362 -24.10 7.54 12.33
CA ASN B 362 -25.40 6.99 11.95
C ASN B 362 -25.67 7.21 10.47
N LEU B 363 -26.27 6.21 9.83
CA LEU B 363 -26.60 6.31 8.42
C LEU B 363 -27.90 7.08 8.26
N VAL B 364 -27.84 8.16 7.48
CA VAL B 364 -29.02 9.01 7.26
C VAL B 364 -30.04 8.26 6.41
N ASP B 365 -31.31 8.37 6.80
CA ASP B 365 -32.40 7.74 6.05
C ASP B 365 -33.57 8.68 5.82
N ASP B 366 -33.46 9.96 6.17
CA ASP B 366 -34.54 10.92 6.01
C ASP B 366 -34.13 11.97 4.99
N PHE B 367 -35.05 12.93 4.76
CA PHE B 367 -34.75 14.05 3.87
C PHE B 367 -33.70 14.95 4.49
N VAL B 368 -32.75 15.39 3.66
CA VAL B 368 -31.75 16.35 4.10
C VAL B 368 -31.63 17.47 3.07
N PHE B 369 -32.23 18.62 3.36
CA PHE B 369 -32.16 19.79 2.49
C PHE B 369 -31.16 20.79 3.07
N ASP B 370 -30.27 21.28 2.22
CA ASP B 370 -29.20 22.17 2.67
C ASP B 370 -29.07 23.33 1.70
N ARG B 371 -28.61 24.46 2.22
CA ARG B 371 -28.42 25.67 1.42
C ARG B 371 -27.22 26.43 1.99
N GLY B 372 -27.06 27.67 1.53
CA GLY B 372 -25.95 28.50 1.98
C GLY B 372 -26.13 29.04 3.39
N GLN B 373 -25.69 30.27 3.61
CA GLN B 373 -25.72 30.85 4.94
C GLN B 373 -25.99 32.35 4.92
N GLY B 374 -25.04 33.13 4.40
CA GLY B 374 -25.04 34.56 4.57
C GLY B 374 -25.98 35.38 3.70
N SER B 375 -27.13 34.79 3.32
CA SER B 375 -28.18 35.50 2.61
C SER B 375 -27.69 36.13 1.30
N GLY B 376 -26.69 35.50 0.67
CA GLY B 376 -26.14 36.01 -0.57
C GLY B 376 -26.95 35.60 -1.78
N ALA B 377 -26.26 35.46 -2.90
CA ALA B 377 -26.92 35.04 -4.14
C ALA B 377 -26.81 33.53 -4.34
N LEU B 378 -25.60 32.99 -4.17
CA LEU B 378 -25.43 31.54 -4.22
C LEU B 378 -26.20 30.87 -3.08
N ALA B 379 -26.23 31.50 -1.91
CA ALA B 379 -27.06 31.03 -0.82
C ALA B 379 -28.53 31.36 -1.10
N LYS B 380 -29.41 30.67 -0.38
CA LYS B 380 -30.86 30.90 -0.43
C LYS B 380 -31.47 30.54 -1.79
N ARG B 381 -30.69 30.60 -2.86
CA ARG B 381 -31.18 30.30 -4.19
C ARG B 381 -30.73 28.94 -4.71
N VAL B 382 -29.88 28.23 -3.96
CA VAL B 382 -29.40 26.91 -4.35
C VAL B 382 -29.70 25.96 -3.18
N LEU B 383 -30.71 25.12 -3.35
CA LEU B 383 -31.08 24.12 -2.34
C LEU B 383 -30.56 22.77 -2.77
N HIS B 384 -29.92 22.06 -1.85
CA HIS B 384 -29.30 20.77 -2.13
C HIS B 384 -30.07 19.65 -1.44
N CYS B 385 -30.47 18.65 -2.21
CA CYS B 385 -31.12 17.45 -1.66
C CYS B 385 -30.00 16.46 -1.34
N ARG B 386 -29.43 16.57 -0.15
CA ARG B 386 -28.28 15.76 0.21
C ARG B 386 -28.65 14.31 0.52
N ASN B 387 -29.93 14.00 0.68
CA ASN B 387 -30.37 12.63 0.87
C ASN B 387 -31.89 12.57 0.73
N ALA B 388 -32.37 11.43 0.26
CA ALA B 388 -33.79 11.14 0.14
C ALA B 388 -34.08 9.78 0.76
N PRO B 389 -35.25 9.61 1.36
CA PRO B 389 -35.56 8.34 2.03
C PRO B 389 -35.65 7.19 1.05
N SER B 390 -35.21 6.01 1.50
CA SER B 390 -35.26 4.80 0.71
C SER B 390 -36.64 4.13 0.84
N PRO B 391 -37.10 3.43 -0.20
CA PRO B 391 -36.42 3.26 -1.50
C PRO B 391 -36.64 4.45 -2.43
N GLY B 392 -35.55 4.98 -2.99
CA GLY B 392 -35.67 6.16 -3.84
C GLY B 392 -36.39 5.88 -5.16
N ALA B 393 -36.16 4.70 -5.73
CA ALA B 393 -36.78 4.38 -7.01
C ALA B 393 -38.28 4.17 -6.86
N THR B 394 -38.69 3.41 -5.84
CA THR B 394 -40.12 3.14 -5.65
C THR B 394 -40.85 4.40 -5.19
N SER B 395 -40.26 5.16 -4.27
CA SER B 395 -40.87 6.37 -3.74
C SER B 395 -40.57 7.59 -4.59
N SER B 396 -40.09 7.39 -5.83
CA SER B 396 -39.69 8.52 -6.67
C SER B 396 -40.85 9.46 -6.93
N LEU B 397 -41.99 8.94 -7.39
CA LEU B 397 -43.14 9.80 -7.63
C LEU B 397 -43.69 10.39 -6.34
N ALA B 398 -43.45 9.73 -5.20
CA ALA B 398 -43.94 10.23 -3.93
C ALA B 398 -43.03 11.33 -3.39
N ILE B 399 -41.72 11.09 -3.34
CA ILE B 399 -40.80 12.11 -2.84
C ILE B 399 -40.70 13.29 -3.79
N ALA B 400 -41.02 13.10 -5.07
CA ALA B 400 -41.04 14.22 -6.00
C ALA B 400 -42.12 15.22 -5.63
N LYS B 401 -43.25 14.74 -5.12
CA LYS B 401 -44.29 15.65 -4.65
C LYS B 401 -43.84 16.44 -3.43
N MET B 402 -43.07 15.80 -2.54
CA MET B 402 -42.57 16.49 -1.37
C MET B 402 -41.38 17.39 -1.69
N ILE B 403 -40.58 17.02 -2.71
CA ILE B 403 -39.52 17.91 -3.15
C ILE B 403 -40.10 19.14 -3.83
N ALA B 404 -41.15 18.95 -4.63
CA ALA B 404 -41.83 20.09 -5.25
C ALA B 404 -42.43 21.00 -4.19
N ASP B 405 -43.00 20.43 -3.13
CA ASP B 405 -43.51 21.24 -2.04
C ASP B 405 -42.39 22.02 -1.35
N LYS B 406 -41.22 21.39 -1.21
CA LYS B 406 -40.10 22.04 -0.54
C LYS B 406 -39.61 23.25 -1.32
N ILE B 407 -39.38 23.09 -2.63
CA ILE B 407 -38.89 24.19 -3.44
C ILE B 407 -39.95 25.25 -3.66
N GLU B 408 -41.24 24.89 -3.58
CA GLU B 408 -42.29 25.91 -3.65
C GLU B 408 -42.21 26.84 -2.45
N ASN B 409 -41.95 26.30 -1.27
CA ASN B 409 -41.76 27.14 -0.09
C ASN B 409 -40.41 27.85 -0.15
N GLU B 410 -39.34 27.11 -0.45
CA GLU B 410 -38.00 27.68 -0.38
C GLU B 410 -37.76 28.74 -1.44
N PHE B 411 -38.36 28.58 -2.62
CA PHE B 411 -38.07 29.44 -3.75
C PHE B 411 -39.21 30.40 -4.10
N SER B 412 -40.35 30.28 -3.43
CA SER B 412 -41.53 31.10 -3.71
C SER B 412 -41.95 31.02 -5.17
N ILE B 413 -42.76 30.03 -5.51
CA ILE B 413 -43.22 29.80 -6.88
C ILE B 413 -44.73 29.98 -6.92
N GLY B 414 -45.23 30.56 -8.00
CA GLY B 414 -46.65 30.77 -8.18
C GLY B 414 -47.34 29.62 -8.90
N ASP C 2 -25.20 -3.97 -41.97
CA ASP C 2 -25.76 -2.63 -42.15
C ASP C 2 -24.74 -1.69 -42.78
N TYR C 3 -23.46 -2.00 -42.63
CA TYR C 3 -22.37 -1.19 -43.15
C TYR C 3 -21.36 -2.09 -43.85
N ASP C 4 -20.49 -1.45 -44.64
CA ASP C 4 -19.39 -2.16 -45.30
C ASP C 4 -18.16 -2.26 -44.40
N LEU C 5 -17.75 -1.12 -43.82
CA LEU C 5 -16.66 -1.13 -42.86
C LEU C 5 -16.88 0.02 -41.88
N VAL C 6 -16.53 -0.21 -40.61
CA VAL C 6 -16.73 0.75 -39.55
C VAL C 6 -15.40 0.98 -38.83
N VAL C 7 -15.15 2.22 -38.44
CA VAL C 7 -13.93 2.60 -37.74
C VAL C 7 -14.24 2.73 -36.25
N VAL C 8 -13.55 1.94 -35.42
CA VAL C 8 -13.74 1.98 -33.98
C VAL C 8 -12.74 2.97 -33.41
N GLY C 9 -13.22 4.15 -33.04
CA GLY C 9 -12.36 5.19 -32.49
C GLY C 9 -12.72 6.58 -32.97
N GLY C 10 -13.19 7.43 -32.07
CA GLY C 10 -13.58 8.77 -32.44
C GLY C 10 -12.49 9.80 -32.27
N GLY C 11 -11.25 9.34 -32.15
CA GLY C 11 -10.12 10.24 -32.05
C GLY C 11 -9.82 10.91 -33.38
N ILE C 12 -8.79 11.76 -33.36
CA ILE C 12 -8.42 12.49 -34.56
C ILE C 12 -7.87 11.54 -35.62
N VAL C 13 -7.32 10.40 -35.21
CA VAL C 13 -6.83 9.41 -36.17
C VAL C 13 -7.99 8.66 -36.80
N GLY C 14 -8.93 8.16 -35.98
CA GLY C 14 -10.06 7.44 -36.51
C GLY C 14 -11.00 8.31 -37.34
N ALA C 15 -11.14 9.59 -36.95
CA ALA C 15 -12.01 10.50 -37.70
C ALA C 15 -11.38 10.86 -39.05
N ALA C 16 -10.09 11.14 -39.06
CA ALA C 16 -9.42 11.50 -40.32
C ALA C 16 -9.36 10.32 -41.27
N SER C 17 -9.19 9.11 -40.73
CA SER C 17 -9.14 7.92 -41.58
C SER C 17 -10.50 7.63 -42.19
N ALA C 18 -11.55 7.66 -41.37
CA ALA C 18 -12.90 7.43 -41.88
C ALA C 18 -13.32 8.53 -42.84
N ARG C 19 -12.85 9.77 -42.63
CA ARG C 19 -13.10 10.84 -43.57
C ARG C 19 -12.40 10.56 -44.91
N GLU C 20 -11.11 10.23 -44.85
CA GLU C 20 -10.32 10.07 -46.07
C GLU C 20 -10.79 8.89 -46.91
N ILE C 21 -11.27 7.82 -46.27
CA ILE C 21 -11.61 6.62 -47.02
C ILE C 21 -12.91 6.79 -47.80
N VAL C 22 -13.86 7.56 -47.28
CA VAL C 22 -15.13 7.77 -47.98
C VAL C 22 -15.08 8.95 -48.94
N LEU C 23 -14.04 9.80 -48.84
CA LEU C 23 -13.84 10.82 -49.86
C LEU C 23 -13.38 10.20 -51.17
N ARG C 24 -12.43 9.27 -51.09
CA ARG C 24 -11.97 8.58 -52.29
C ARG C 24 -12.92 7.48 -52.71
N HIS C 25 -13.68 6.92 -51.77
CA HIS C 25 -14.64 5.83 -52.05
C HIS C 25 -15.99 6.22 -51.47
N PRO C 26 -16.72 7.12 -52.13
CA PRO C 26 -18.04 7.53 -51.62
C PRO C 26 -19.09 6.43 -51.69
N SER C 27 -18.82 5.34 -52.40
CA SER C 27 -19.76 4.24 -52.54
C SER C 27 -19.67 3.24 -51.39
N LEU C 28 -18.93 3.56 -50.32
CA LEU C 28 -18.72 2.65 -49.21
C LEU C 28 -19.45 3.19 -47.98
N LYS C 29 -20.39 2.41 -47.46
CA LYS C 29 -21.11 2.78 -46.24
C LYS C 29 -20.16 2.63 -45.05
N VAL C 30 -19.61 3.76 -44.59
CA VAL C 30 -18.64 3.78 -43.52
C VAL C 30 -19.28 4.37 -42.27
N ALA C 31 -19.10 3.71 -41.13
CA ALA C 31 -19.57 4.17 -39.85
C ALA C 31 -18.39 4.35 -38.90
N VAL C 32 -18.66 5.00 -37.76
CA VAL C 32 -17.65 5.22 -36.73
C VAL C 32 -18.28 4.96 -35.37
N LEU C 33 -17.63 4.14 -34.56
CA LEU C 33 -18.09 3.83 -33.22
C LEU C 33 -17.20 4.52 -32.19
N GLU C 34 -17.82 5.30 -31.30
CA GLU C 34 -17.11 6.01 -30.25
C GLU C 34 -17.79 5.71 -28.92
N LYS C 35 -16.97 5.43 -27.90
CA LYS C 35 -17.49 5.05 -26.60
C LYS C 35 -17.89 6.23 -25.73
N GLU C 36 -17.60 7.46 -26.16
CA GLU C 36 -17.86 8.66 -25.38
C GLU C 36 -19.02 9.45 -25.98
N CYS C 37 -19.40 10.52 -25.26
CA CYS C 37 -20.48 11.40 -25.72
C CYS C 37 -20.10 12.09 -27.03
N LYS C 38 -18.92 12.70 -27.08
CA LYS C 38 -18.49 13.52 -28.21
C LYS C 38 -17.19 12.97 -28.77
N LEU C 39 -16.70 13.63 -29.82
CA LEU C 39 -15.45 13.28 -30.46
C LEU C 39 -14.28 13.98 -29.79
N ALA C 40 -13.12 13.32 -29.81
CA ALA C 40 -11.88 13.84 -29.20
C ALA C 40 -12.10 14.17 -27.72
N LYS C 41 -12.36 13.11 -26.95
CA LYS C 41 -12.55 13.24 -25.51
C LYS C 41 -11.33 12.80 -24.71
N HIS C 42 -10.31 12.20 -25.35
CA HIS C 42 -9.16 11.68 -24.63
C HIS C 42 -7.92 12.36 -25.17
N GLN C 43 -7.14 11.69 -26.03
CA GLN C 43 -5.83 12.22 -26.40
C GLN C 43 -5.95 13.48 -27.25
N SER C 44 -6.70 13.41 -28.34
CA SER C 44 -6.88 14.55 -29.23
C SER C 44 -7.83 15.59 -28.66
N GLY C 45 -8.26 15.45 -27.40
CA GLY C 45 -9.08 16.44 -26.76
C GLY C 45 -8.42 17.01 -25.51
N HIS C 46 -7.21 16.53 -25.22
CA HIS C 46 -6.44 16.98 -24.07
C HIS C 46 -4.96 17.06 -24.45
N ASN C 47 -4.67 17.74 -25.55
CA ASN C 47 -3.32 17.93 -26.05
C ASN C 47 -2.89 19.38 -25.85
N SER C 48 -1.61 19.63 -26.13
CA SER C 48 -1.05 20.98 -26.03
C SER C 48 -1.48 21.86 -27.19
N GLY C 49 -2.04 21.29 -28.25
CA GLY C 49 -2.53 22.08 -29.37
C GLY C 49 -1.44 22.68 -30.24
N VAL C 50 -0.36 21.98 -30.46
CA VAL C 50 0.72 22.58 -31.29
C VAL C 50 0.75 21.89 -32.66
N ILE C 51 0.99 22.66 -33.70
CA ILE C 51 1.18 22.08 -35.06
C ILE C 51 2.69 22.01 -35.17
N HIS C 52 3.25 20.81 -35.17
CA HIS C 52 4.71 20.66 -35.16
C HIS C 52 5.28 20.77 -36.56
N ALA C 53 6.41 21.45 -36.69
CA ALA C 53 7.18 21.66 -37.93
C ALA C 53 7.90 20.38 -38.38
N GLY C 54 8.44 19.62 -37.45
CA GLY C 54 9.21 18.39 -37.70
C GLY C 54 10.70 18.61 -37.60
N ILE C 55 11.22 18.66 -36.38
CA ILE C 55 12.62 18.93 -36.12
C ILE C 55 13.30 17.77 -35.39
N TYR C 56 12.62 17.19 -34.40
CA TYR C 56 13.23 16.15 -33.58
C TYR C 56 13.43 14.84 -34.34
N TYR C 57 12.68 14.61 -35.40
CA TYR C 57 12.65 13.30 -36.04
C TYR C 57 13.79 13.15 -37.04
N LYS C 58 14.41 11.97 -37.04
CA LYS C 58 15.58 11.75 -37.89
C LYS C 58 15.19 11.82 -39.36
N PRO C 59 16.02 12.43 -40.20
CA PRO C 59 15.65 12.55 -41.62
C PRO C 59 15.60 11.20 -42.31
N GLY C 60 14.75 11.12 -43.34
CA GLY C 60 14.58 9.90 -44.09
C GLY C 60 13.70 8.87 -43.44
N THR C 61 13.21 9.11 -42.24
CA THR C 61 12.34 8.16 -41.54
C THR C 61 10.89 8.39 -41.94
N LEU C 62 10.00 7.56 -41.38
CA LEU C 62 8.58 7.69 -41.67
C LEU C 62 7.95 8.85 -40.91
N LYS C 63 8.28 8.99 -39.62
CA LYS C 63 7.70 10.06 -38.82
C LYS C 63 8.15 11.43 -39.30
N ALA C 64 9.38 11.54 -39.83
CA ALA C 64 9.87 12.82 -40.32
C ALA C 64 9.14 13.24 -41.59
N ARG C 65 8.66 12.28 -42.38
CA ARG C 65 7.92 12.60 -43.60
C ARG C 65 6.45 12.89 -43.35
N LEU C 66 5.80 12.09 -42.50
CA LEU C 66 4.37 12.31 -42.24
C LEU C 66 4.12 13.61 -41.48
N CYS C 67 5.04 14.01 -40.59
CA CYS C 67 4.85 15.24 -39.85
C CYS C 67 4.95 16.46 -40.76
N VAL C 68 5.98 16.50 -41.61
CA VAL C 68 6.14 17.63 -42.53
C VAL C 68 5.00 17.66 -43.53
N GLU C 69 4.60 16.49 -44.03
CA GLU C 69 3.48 16.44 -44.96
C GLU C 69 2.17 16.76 -44.25
N GLY C 70 1.97 16.24 -43.04
CA GLY C 70 0.76 16.52 -42.30
C GLY C 70 0.66 17.97 -41.86
N MET C 71 1.79 18.60 -41.55
CA MET C 71 1.77 20.00 -41.14
C MET C 71 1.31 20.89 -42.28
N HIS C 72 1.68 20.56 -43.51
CA HIS C 72 1.20 21.32 -44.66
C HIS C 72 -0.23 20.95 -45.03
N LEU C 73 -0.61 19.68 -44.86
CA LEU C 73 -2.00 19.29 -45.10
C LEU C 73 -2.95 19.89 -44.07
N ALA C 74 -2.48 20.06 -42.83
CA ALA C 74 -3.33 20.62 -41.79
C ALA C 74 -3.55 22.12 -42.01
N TYR C 75 -2.47 22.86 -42.27
CA TYR C 75 -2.61 24.30 -42.53
C TYR C 75 -3.50 24.56 -43.73
N ALA C 76 -3.36 23.76 -44.79
CA ALA C 76 -4.24 23.90 -45.95
C ALA C 76 -5.67 23.50 -45.60
N TYR C 77 -5.84 22.62 -44.62
CA TYR C 77 -7.18 22.22 -44.22
C TYR C 77 -7.85 23.27 -43.35
N LEU C 78 -7.07 23.96 -42.51
CA LEU C 78 -7.65 24.97 -41.63
C LEU C 78 -8.17 26.17 -42.40
N ASP C 79 -7.53 26.51 -43.52
CA ASP C 79 -8.00 27.64 -44.33
C ASP C 79 -9.24 27.28 -45.15
N GLU C 80 -9.34 26.03 -45.61
CA GLU C 80 -10.51 25.63 -46.39
C GLU C 80 -11.77 25.62 -45.54
N LYS C 81 -11.66 25.18 -44.28
CA LYS C 81 -12.79 25.13 -43.37
C LYS C 81 -12.90 26.37 -42.50
N LYS C 82 -11.96 27.30 -42.61
CA LYS C 82 -11.95 28.54 -41.82
C LYS C 82 -11.94 28.23 -40.32
N ILE C 83 -10.97 27.43 -39.89
CA ILE C 83 -10.79 27.08 -38.49
C ILE C 83 -9.73 28.00 -37.90
N PRO C 84 -9.99 28.65 -36.77
CA PRO C 84 -9.02 29.61 -36.23
C PRO C 84 -7.73 28.94 -35.80
N TYR C 85 -6.61 29.62 -36.05
CA TYR C 85 -5.30 29.14 -35.65
C TYR C 85 -4.34 30.32 -35.62
N LYS C 86 -3.38 30.26 -34.70
CA LYS C 86 -2.38 31.31 -34.53
C LYS C 86 -1.01 30.73 -34.78
N LYS C 87 -0.28 31.29 -35.74
CA LYS C 87 1.08 30.88 -36.05
C LYS C 87 2.04 31.68 -35.17
N THR C 88 2.53 31.04 -34.10
CA THR C 88 3.44 31.68 -33.16
C THR C 88 4.82 31.05 -33.25
N GLY C 89 5.82 31.78 -32.76
CA GLY C 89 7.18 31.30 -32.81
C GLY C 89 7.40 30.08 -31.94
N LYS C 90 8.42 29.31 -32.29
CA LYS C 90 8.83 28.14 -31.54
C LYS C 90 10.31 28.27 -31.22
N LEU C 91 10.65 28.38 -29.95
CA LEU C 91 12.02 28.62 -29.50
C LEU C 91 12.50 27.42 -28.70
N ILE C 92 13.37 26.61 -29.31
CA ILE C 92 14.02 25.51 -28.61
C ILE C 92 15.31 26.08 -28.00
N VAL C 93 15.24 26.48 -26.73
CA VAL C 93 16.29 27.24 -26.08
C VAL C 93 17.20 26.28 -25.32
N ALA C 94 18.50 26.47 -25.46
CA ALA C 94 19.51 25.74 -24.69
C ALA C 94 20.00 26.62 -23.54
N THR C 95 20.25 25.99 -22.39
CA THR C 95 20.62 26.71 -21.19
C THR C 95 22.09 26.59 -20.80
N ASP C 96 22.80 25.59 -21.31
CA ASP C 96 24.21 25.41 -20.99
C ASP C 96 24.94 24.88 -22.22
N GLU C 97 26.25 24.68 -22.07
CA GLU C 97 27.06 24.20 -23.19
C GLU C 97 26.80 22.74 -23.52
N LYS C 98 26.13 22.00 -22.62
CA LYS C 98 25.82 20.61 -22.88
C LYS C 98 24.58 20.44 -23.76
N GLU C 99 23.69 21.44 -23.79
CA GLU C 99 22.47 21.34 -24.57
C GLU C 99 22.59 21.92 -25.97
N VAL C 100 23.59 22.78 -26.21
CA VAL C 100 23.75 23.34 -27.55
C VAL C 100 24.31 22.29 -28.50
N LYS C 101 25.14 21.37 -28.00
CA LYS C 101 25.57 20.26 -28.83
C LYS C 101 24.38 19.43 -29.27
N LEU C 102 23.43 19.18 -28.37
CA LEU C 102 22.17 18.58 -28.77
C LEU C 102 21.37 19.52 -29.67
N LEU C 103 21.40 20.82 -29.37
CA LEU C 103 20.71 21.79 -30.21
C LEU C 103 21.32 21.88 -31.59
N LYS C 104 22.64 21.65 -31.70
CA LYS C 104 23.28 21.64 -33.01
C LYS C 104 22.90 20.41 -33.81
N ASP C 105 22.58 19.30 -33.13
CA ASP C 105 22.08 18.13 -33.83
C ASP C 105 20.64 18.33 -34.30
N LEU C 106 19.80 18.91 -33.44
CA LEU C 106 18.46 19.28 -33.88
C LEU C 106 18.49 20.35 -34.96
N GLU C 107 19.59 21.09 -35.08
CA GLU C 107 19.73 22.07 -36.15
C GLU C 107 19.83 21.36 -37.50
N LYS C 108 20.89 20.58 -37.70
CA LYS C 108 21.07 19.88 -38.97
C LYS C 108 19.94 18.91 -39.25
N ARG C 109 19.35 18.32 -38.21
CA ARG C 109 18.26 17.38 -38.41
C ARG C 109 16.99 18.09 -38.89
N GLY C 110 16.76 19.32 -38.43
CA GLY C 110 15.59 20.07 -38.87
C GLY C 110 15.71 20.61 -40.28
N ILE C 111 16.92 21.01 -40.70
CA ILE C 111 17.10 21.55 -42.04
C ILE C 111 16.93 20.46 -43.10
N ALA C 112 17.33 19.23 -42.78
CA ALA C 112 17.22 18.14 -43.74
C ALA C 112 15.76 17.79 -44.04
N ASN C 113 14.87 17.99 -43.06
CA ASN C 113 13.45 17.72 -43.26
C ASN C 113 12.74 18.84 -44.00
N ASN C 114 13.47 19.88 -44.42
CA ASN C 114 12.91 20.99 -45.20
C ASN C 114 11.80 21.71 -44.43
N VAL C 115 12.10 22.09 -43.20
CA VAL C 115 11.16 22.89 -42.41
C VAL C 115 11.26 24.34 -42.89
N PRO C 116 10.16 25.07 -42.97
CA PRO C 116 10.19 26.39 -43.61
C PRO C 116 10.85 27.43 -42.72
N ASP C 117 11.92 28.05 -43.25
CA ASP C 117 12.55 29.23 -42.65
C ASP C 117 12.99 28.97 -41.21
N LEU C 118 13.94 28.07 -41.06
CA LEU C 118 14.51 27.74 -39.76
C LEU C 118 15.82 28.50 -39.57
N ARG C 119 15.92 29.24 -38.46
CA ARG C 119 17.10 30.04 -38.18
C ARG C 119 17.63 29.68 -36.79
N MET C 120 18.94 29.83 -36.63
CA MET C 120 19.63 29.55 -35.37
C MET C 120 20.12 30.87 -34.78
N ILE C 121 19.48 31.33 -33.72
CA ILE C 121 19.82 32.60 -33.09
C ILE C 121 20.69 32.34 -31.87
N GLU C 122 21.50 33.33 -31.53
CA GLU C 122 22.35 33.27 -30.34
C GLU C 122 21.64 33.97 -29.18
N GLY C 123 22.36 34.17 -28.08
CA GLY C 123 21.77 34.76 -26.90
C GLY C 123 21.35 36.20 -27.06
N SER C 124 21.89 36.91 -28.06
CA SER C 124 21.55 38.32 -28.24
C SER C 124 20.15 38.49 -28.82
N GLU C 125 19.72 37.57 -29.68
CA GLU C 125 18.43 37.67 -30.37
C GLU C 125 17.33 36.87 -29.71
N ILE C 126 17.58 36.29 -28.54
CA ILE C 126 16.54 35.53 -27.85
C ILE C 126 15.43 36.46 -27.38
N GLN C 127 15.79 37.63 -26.83
CA GLN C 127 14.79 38.59 -26.39
C GLN C 127 14.06 39.22 -27.56
N GLU C 128 14.62 39.16 -28.78
CA GLU C 128 13.93 39.71 -29.94
C GLU C 128 12.68 38.91 -30.29
N ILE C 129 12.67 37.62 -29.98
CA ILE C 129 11.51 36.77 -30.18
C ILE C 129 10.72 36.58 -28.89
N GLU C 130 11.42 36.43 -27.77
CA GLU C 130 10.78 36.24 -26.47
C GLU C 130 11.55 37.10 -25.45
N PRO C 131 11.02 38.28 -25.11
CA PRO C 131 11.80 39.20 -24.26
C PRO C 131 12.01 38.72 -22.83
N TYR C 132 11.24 37.74 -22.37
CA TYR C 132 11.31 37.29 -20.98
C TYR C 132 12.08 35.99 -20.81
N CYS C 133 12.65 35.43 -21.87
CA CYS C 133 13.30 34.14 -21.82
C CYS C 133 14.81 34.28 -21.90
N GLN C 134 15.51 33.55 -21.04
CA GLN C 134 16.97 33.53 -21.03
C GLN C 134 17.46 32.44 -22.01
N GLY C 135 18.74 32.14 -21.96
CA GLY C 135 19.30 31.05 -22.75
C GLY C 135 20.64 31.36 -23.41
N VAL C 136 21.44 30.31 -23.60
CA VAL C 136 22.70 30.46 -24.30
C VAL C 136 22.48 30.51 -25.82
N MET C 137 21.70 29.58 -26.34
CA MET C 137 21.37 29.54 -27.75
C MET C 137 19.93 29.05 -27.91
N ALA C 138 19.29 29.45 -29.00
CA ALA C 138 17.91 29.11 -29.24
C ALA C 138 17.71 28.75 -30.71
N LEU C 139 16.66 27.96 -30.97
CA LEU C 139 16.31 27.54 -32.32
C LEU C 139 14.90 28.04 -32.61
N HIS C 140 14.78 28.89 -33.62
CA HIS C 140 13.53 29.59 -33.93
C HIS C 140 12.89 28.99 -35.17
N SER C 141 11.67 28.45 -35.01
CA SER C 141 10.87 27.92 -36.11
C SER C 141 9.57 28.72 -36.19
N PRO C 142 9.53 29.77 -37.01
CA PRO C 142 8.34 30.64 -37.06
C PRO C 142 7.15 30.03 -37.79
N HIS C 143 7.27 28.82 -38.33
CA HIS C 143 6.18 28.19 -39.06
C HIS C 143 5.23 27.42 -38.15
N THR C 144 5.62 27.13 -36.91
CA THR C 144 4.76 26.41 -35.99
C THR C 144 3.57 27.28 -35.60
N GLY C 145 2.45 26.62 -35.26
CA GLY C 145 1.26 27.32 -34.84
C GLY C 145 0.51 26.54 -33.79
N ILE C 146 -0.56 27.14 -33.28
CA ILE C 146 -1.41 26.53 -32.27
C ILE C 146 -2.83 26.42 -32.82
N VAL C 147 -3.53 25.37 -32.42
CA VAL C 147 -4.87 25.10 -32.89
C VAL C 147 -5.56 24.17 -31.90
N ASP C 148 -6.89 24.24 -31.86
CA ASP C 148 -7.68 23.32 -31.03
C ASP C 148 -7.90 22.04 -31.83
N TRP C 149 -7.12 21.01 -31.52
CA TRP C 149 -7.28 19.74 -32.23
C TRP C 149 -8.61 19.06 -31.92
N GLY C 150 -9.25 19.41 -30.81
CA GLY C 150 -10.59 18.92 -30.56
C GLY C 150 -11.60 19.44 -31.55
N LEU C 151 -11.49 20.73 -31.90
CA LEU C 151 -12.33 21.29 -32.96
C LEU C 151 -11.93 20.73 -34.33
N VAL C 152 -10.64 20.49 -34.53
CA VAL C 152 -10.19 19.89 -35.79
C VAL C 152 -10.73 18.48 -35.92
N THR C 153 -10.80 17.74 -34.81
CA THR C 153 -11.34 16.39 -34.85
C THR C 153 -12.83 16.40 -35.18
N GLU C 154 -13.58 17.35 -34.61
CA GLU C 154 -15.00 17.42 -34.91
C GLU C 154 -15.25 17.82 -36.35
N HIS C 155 -14.41 18.69 -36.91
CA HIS C 155 -14.55 19.05 -38.31
C HIS C 155 -14.27 17.88 -39.23
N TYR C 156 -13.42 16.94 -38.80
CA TYR C 156 -13.24 15.71 -39.57
C TYR C 156 -14.52 14.89 -39.59
N GLY C 157 -15.17 14.73 -38.43
CA GLY C 157 -16.42 14.02 -38.38
C GLY C 157 -17.55 14.71 -39.11
N GLN C 158 -17.51 16.05 -39.15
CA GLN C 158 -18.50 16.79 -39.93
C GLN C 158 -18.40 16.44 -41.41
N ASP C 159 -17.22 16.62 -41.99
CA ASP C 159 -17.01 16.24 -43.39
C ASP C 159 -17.18 14.74 -43.61
N PHE C 160 -17.08 13.93 -42.55
CA PHE C 160 -17.24 12.49 -42.69
C PHE C 160 -18.67 12.11 -43.02
N LYS C 161 -19.63 12.58 -42.22
CA LYS C 161 -21.03 12.23 -42.45
C LYS C 161 -21.73 13.16 -43.43
N GLN C 162 -21.06 14.23 -43.88
CA GLN C 162 -21.60 14.99 -45.00
C GLN C 162 -21.47 14.23 -46.32
N CYS C 163 -20.62 13.20 -46.37
CA CYS C 163 -20.48 12.35 -47.54
C CYS C 163 -21.24 11.04 -47.38
N GLY C 164 -22.04 10.89 -46.34
CA GLY C 164 -22.83 9.70 -46.12
C GLY C 164 -22.43 8.85 -44.94
N GLY C 165 -21.50 9.31 -44.10
CA GLY C 165 -21.07 8.53 -42.96
C GLY C 165 -22.06 8.58 -41.81
N ASP C 166 -21.81 7.74 -40.81
CA ASP C 166 -22.63 7.70 -39.60
C ASP C 166 -21.71 7.59 -38.39
N ILE C 167 -21.85 8.52 -37.46
CA ILE C 167 -21.04 8.54 -36.23
C ILE C 167 -21.92 8.04 -35.09
N TYR C 168 -21.59 6.87 -34.55
CA TYR C 168 -22.33 6.27 -33.46
C TYR C 168 -21.61 6.60 -32.16
N LEU C 169 -22.06 7.66 -31.49
CA LEU C 169 -21.49 8.06 -30.21
C LEU C 169 -22.14 7.26 -29.08
N ASP C 170 -21.48 7.27 -27.92
CA ASP C 170 -21.91 6.48 -26.77
C ASP C 170 -22.02 5.00 -27.13
N PHE C 171 -21.07 4.52 -27.93
CA PHE C 171 -21.04 3.13 -28.39
C PHE C 171 -19.75 2.51 -27.87
N ASN C 172 -19.85 1.77 -26.76
CA ASN C 172 -18.69 1.15 -26.14
C ASN C 172 -18.56 -0.27 -26.69
N VAL C 173 -17.64 -0.45 -27.64
CA VAL C 173 -17.42 -1.75 -28.24
C VAL C 173 -16.88 -2.70 -27.18
N SER C 174 -17.61 -3.79 -26.93
CA SER C 174 -17.24 -4.75 -25.90
C SER C 174 -17.05 -6.17 -26.39
N LYS C 175 -17.52 -6.51 -27.60
CA LYS C 175 -17.39 -7.87 -28.10
C LYS C 175 -17.58 -7.87 -29.61
N PHE C 176 -16.82 -8.73 -30.28
CA PHE C 176 -16.98 -8.99 -31.71
C PHE C 176 -17.48 -10.41 -31.90
N THR C 177 -18.50 -10.58 -32.75
CA THR C 177 -19.09 -11.88 -33.00
C THR C 177 -19.28 -12.07 -34.50
N GLU C 178 -19.47 -13.33 -34.89
CA GLU C 178 -19.76 -13.70 -36.27
C GLU C 178 -21.26 -13.89 -36.41
N THR C 179 -21.85 -13.24 -37.41
CA THR C 179 -23.30 -13.27 -37.61
C THR C 179 -23.78 -14.68 -37.96
N TYR C 185 -22.60 -9.39 -44.62
CA TYR C 185 -22.12 -8.83 -43.37
C TYR C 185 -21.81 -9.94 -42.37
N PRO C 186 -20.61 -10.50 -42.43
CA PRO C 186 -20.27 -11.65 -41.58
C PRO C 186 -19.96 -11.28 -40.14
N VAL C 187 -19.29 -10.14 -39.93
CA VAL C 187 -18.86 -9.76 -38.59
C VAL C 187 -19.97 -8.94 -37.92
N THR C 188 -19.94 -8.94 -36.59
CA THR C 188 -20.94 -8.26 -35.78
C THR C 188 -20.26 -7.61 -34.58
N ILE C 189 -20.62 -6.36 -34.30
CA ILE C 189 -20.06 -5.60 -33.19
C ILE C 189 -21.15 -5.35 -32.16
N HIS C 190 -20.81 -5.51 -30.89
CA HIS C 190 -21.76 -5.38 -29.79
C HIS C 190 -21.30 -4.26 -28.85
N GLY C 191 -22.23 -3.37 -28.50
CA GLY C 191 -21.95 -2.31 -27.57
C GLY C 191 -22.17 -2.74 -26.13
N ALA C 192 -21.90 -1.79 -25.21
CA ALA C 192 -22.06 -2.07 -23.80
C ALA C 192 -23.52 -2.14 -23.38
N LYS C 193 -24.43 -1.57 -24.16
CA LYS C 193 -25.85 -1.64 -23.85
C LYS C 193 -26.51 -2.80 -24.58
N PRO C 194 -27.51 -3.44 -23.96
CA PRO C 194 -28.18 -4.57 -24.60
C PRO C 194 -28.94 -4.13 -25.85
N GLY C 195 -28.90 -4.98 -26.87
CA GLY C 195 -29.51 -4.68 -28.15
C GLY C 195 -28.72 -3.76 -29.05
N GLN C 196 -27.84 -2.94 -28.48
CA GLN C 196 -27.00 -2.03 -29.26
C GLN C 196 -25.96 -2.84 -30.02
N THR C 197 -26.22 -3.10 -31.30
CA THR C 197 -25.33 -3.90 -32.12
C THR C 197 -25.26 -3.32 -33.52
N VAL C 198 -24.15 -3.61 -34.20
CA VAL C 198 -23.92 -3.16 -35.57
C VAL C 198 -23.21 -4.28 -36.32
N ARG C 199 -23.75 -4.65 -37.48
CA ARG C 199 -23.16 -5.67 -38.33
C ARG C 199 -22.51 -5.01 -39.55
N THR C 200 -21.37 -5.57 -39.97
CA THR C 200 -20.64 -5.05 -41.11
C THR C 200 -19.82 -6.18 -41.72
N LYS C 201 -18.90 -5.84 -42.62
CA LYS C 201 -18.04 -6.81 -43.27
C LYS C 201 -16.62 -6.82 -42.69
N ASN C 202 -15.99 -5.65 -42.60
CA ASN C 202 -14.69 -5.52 -41.97
C ASN C 202 -14.72 -4.29 -41.08
N VAL C 203 -13.66 -4.11 -40.29
CA VAL C 203 -13.53 -2.97 -39.37
C VAL C 203 -12.12 -2.44 -39.43
N LEU C 204 -11.87 -1.35 -38.70
CA LEU C 204 -10.53 -0.83 -38.49
C LEU C 204 -10.55 -0.03 -37.18
N THR C 205 -9.82 -0.50 -36.18
CA THR C 205 -9.87 0.07 -34.84
C THR C 205 -8.68 1.00 -34.60
N CYS C 206 -8.96 2.14 -33.98
CA CYS C 206 -7.94 3.10 -33.55
C CYS C 206 -8.27 3.48 -32.10
N GLY C 207 -8.17 2.51 -31.20
CA GLY C 207 -8.62 2.66 -29.83
C GLY C 207 -7.80 3.57 -28.96
N GLY C 208 -6.68 4.10 -29.45
CA GLY C 208 -5.85 4.99 -28.66
C GLY C 208 -5.32 4.37 -27.39
N LEU C 209 -5.90 4.74 -26.24
CA LEU C 209 -5.44 4.22 -24.96
C LEU C 209 -5.83 2.76 -24.77
N GLN C 210 -6.81 2.25 -25.52
CA GLN C 210 -7.19 0.84 -25.47
C GLN C 210 -6.90 0.16 -26.80
N SER C 211 -5.75 0.48 -27.40
CA SER C 211 -5.38 -0.13 -28.67
C SER C 211 -5.18 -1.63 -28.51
N ASP C 212 -4.52 -2.05 -27.42
CA ASP C 212 -4.21 -3.46 -27.22
C ASP C 212 -5.43 -4.23 -26.71
N LEU C 213 -6.28 -3.60 -25.90
CA LEU C 213 -7.43 -4.29 -25.35
C LEU C 213 -8.46 -4.59 -26.43
N LEU C 214 -8.62 -3.69 -27.40
CA LEU C 214 -9.45 -4.00 -28.56
C LEU C 214 -8.85 -5.12 -29.38
N ALA C 215 -7.52 -5.16 -29.47
CA ALA C 215 -6.86 -6.22 -30.23
C ALA C 215 -6.85 -7.55 -29.50
N GLU C 216 -7.08 -7.55 -28.19
CA GLU C 216 -7.15 -8.81 -27.46
C GLU C 216 -8.50 -9.51 -27.66
N LYS C 217 -9.52 -8.80 -28.12
CA LYS C 217 -10.84 -9.36 -28.34
C LYS C 217 -11.05 -9.85 -29.77
N THR C 218 -9.97 -10.16 -30.49
CA THR C 218 -10.07 -10.70 -31.84
C THR C 218 -9.13 -11.89 -32.01
N GLY C 219 -8.01 -11.89 -31.31
CA GLY C 219 -7.03 -12.95 -31.44
C GLY C 219 -5.61 -12.44 -31.56
N CYS C 220 -5.40 -11.14 -31.35
CA CYS C 220 -4.05 -10.60 -31.38
C CYS C 220 -3.37 -10.80 -30.03
N PRO C 221 -2.03 -10.89 -30.02
CA PRO C 221 -1.32 -11.07 -28.75
C PRO C 221 -1.40 -9.85 -27.84
N ARG C 222 -0.81 -9.95 -26.65
CA ARG C 222 -0.82 -8.81 -25.73
C ARG C 222 0.09 -7.70 -26.22
N ASP C 223 1.27 -8.05 -26.75
CA ASP C 223 2.21 -7.06 -27.25
C ASP C 223 1.74 -6.51 -28.60
N PRO C 224 1.93 -5.22 -28.86
CA PRO C 224 2.50 -4.25 -27.91
C PRO C 224 1.47 -3.69 -26.93
N ARG C 225 1.81 -3.66 -25.65
CA ARG C 225 0.89 -3.19 -24.63
C ARG C 225 0.94 -1.67 -24.53
N ILE C 226 -0.23 -1.07 -24.32
CA ILE C 226 -0.33 0.39 -24.19
C ILE C 226 -0.05 0.76 -22.74
N VAL C 227 1.00 1.54 -22.52
CA VAL C 227 1.41 1.96 -21.19
C VAL C 227 0.98 3.43 -21.01
N PRO C 228 0.12 3.74 -20.04
CA PRO C 228 -0.38 5.11 -19.91
C PRO C 228 0.65 6.02 -19.25
N PHE C 229 0.89 7.18 -19.86
CA PHE C 229 1.78 8.20 -19.33
C PHE C 229 1.01 9.51 -19.22
N ARG C 230 0.80 9.97 -17.99
CA ARG C 230 0.03 11.19 -17.78
C ARG C 230 0.85 12.42 -18.16
N GLY C 231 0.18 13.38 -18.79
CA GLY C 231 0.81 14.64 -19.14
C GLY C 231 0.16 15.82 -18.47
N GLU C 232 0.73 16.27 -17.36
CA GLU C 232 0.12 17.30 -16.54
C GLU C 232 0.54 18.69 -17.00
N TYR C 233 -0.35 19.67 -16.78
CA TYR C 233 -0.12 21.05 -17.18
C TYR C 233 -0.28 21.97 -15.99
N LEU C 234 0.38 23.13 -16.06
CA LEU C 234 0.26 24.19 -15.07
C LEU C 234 -0.20 25.46 -15.76
N LEU C 235 -1.20 26.13 -15.17
CA LEU C 235 -1.81 27.31 -15.76
C LEU C 235 -1.19 28.55 -15.16
N LEU C 236 -0.48 29.32 -15.98
CA LEU C 236 0.05 30.60 -15.53
C LEU C 236 -1.09 31.60 -15.39
N THR C 237 -1.01 32.47 -14.39
CA THR C 237 -2.06 33.43 -14.14
C THR C 237 -2.13 34.45 -15.28
N LYS C 238 -3.29 35.11 -15.39
CA LYS C 238 -3.50 36.09 -16.44
C LYS C 238 -2.60 37.31 -16.28
N GLU C 239 -2.02 37.52 -15.09
CA GLU C 239 -1.14 38.66 -14.89
C GLU C 239 0.10 38.57 -15.75
N LYS C 240 0.63 37.36 -15.93
CA LYS C 240 1.91 37.16 -16.60
C LYS C 240 1.78 36.42 -17.92
N GLN C 241 0.58 36.37 -18.50
CA GLN C 241 0.41 35.73 -19.81
C GLN C 241 1.15 36.47 -20.91
N HIS C 242 1.47 37.75 -20.70
CA HIS C 242 2.21 38.51 -21.70
C HIS C 242 3.68 38.11 -21.77
N MET C 243 4.19 37.43 -20.75
CA MET C 243 5.59 37.03 -20.72
C MET C 243 5.91 35.93 -21.73
N VAL C 244 4.91 35.30 -22.33
CA VAL C 244 5.11 34.24 -23.31
C VAL C 244 4.30 34.60 -24.54
N LYS C 245 4.98 34.85 -25.67
CA LYS C 245 4.30 35.21 -26.90
C LYS C 245 4.03 34.00 -27.79
N GLY C 246 5.01 33.13 -27.88
CA GLY C 246 4.94 31.92 -28.69
C GLY C 246 5.29 30.70 -27.87
N ASN C 247 5.68 29.64 -28.58
CA ASN C 247 6.10 28.39 -27.96
C ASN C 247 7.57 28.47 -27.58
N ILE C 248 7.89 28.01 -26.37
CA ILE C 248 9.26 27.95 -25.87
C ILE C 248 9.51 26.51 -25.45
N TYR C 249 10.27 25.78 -26.24
CA TYR C 249 10.55 24.39 -25.93
C TYR C 249 11.95 24.22 -25.36
N PRO C 250 12.15 23.26 -24.47
CA PRO C 250 13.50 22.94 -24.00
C PRO C 250 14.17 21.93 -24.92
N VAL C 251 15.46 21.72 -24.68
CA VAL C 251 16.25 20.72 -25.41
C VAL C 251 16.04 19.38 -24.72
N PRO C 252 15.31 18.45 -25.32
CA PRO C 252 14.97 17.20 -24.63
C PRO C 252 16.04 16.12 -24.84
N ASP C 253 15.91 15.07 -24.04
CA ASP C 253 16.77 13.91 -24.18
C ASP C 253 16.33 13.12 -25.41
N PRO C 254 17.20 12.95 -26.41
CA PRO C 254 16.78 12.26 -27.64
C PRO C 254 16.47 10.78 -27.44
N ARG C 255 16.82 10.20 -26.28
CA ARG C 255 16.50 8.80 -26.04
C ARG C 255 15.02 8.55 -25.84
N PHE C 256 14.25 9.58 -25.50
CA PHE C 256 12.83 9.42 -25.28
C PHE C 256 12.03 10.30 -26.24
N PRO C 257 10.87 9.84 -26.70
CA PRO C 257 10.06 10.67 -27.61
C PRO C 257 9.37 11.84 -26.92
N PHE C 258 9.41 11.92 -25.59
CA PHE C 258 8.79 13.04 -24.89
C PHE C 258 9.57 14.32 -25.16
N LEU C 259 8.83 15.41 -25.36
CA LEU C 259 9.43 16.69 -25.68
C LEU C 259 9.67 17.58 -24.46
N GLY C 260 9.30 17.11 -23.27
CA GLY C 260 9.53 17.86 -22.06
C GLY C 260 8.48 18.94 -21.83
N VAL C 261 8.46 19.45 -20.60
CA VAL C 261 7.55 20.51 -20.24
C VAL C 261 7.97 21.80 -20.92
N HIS C 262 7.04 22.44 -21.62
CA HIS C 262 7.33 23.63 -22.40
C HIS C 262 6.26 24.70 -22.16
N PHE C 263 6.55 25.90 -22.63
CA PHE C 263 5.65 27.05 -22.54
C PHE C 263 4.87 27.14 -23.84
N THR C 264 3.54 27.08 -23.76
CA THR C 264 2.73 27.04 -24.97
C THR C 264 1.47 27.87 -24.83
N PRO C 265 1.27 28.86 -25.70
CA PRO C 265 0.02 29.62 -25.68
C PRO C 265 -1.09 28.85 -26.39
N ARG C 266 -2.31 29.34 -26.23
CA ARG C 266 -3.50 28.68 -26.77
C ARG C 266 -4.40 29.72 -27.42
N MET C 267 -5.56 29.25 -27.90
CA MET C 267 -6.48 30.12 -28.62
C MET C 267 -7.15 31.12 -27.68
N ASP C 268 -7.55 30.66 -26.48
CA ASP C 268 -8.25 31.49 -25.52
C ASP C 268 -7.33 32.44 -24.77
N GLY C 269 -6.13 32.72 -25.29
CA GLY C 269 -5.18 33.56 -24.62
C GLY C 269 -4.41 32.91 -23.51
N SER C 270 -4.89 31.77 -22.98
CA SER C 270 -4.16 31.08 -21.93
C SER C 270 -2.88 30.48 -22.46
N ILE C 271 -1.81 30.58 -21.67
CA ILE C 271 -0.55 29.90 -21.94
C ILE C 271 -0.36 28.84 -20.87
N TRP C 272 0.00 27.63 -21.29
CA TRP C 272 0.07 26.49 -20.40
C TRP C 272 1.52 25.99 -20.30
N LEU C 273 1.84 25.42 -19.14
CA LEU C 273 3.17 24.90 -18.86
C LEU C 273 3.08 23.38 -18.76
N GLY C 274 3.61 22.70 -19.77
CA GLY C 274 3.57 21.25 -19.82
C GLY C 274 3.73 20.73 -21.23
N PRO C 275 3.49 19.42 -21.43
CA PRO C 275 3.18 18.46 -20.38
C PRO C 275 4.40 17.69 -19.90
N ASN C 276 4.26 16.95 -18.80
CA ASN C 276 5.33 16.12 -18.27
C ASN C 276 5.08 14.66 -18.65
N ALA C 277 5.98 13.79 -18.21
CA ALA C 277 5.91 12.35 -18.45
C ALA C 277 5.75 11.66 -17.11
N VAL C 278 4.51 11.45 -16.69
CA VAL C 278 4.20 10.82 -15.41
C VAL C 278 3.50 9.50 -15.69
N LEU C 279 4.05 8.41 -15.15
CA LEU C 279 3.44 7.09 -15.30
C LEU C 279 2.06 7.06 -14.66
N ALA C 280 1.02 6.97 -15.47
CA ALA C 280 -0.34 6.94 -14.96
C ALA C 280 -0.63 5.56 -14.37
N LEU C 281 -1.15 5.54 -13.14
CA LEU C 281 -1.55 4.31 -12.48
C LEU C 281 -2.92 3.81 -12.93
N LYS C 282 -3.36 4.23 -14.12
CA LYS C 282 -4.65 3.89 -14.68
C LYS C 282 -4.62 4.23 -16.16
N ARG C 283 -5.32 3.43 -16.96
CA ARG C 283 -5.35 3.66 -18.41
C ARG C 283 -5.85 5.06 -18.73
N GLU C 284 -6.94 5.48 -18.08
CA GLU C 284 -7.43 6.84 -18.23
C GLU C 284 -7.20 7.62 -16.94
N GLY C 285 -5.99 7.51 -16.39
CA GLY C 285 -5.67 8.17 -15.14
C GLY C 285 -5.29 9.63 -15.32
N TYR C 286 -6.29 10.49 -15.51
CA TYR C 286 -6.04 11.91 -15.66
C TYR C 286 -5.72 12.59 -14.33
N THR C 287 -6.08 11.97 -13.21
CA THR C 287 -5.72 12.45 -11.89
C THR C 287 -4.80 11.45 -11.21
N TRP C 288 -3.98 11.93 -10.28
CA TRP C 288 -3.03 11.04 -9.62
C TRP C 288 -3.73 10.08 -8.66
N GLY C 289 -4.81 10.52 -8.02
CA GLY C 289 -5.48 9.67 -7.06
C GLY C 289 -6.19 8.49 -7.68
N ASP C 290 -6.66 8.63 -8.93
CA ASP C 290 -7.41 7.57 -9.57
C ASP C 290 -6.48 6.42 -9.94
N ILE C 291 -6.71 5.26 -9.33
CA ILE C 291 -5.87 4.09 -9.51
C ILE C 291 -6.75 2.87 -9.77
N ASN C 292 -6.32 2.02 -10.69
CA ASN C 292 -6.98 0.75 -10.96
C ASN C 292 -5.99 -0.37 -10.67
N LEU C 293 -6.33 -1.24 -9.72
CA LEU C 293 -5.42 -2.31 -9.32
C LEU C 293 -5.26 -3.33 -10.43
N PHE C 294 -6.33 -3.62 -11.18
CA PHE C 294 -6.21 -4.58 -12.26
C PHE C 294 -5.43 -4.03 -13.44
N GLU C 295 -5.53 -2.73 -13.70
CA GLU C 295 -4.87 -2.15 -14.87
C GLU C 295 -3.36 -2.02 -14.70
N LEU C 296 -2.86 -2.12 -13.46
CA LEU C 296 -1.43 -2.11 -13.24
C LEU C 296 -0.84 -3.48 -12.89
N PHE C 297 -1.66 -4.40 -12.37
CA PHE C 297 -1.19 -5.77 -12.18
C PHE C 297 -0.74 -6.37 -13.51
N ASP C 298 -1.46 -6.06 -14.59
CA ASP C 298 -1.01 -6.45 -15.92
C ASP C 298 0.12 -5.56 -16.41
N ALA C 299 0.11 -4.28 -16.04
CA ALA C 299 1.20 -3.39 -16.39
C ALA C 299 2.49 -3.74 -15.66
N LEU C 300 2.38 -4.40 -14.50
CA LEU C 300 3.56 -4.87 -13.79
C LEU C 300 3.96 -6.27 -14.21
N ARG C 301 2.99 -7.13 -14.52
CA ARG C 301 3.28 -8.47 -15.03
C ARG C 301 3.69 -8.47 -16.49
N TYR C 302 3.72 -7.32 -17.14
CA TYR C 302 4.18 -7.23 -18.52
C TYR C 302 5.70 -7.29 -18.55
N PRO C 303 6.30 -8.18 -19.35
CA PRO C 303 7.76 -8.33 -19.33
C PRO C 303 8.50 -7.07 -19.76
N GLY C 304 7.97 -6.32 -20.73
CA GLY C 304 8.67 -5.14 -21.22
C GLY C 304 8.73 -4.03 -20.20
N PHE C 305 7.80 -4.03 -19.24
CA PHE C 305 7.78 -2.96 -18.25
C PHE C 305 8.97 -3.05 -17.32
N VAL C 306 9.36 -4.27 -16.92
CA VAL C 306 10.50 -4.43 -16.03
C VAL C 306 11.80 -4.08 -16.74
N LYS C 307 11.87 -4.30 -18.05
CA LYS C 307 13.08 -3.98 -18.80
C LYS C 307 13.26 -2.48 -18.95
N MET C 308 12.20 -1.75 -19.29
CA MET C 308 12.28 -0.30 -19.39
C MET C 308 12.56 0.32 -18.03
N ALA C 309 11.89 -0.17 -16.99
CA ALA C 309 12.13 0.35 -15.65
C ALA C 309 13.56 0.07 -15.19
N SER C 310 14.14 -1.05 -15.61
CA SER C 310 15.51 -1.35 -15.23
C SER C 310 16.49 -0.33 -15.80
N LYS C 311 16.13 0.31 -16.92
CA LYS C 311 17.03 1.23 -17.61
C LYS C 311 16.65 2.69 -17.43
N TYR C 312 15.38 3.01 -17.23
CA TYR C 312 14.90 4.39 -17.24
C TYR C 312 14.01 4.68 -16.05
N ILE C 313 14.32 4.11 -14.88
CA ILE C 313 13.50 4.39 -13.70
C ILE C 313 13.83 5.76 -13.11
N GLY C 314 15.07 6.23 -13.27
CA GLY C 314 15.45 7.50 -12.69
C GLY C 314 14.77 8.68 -13.35
N PHE C 315 14.61 8.61 -14.68
CA PHE C 315 13.96 9.71 -15.39
C PHE C 315 12.47 9.78 -15.07
N GLY C 316 11.83 8.63 -14.88
CA GLY C 316 10.41 8.63 -14.55
C GLY C 316 10.13 9.07 -13.12
N LEU C 317 11.05 8.77 -12.20
CA LEU C 317 10.86 9.16 -10.81
C LEU C 317 11.16 10.64 -10.58
N SER C 318 12.11 11.22 -11.31
CA SER C 318 12.37 12.65 -11.18
C SER C 318 11.23 13.46 -11.79
N GLU C 319 10.59 12.94 -12.85
CA GLU C 319 9.38 13.56 -13.37
C GLU C 319 8.27 13.51 -12.32
N MET C 320 8.13 12.38 -11.63
CA MET C 320 7.17 12.30 -10.54
C MET C 320 7.60 13.17 -9.35
N SER C 321 8.91 13.39 -9.19
CA SER C 321 9.37 14.26 -8.11
C SER C 321 8.99 15.71 -8.37
N LYS C 322 9.23 16.20 -9.59
CA LYS C 322 8.90 17.57 -9.94
C LYS C 322 7.40 17.82 -9.97
N SER C 323 6.57 16.78 -9.95
CA SER C 323 5.13 16.91 -9.85
C SER C 323 4.63 16.82 -8.41
N TRP C 324 5.27 16.00 -7.57
CA TRP C 324 4.90 15.95 -6.16
C TRP C 324 5.14 17.30 -5.49
N PHE C 325 6.27 17.93 -5.78
CA PHE C 325 6.63 19.24 -5.25
C PHE C 325 6.87 20.17 -6.44
N ILE C 326 5.87 20.99 -6.78
CA ILE C 326 5.96 21.87 -7.93
C ILE C 326 7.01 22.96 -7.77
N ASN C 327 7.49 23.20 -6.55
CA ASN C 327 8.59 24.13 -6.37
C ASN C 327 9.84 23.65 -7.09
N LEU C 328 9.99 22.34 -7.27
CA LEU C 328 11.07 21.82 -8.09
C LEU C 328 10.82 22.10 -9.57
N GLN C 329 9.56 21.97 -10.00
CA GLN C 329 9.23 22.28 -11.39
C GLN C 329 9.40 23.76 -11.69
N ILE C 330 9.07 24.63 -10.72
CA ILE C 330 9.27 26.06 -10.91
C ILE C 330 10.75 26.38 -11.05
N LYS C 331 11.60 25.73 -10.24
CA LYS C 331 13.04 25.96 -10.35
C LYS C 331 13.57 25.55 -11.72
N ALA C 332 12.96 24.54 -12.34
CA ALA C 332 13.37 24.17 -13.69
C ALA C 332 12.88 25.18 -14.71
N LEU C 333 11.64 25.66 -14.56
CA LEU C 333 11.11 26.66 -15.49
C LEU C 333 11.84 27.99 -15.36
N GLN C 334 12.36 28.30 -14.17
CA GLN C 334 13.10 29.54 -13.98
C GLN C 334 14.40 29.58 -14.78
N LYS C 335 14.90 28.42 -15.22
CA LYS C 335 16.05 28.39 -16.11
C LYS C 335 15.75 28.99 -17.47
N TYR C 336 14.48 29.23 -17.79
CA TYR C 336 14.07 29.85 -19.05
C TYR C 336 13.43 31.21 -18.81
N ILE C 337 12.36 31.28 -18.03
CA ILE C 337 11.72 32.53 -17.66
C ILE C 337 11.77 32.67 -16.15
N PRO C 338 12.75 33.39 -15.60
CA PRO C 338 12.92 33.45 -14.14
C PRO C 338 11.93 34.37 -13.46
N ASP C 339 10.98 34.92 -14.22
CA ASP C 339 9.99 35.82 -13.67
C ASP C 339 8.78 35.11 -13.08
N ILE C 340 8.78 33.77 -13.08
CA ILE C 340 7.65 32.97 -12.63
C ILE C 340 7.99 32.35 -11.28
N THR C 341 7.05 32.44 -10.35
CA THR C 341 7.19 31.86 -9.01
C THR C 341 6.09 30.84 -8.79
N GLU C 342 6.08 30.26 -7.58
CA GLU C 342 5.08 29.26 -7.24
C GLU C 342 3.70 29.87 -7.05
N TYR C 343 3.60 31.18 -6.87
CA TYR C 343 2.33 31.86 -6.68
C TYR C 343 1.73 32.37 -7.99
N ASP C 344 2.34 32.06 -9.13
CA ASP C 344 1.85 32.51 -10.43
C ASP C 344 1.23 31.38 -11.24
N ILE C 345 1.07 30.19 -10.66
CA ILE C 345 0.53 29.06 -11.38
C ILE C 345 -0.55 28.39 -10.54
N GLN C 346 -1.28 27.47 -11.17
CA GLN C 346 -2.26 26.64 -10.49
C GLN C 346 -2.46 25.37 -11.31
N ARG C 347 -2.78 24.29 -10.62
CA ARG C 347 -2.91 22.99 -11.28
C ARG C 347 -4.10 22.99 -12.25
N GLY C 348 -3.82 22.65 -13.50
CA GLY C 348 -4.84 22.55 -14.51
C GLY C 348 -5.15 21.11 -14.88
N PRO C 349 -5.72 20.90 -16.06
CA PRO C 349 -6.04 19.54 -16.49
C PRO C 349 -4.81 18.77 -16.97
N ALA C 350 -5.02 17.61 -17.57
CA ALA C 350 -3.91 16.77 -17.99
C ALA C 350 -4.40 15.80 -19.07
N GLY C 351 -3.46 15.20 -19.76
CA GLY C 351 -3.77 14.22 -20.81
C GLY C 351 -3.00 12.95 -20.59
N VAL C 352 -3.47 11.84 -21.11
CA VAL C 352 -2.70 10.58 -20.91
C VAL C 352 -2.21 10.15 -22.28
N ARG C 353 -0.95 9.74 -22.41
CA ARG C 353 -0.41 9.32 -23.71
C ARG C 353 -0.50 7.81 -23.83
N ALA C 354 -1.00 7.35 -24.96
CA ALA C 354 -1.07 5.91 -25.20
C ALA C 354 0.23 5.47 -25.86
N GLN C 355 1.26 5.31 -25.06
CA GLN C 355 2.60 4.88 -25.44
C GLN C 355 2.64 3.37 -25.58
N ALA C 356 3.02 2.89 -26.76
CA ALA C 356 3.14 1.46 -26.98
C ALA C 356 4.50 0.95 -26.50
N MET C 357 4.54 -0.32 -26.13
CA MET C 357 5.74 -0.94 -25.60
C MET C 357 5.81 -2.40 -26.01
N ASP C 358 6.99 -2.82 -26.47
CA ASP C 358 7.18 -4.20 -26.92
C ASP C 358 7.64 -5.07 -25.74
N LEU C 359 8.06 -6.30 -26.05
CA LEU C 359 8.51 -7.21 -25.00
C LEU C 359 9.85 -6.80 -24.40
N ASP C 360 10.67 -6.07 -25.16
CA ASP C 360 11.99 -5.68 -24.70
C ASP C 360 12.01 -4.38 -23.92
N GLY C 361 10.89 -3.66 -23.88
CA GLY C 361 10.79 -2.43 -23.10
C GLY C 361 10.97 -1.15 -23.89
N ASN C 362 11.13 -1.23 -25.20
CA ASN C 362 11.31 -0.03 -26.00
C ASN C 362 9.97 0.65 -26.26
N LEU C 363 10.02 1.96 -26.47
CA LEU C 363 8.84 2.75 -26.78
C LEU C 363 8.65 2.78 -28.29
N VAL C 364 7.50 2.31 -28.76
CA VAL C 364 7.24 2.18 -30.18
C VAL C 364 6.83 3.52 -30.75
N ASP C 365 7.47 3.92 -31.86
CA ASP C 365 7.09 5.11 -32.62
C ASP C 365 7.03 4.71 -34.09
N ASP C 366 6.08 3.84 -34.41
CA ASP C 366 5.90 3.37 -35.78
C ASP C 366 4.52 2.72 -35.88
N PHE C 367 4.05 2.57 -37.12
CA PHE C 367 2.77 1.92 -37.35
C PHE C 367 2.81 0.48 -36.88
N VAL C 368 1.78 0.05 -36.16
CA VAL C 368 1.65 -1.31 -35.68
C VAL C 368 0.24 -1.77 -36.05
N PHE C 369 0.11 -2.49 -37.15
CA PHE C 369 -1.14 -3.11 -37.56
C PHE C 369 -1.12 -4.58 -37.19
N ASP C 370 -2.27 -5.10 -36.77
CA ASP C 370 -2.35 -6.50 -36.36
C ASP C 370 -3.75 -7.03 -36.63
N ARG C 371 -3.83 -8.35 -36.83
CA ARG C 371 -5.10 -9.03 -37.01
C ARG C 371 -5.04 -10.36 -36.26
N GLY C 372 -6.18 -11.04 -36.22
CA GLY C 372 -6.26 -12.30 -35.50
C GLY C 372 -5.43 -13.39 -36.14
N GLN C 373 -5.17 -14.43 -35.36
CA GLN C 373 -4.39 -15.57 -35.84
C GLN C 373 -5.27 -16.55 -36.62
N ALA C 377 -13.37 -15.77 -39.32
CA ALA C 377 -14.28 -14.67 -39.57
C ALA C 377 -13.79 -13.39 -38.88
N LEU C 378 -13.53 -13.49 -37.58
CA LEU C 378 -13.02 -12.35 -36.83
C LEU C 378 -11.63 -11.93 -37.31
N ALA C 379 -10.81 -12.90 -37.69
CA ALA C 379 -9.49 -12.59 -38.22
C ALA C 379 -9.57 -12.22 -39.70
N LYS C 380 -8.51 -11.60 -40.19
CA LYS C 380 -8.42 -11.15 -41.57
C LYS C 380 -9.58 -10.24 -41.96
N VAL C 382 -10.84 -7.72 -39.36
CA VAL C 382 -10.69 -6.86 -38.19
C VAL C 382 -9.22 -6.47 -38.02
N LEU C 383 -8.87 -5.29 -38.52
CA LEU C 383 -7.51 -4.78 -38.50
C LEU C 383 -7.38 -3.73 -37.39
N HIS C 384 -6.40 -3.91 -36.52
CA HIS C 384 -6.19 -3.05 -35.38
C HIS C 384 -4.96 -2.17 -35.59
N CYS C 385 -5.14 -0.86 -35.48
CA CYS C 385 -4.03 0.10 -35.50
C CYS C 385 -3.60 0.31 -34.06
N ARG C 386 -2.63 -0.50 -33.61
CA ARG C 386 -2.21 -0.48 -32.21
C ARG C 386 -1.25 0.66 -31.89
N ASN C 387 -0.72 1.34 -32.90
CA ASN C 387 0.14 2.49 -32.65
C ASN C 387 0.27 3.30 -33.93
N ALA C 388 0.34 4.62 -33.79
CA ALA C 388 0.54 5.56 -34.87
C ALA C 388 1.77 6.42 -34.60
N PRO C 389 2.49 6.85 -35.64
CA PRO C 389 3.69 7.65 -35.41
C PRO C 389 3.37 9.01 -34.81
N SER C 390 4.31 9.48 -33.99
CA SER C 390 4.18 10.78 -33.32
C SER C 390 4.61 11.91 -34.25
N PRO C 391 3.93 13.06 -34.22
CA PRO C 391 2.75 13.32 -33.39
C PRO C 391 1.45 13.07 -34.15
N GLY C 392 0.47 12.45 -33.47
CA GLY C 392 -0.75 12.04 -34.14
C GLY C 392 -1.67 13.19 -34.54
N ALA C 393 -1.51 14.35 -33.92
CA ALA C 393 -2.43 15.46 -34.19
C ALA C 393 -2.08 16.20 -35.48
N THR C 394 -0.83 16.64 -35.61
CA THR C 394 -0.42 17.36 -36.81
C THR C 394 -0.41 16.43 -38.02
N SER C 395 0.17 15.24 -37.86
CA SER C 395 0.26 14.26 -38.93
C SER C 395 -1.06 13.55 -39.19
N SER C 396 -2.14 13.98 -38.55
CA SER C 396 -3.41 13.26 -38.61
C SER C 396 -3.87 13.04 -40.05
N LEU C 397 -3.88 14.11 -40.86
CA LEU C 397 -4.30 13.95 -42.25
C LEU C 397 -3.30 13.15 -43.06
N ALA C 398 -2.00 13.28 -42.77
CA ALA C 398 -1.01 12.47 -43.46
C ALA C 398 -1.07 11.02 -42.99
N ILE C 399 -1.22 10.80 -41.68
CA ILE C 399 -1.40 9.44 -41.17
C ILE C 399 -2.67 8.81 -41.73
N ALA C 400 -3.71 9.63 -41.92
CA ALA C 400 -4.96 9.12 -42.45
C ALA C 400 -4.76 8.53 -43.85
N LYS C 401 -4.02 9.22 -44.71
CA LYS C 401 -3.79 8.71 -46.06
C LYS C 401 -3.02 7.40 -46.05
N MET C 402 -2.03 7.29 -45.16
CA MET C 402 -1.28 6.03 -45.07
C MET C 402 -2.15 4.90 -44.54
N ILE C 403 -2.96 5.18 -43.52
CA ILE C 403 -3.92 4.18 -43.05
C ILE C 403 -4.96 3.89 -44.13
N ALA C 404 -5.33 4.91 -44.91
CA ALA C 404 -6.23 4.72 -46.04
C ALA C 404 -5.60 3.92 -47.17
N ASP C 405 -4.32 3.56 -47.08
CA ASP C 405 -3.67 2.68 -48.04
C ASP C 405 -3.50 1.26 -47.50
N LYS C 406 -3.23 1.12 -46.20
CA LYS C 406 -3.14 -0.21 -45.59
C LYS C 406 -4.49 -0.92 -45.61
N ILE C 407 -5.59 -0.17 -45.52
CA ILE C 407 -6.90 -0.78 -45.41
C ILE C 407 -7.37 -1.32 -46.76
N GLU C 408 -7.00 -0.64 -47.85
CA GLU C 408 -7.49 -1.03 -49.16
C GLU C 408 -6.80 -2.27 -49.71
N ASN C 409 -5.63 -2.63 -49.18
CA ASN C 409 -4.96 -3.85 -49.57
C ASN C 409 -5.22 -5.00 -48.61
N GLU C 410 -5.62 -4.71 -47.37
CA GLU C 410 -5.94 -5.76 -46.42
C GLU C 410 -7.35 -6.31 -46.62
N PHE C 411 -8.26 -5.50 -47.17
CA PHE C 411 -9.64 -5.90 -47.38
C PHE C 411 -10.09 -5.81 -48.83
N SER C 412 -9.20 -5.40 -49.75
CA SER C 412 -9.51 -5.28 -51.16
C SER C 412 -10.71 -4.36 -51.41
N ILE C 413 -10.46 -3.05 -51.43
CA ILE C 413 -11.52 -2.08 -51.67
C ILE C 413 -11.39 -1.49 -53.06
N GLY D 1 20.26 1.36 44.67
CA GLY D 1 21.54 2.02 44.62
C GLY D 1 22.70 1.08 44.35
N ASP D 2 23.55 1.43 43.39
CA ASP D 2 24.68 0.59 43.03
C ASP D 2 25.81 1.40 42.42
N TYR D 3 25.52 2.13 41.35
CA TYR D 3 26.53 2.88 40.61
C TYR D 3 26.29 4.38 40.74
N ASP D 4 27.32 5.15 40.39
CA ASP D 4 27.25 6.61 40.40
C ASP D 4 26.92 7.20 39.04
N LEU D 5 27.41 6.60 37.97
CA LEU D 5 27.13 7.04 36.61
C LEU D 5 26.81 5.82 35.75
N VAL D 6 25.88 6.00 34.81
CA VAL D 6 25.45 4.93 33.92
C VAL D 6 25.46 5.47 32.49
N VAL D 7 26.15 4.76 31.61
CA VAL D 7 26.24 5.10 30.19
C VAL D 7 25.32 4.17 29.43
N VAL D 8 24.21 4.70 28.92
CA VAL D 8 23.28 3.93 28.11
C VAL D 8 23.77 3.97 26.67
N GLY D 9 24.07 2.79 26.11
CA GLY D 9 24.57 2.70 24.76
C GLY D 9 26.00 2.20 24.70
N GLY D 10 26.19 1.02 24.11
CA GLY D 10 27.50 0.42 24.04
C GLY D 10 28.14 0.53 22.66
N GLY D 11 27.84 1.60 21.94
CA GLY D 11 28.48 1.87 20.68
C GLY D 11 29.89 2.38 20.87
N ILE D 12 30.49 2.83 19.75
CA ILE D 12 31.85 3.35 19.82
C ILE D 12 31.88 4.68 20.56
N VAL D 13 30.77 5.42 20.56
CA VAL D 13 30.70 6.68 21.28
C VAL D 13 30.48 6.43 22.77
N GLY D 14 29.54 5.55 23.10
CA GLY D 14 29.26 5.25 24.50
C GLY D 14 30.41 4.55 25.20
N ALA D 15 31.10 3.65 24.47
CA ALA D 15 32.22 2.92 25.08
C ALA D 15 33.41 3.84 25.29
N ALA D 16 33.67 4.75 24.35
CA ALA D 16 34.81 5.65 24.49
C ALA D 16 34.60 6.65 25.61
N SER D 17 33.36 7.12 25.80
CA SER D 17 33.10 8.08 26.86
C SER D 17 33.20 7.42 28.24
N ALA D 18 32.63 6.23 28.38
CA ALA D 18 32.73 5.52 29.65
C ALA D 18 34.18 5.17 29.97
N ARG D 19 34.96 4.80 28.95
CA ARG D 19 36.38 4.53 29.16
C ARG D 19 37.14 5.80 29.54
N GLU D 20 36.85 6.91 28.86
CA GLU D 20 37.51 8.17 29.17
C GLU D 20 37.12 8.70 30.54
N ILE D 21 35.89 8.44 30.98
CA ILE D 21 35.40 9.00 32.24
C ILE D 21 36.10 8.35 33.43
N VAL D 22 36.28 7.03 33.38
CA VAL D 22 36.85 6.33 34.53
C VAL D 22 38.36 6.55 34.60
N LEU D 23 39.02 6.82 33.47
CA LEU D 23 40.45 7.10 33.51
C LEU D 23 40.73 8.43 34.19
N ARG D 24 39.88 9.43 33.95
CA ARG D 24 40.02 10.71 34.62
C ARG D 24 39.78 10.58 36.12
N HIS D 25 38.67 9.93 36.50
CA HIS D 25 38.29 9.75 37.90
C HIS D 25 38.17 8.26 38.18
N PRO D 26 39.27 7.59 38.55
CA PRO D 26 39.22 6.14 38.79
C PRO D 26 38.39 5.74 40.00
N SER D 27 37.86 6.69 40.78
CA SER D 27 37.09 6.38 41.97
C SER D 27 35.59 6.37 41.72
N LEU D 28 35.15 6.56 40.48
CA LEU D 28 33.73 6.61 40.16
C LEU D 28 33.18 5.23 39.84
N LYS D 29 31.98 4.95 40.35
CA LYS D 29 31.30 3.69 40.06
C LYS D 29 30.47 3.89 38.79
N VAL D 30 31.00 3.40 37.67
CA VAL D 30 30.39 3.63 36.37
C VAL D 30 29.99 2.29 35.76
N ALA D 31 28.91 2.31 34.97
CA ALA D 31 28.39 1.13 34.31
C ALA D 31 27.92 1.49 32.91
N VAL D 32 27.94 0.49 32.03
CA VAL D 32 27.49 0.63 30.65
C VAL D 32 26.31 -0.30 30.44
N LEU D 33 25.24 0.24 29.84
CA LEU D 33 24.01 -0.52 29.59
C LEU D 33 23.79 -0.62 28.09
N GLU D 34 24.01 -1.81 27.53
CA GLU D 34 23.86 -2.06 26.11
C GLU D 34 22.65 -2.97 25.87
N LYS D 35 21.86 -2.61 24.85
CA LYS D 35 20.66 -3.39 24.55
C LYS D 35 21.00 -4.73 23.91
N GLU D 36 21.99 -4.76 23.03
CA GLU D 36 22.37 -5.98 22.36
C GLU D 36 23.28 -6.83 23.24
N CYS D 37 23.68 -7.99 22.71
CA CYS D 37 24.54 -8.89 23.48
C CYS D 37 26.00 -8.44 23.44
N LYS D 38 26.56 -8.28 22.24
CA LYS D 38 27.92 -7.78 22.11
C LYS D 38 27.90 -6.26 21.93
N LEU D 39 29.08 -5.65 22.10
CA LEU D 39 29.22 -4.23 21.82
C LEU D 39 29.49 -4.01 20.34
N ALA D 40 29.15 -2.81 19.86
CA ALA D 40 29.29 -2.44 18.45
C ALA D 40 28.52 -3.42 17.56
N LYS D 41 27.23 -3.56 17.86
CA LYS D 41 26.34 -4.43 17.11
C LYS D 41 25.51 -3.69 16.08
N HIS D 42 25.59 -2.36 16.03
CA HIS D 42 24.78 -1.58 15.10
C HIS D 42 25.63 -0.64 14.25
N GLN D 43 25.56 0.66 14.55
CA GLN D 43 26.19 1.66 13.69
C GLN D 43 27.70 1.49 13.67
N SER D 44 28.31 1.29 14.84
CA SER D 44 29.76 1.10 14.91
C SER D 44 30.18 -0.27 14.39
N GLY D 45 29.27 -1.26 14.40
CA GLY D 45 29.57 -2.56 13.86
C GLY D 45 29.26 -2.73 12.38
N HIS D 46 28.65 -1.71 11.80
CA HIS D 46 28.26 -1.76 10.37
C HIS D 46 28.69 -0.49 9.69
N ASN D 47 29.97 -0.39 9.39
CA ASN D 47 30.60 0.79 8.72
C ASN D 47 31.65 0.32 7.73
N SER D 48 32.30 1.25 7.05
CA SER D 48 33.37 0.95 6.07
C SER D 48 34.73 0.78 6.76
N GLY D 49 34.79 1.04 8.06
CA GLY D 49 36.05 0.94 8.80
C GLY D 49 37.12 1.81 8.19
N VAL D 50 36.84 3.09 8.00
CA VAL D 50 37.87 3.96 7.39
C VAL D 50 38.29 4.96 8.44
N ILE D 51 39.59 5.17 8.62
CA ILE D 51 40.05 6.26 9.53
C ILE D 51 40.15 7.47 8.61
N HIS D 52 39.30 8.46 8.86
CA HIS D 52 39.19 9.61 7.95
C HIS D 52 40.30 10.61 8.20
N ALA D 53 40.95 11.02 7.11
CA ALA D 53 42.03 12.03 7.15
C ALA D 53 41.42 13.37 7.54
N GLY D 54 40.26 13.70 6.96
CA GLY D 54 39.50 14.94 7.21
C GLY D 54 39.76 15.99 6.13
N ILE D 55 39.14 15.81 5.00
CA ILE D 55 39.38 16.70 3.83
C ILE D 55 38.09 17.39 3.39
N TYR D 56 36.94 16.96 3.89
CA TYR D 56 35.68 17.51 3.38
C TYR D 56 35.15 18.59 4.29
N TYR D 57 35.73 18.63 5.46
CA TYR D 57 35.26 19.45 6.57
C TYR D 57 35.86 20.85 6.48
N LYS D 58 35.01 21.86 6.65
CA LYS D 58 35.44 23.24 6.51
C LYS D 58 36.46 23.59 7.60
N PRO D 59 37.41 24.48 7.29
CA PRO D 59 38.43 24.84 8.29
C PRO D 59 37.82 25.67 9.42
N GLY D 60 38.39 25.49 10.61
CA GLY D 60 37.92 26.19 11.78
C GLY D 60 36.64 25.65 12.39
N THR D 61 36.05 24.61 11.82
CA THR D 61 34.83 24.02 12.35
C THR D 61 35.15 23.02 13.45
N LEU D 62 34.11 22.66 14.21
CA LEU D 62 34.30 21.67 15.27
C LEU D 62 34.46 20.27 14.68
N LYS D 63 33.74 19.96 13.60
CA LYS D 63 33.86 18.65 12.97
C LYS D 63 35.27 18.42 12.45
N ALA D 64 35.89 19.46 11.87
CA ALA D 64 37.26 19.34 11.41
C ALA D 64 38.25 19.34 12.56
N ARG D 65 37.88 19.88 13.72
CA ARG D 65 38.80 19.91 14.86
C ARG D 65 38.92 18.53 15.49
N LEU D 66 37.80 17.82 15.63
CA LEU D 66 37.82 16.50 16.27
C LEU D 66 38.28 15.41 15.32
N CYS D 67 38.06 15.57 14.02
CA CYS D 67 38.44 14.54 13.06
C CYS D 67 39.94 14.42 12.95
N VAL D 68 40.63 15.55 12.73
CA VAL D 68 42.08 15.52 12.60
C VAL D 68 42.74 15.13 13.91
N GLU D 69 42.12 15.50 15.04
CA GLU D 69 42.67 15.12 16.33
C GLU D 69 42.34 13.67 16.69
N GLY D 70 41.11 13.24 16.41
CA GLY D 70 40.73 11.87 16.70
C GLY D 70 41.45 10.85 15.83
N MET D 71 41.74 11.22 14.58
CA MET D 71 42.49 10.33 13.71
C MET D 71 43.89 10.07 14.26
N HIS D 72 44.56 11.12 14.76
CA HIS D 72 45.86 10.94 15.37
C HIS D 72 45.75 10.18 16.69
N LEU D 73 44.69 10.44 17.46
CA LEU D 73 44.48 9.69 18.69
C LEU D 73 44.15 8.23 18.42
N ALA D 74 43.45 7.95 17.32
CA ALA D 74 43.14 6.57 16.97
C ALA D 74 44.38 5.81 16.54
N TYR D 75 45.25 6.45 15.75
CA TYR D 75 46.49 5.79 15.33
C TYR D 75 47.40 5.50 16.52
N ALA D 76 47.38 6.35 17.54
CA ALA D 76 48.16 6.06 18.74
C ALA D 76 47.52 4.96 19.57
N TYR D 77 46.20 4.88 19.57
CA TYR D 77 45.52 3.83 20.33
C TYR D 77 45.68 2.47 19.67
N LEU D 78 45.71 2.41 18.33
CA LEU D 78 45.86 1.13 17.65
C LEU D 78 47.25 0.55 17.84
N ASP D 79 48.27 1.41 17.96
CA ASP D 79 49.62 0.92 18.22
C ASP D 79 49.83 0.60 19.69
N GLU D 80 49.15 1.32 20.59
CA GLU D 80 49.29 1.04 22.01
C GLU D 80 48.70 -0.32 22.37
N LYS D 81 47.59 -0.69 21.75
CA LYS D 81 46.92 -1.97 22.02
C LYS D 81 47.23 -3.02 20.97
N LYS D 82 48.04 -2.69 19.96
CA LYS D 82 48.41 -3.60 18.88
C LYS D 82 47.16 -4.13 18.16
N ILE D 83 46.42 -3.19 17.57
CA ILE D 83 45.20 -3.50 16.82
C ILE D 83 45.56 -3.53 15.34
N PRO D 84 45.18 -4.57 14.60
CA PRO D 84 45.55 -4.64 13.18
C PRO D 84 44.87 -3.54 12.38
N TYR D 85 45.65 -2.87 11.52
CA TYR D 85 45.12 -1.85 10.62
C TYR D 85 46.05 -1.74 9.42
N LYS D 86 45.57 -1.05 8.40
CA LYS D 86 46.33 -0.87 7.17
C LYS D 86 46.17 0.58 6.69
N LYS D 87 47.29 1.25 6.48
CA LYS D 87 47.28 2.65 6.05
C LYS D 87 47.34 2.69 4.53
N THR D 88 46.20 2.97 3.90
CA THR D 88 46.10 3.09 2.46
C THR D 88 45.50 4.44 2.09
N GLY D 89 45.87 4.92 0.91
CA GLY D 89 45.43 6.24 0.49
C GLY D 89 43.94 6.29 0.19
N LYS D 90 43.36 7.49 0.35
CA LYS D 90 41.95 7.71 0.06
C LYS D 90 41.72 8.09 -1.40
N LEU D 91 42.57 8.96 -1.94
CA LEU D 91 42.56 9.34 -3.36
C LEU D 91 41.20 9.84 -3.81
N ILE D 92 40.88 11.10 -3.50
CA ILE D 92 39.67 11.73 -3.99
C ILE D 92 39.83 11.96 -5.49
N VAL D 93 39.05 11.24 -6.29
CA VAL D 93 39.17 11.29 -7.75
C VAL D 93 38.03 12.10 -8.33
N ALA D 94 38.32 12.82 -9.41
CA ALA D 94 37.36 13.62 -10.14
C ALA D 94 37.06 12.96 -11.48
N THR D 95 36.20 13.61 -12.28
CA THR D 95 35.81 13.08 -13.58
C THR D 95 35.89 14.14 -14.65
N ASP D 96 34.93 15.06 -14.68
CA ASP D 96 34.87 16.12 -15.66
C ASP D 96 35.41 17.42 -15.07
N GLU D 97 35.43 18.47 -15.90
CA GLU D 97 35.89 19.77 -15.43
C GLU D 97 34.99 20.35 -14.35
N LYS D 98 33.70 20.00 -14.37
CA LYS D 98 32.80 20.45 -13.31
C LYS D 98 33.15 19.80 -11.98
N GLU D 99 33.71 18.59 -12.00
CA GLU D 99 34.15 17.93 -10.78
C GLU D 99 35.52 18.39 -10.34
N VAL D 100 36.33 18.92 -11.25
CA VAL D 100 37.64 19.45 -10.87
C VAL D 100 37.49 20.68 -9.98
N LYS D 101 36.46 21.50 -10.23
CA LYS D 101 36.25 22.69 -9.40
C LYS D 101 35.99 22.31 -7.96
N LEU D 102 35.09 21.34 -7.73
CA LEU D 102 34.84 20.88 -6.37
C LEU D 102 36.04 20.12 -5.81
N LEU D 103 36.82 19.46 -6.67
CA LEU D 103 38.03 18.80 -6.22
C LEU D 103 39.10 19.82 -5.82
N LYS D 104 39.12 20.97 -6.48
CA LYS D 104 40.06 22.03 -6.08
C LYS D 104 39.65 22.64 -4.74
N ASP D 105 38.35 22.76 -4.48
CA ASP D 105 37.90 23.24 -3.18
C ASP D 105 38.19 22.24 -2.07
N LEU D 106 38.19 20.94 -2.40
CA LEU D 106 38.53 19.94 -1.40
C LEU D 106 40.01 19.99 -1.03
N GLU D 107 40.87 20.27 -2.02
CA GLU D 107 42.30 20.38 -1.74
C GLU D 107 42.61 21.61 -0.91
N LYS D 108 41.87 22.70 -1.12
CA LYS D 108 42.10 23.91 -0.32
C LYS D 108 41.63 23.73 1.11
N ARG D 109 40.45 23.12 1.30
CA ARG D 109 39.92 22.92 2.64
C ARG D 109 40.76 21.94 3.44
N GLY D 110 41.40 20.99 2.76
CA GLY D 110 42.24 20.02 3.42
C GLY D 110 43.57 20.60 3.88
N ILE D 111 44.24 21.32 2.99
CA ILE D 111 45.52 21.95 3.31
C ILE D 111 45.33 23.09 4.30
N ASN D 113 42.80 22.57 6.76
CA ASN D 113 42.39 21.90 7.99
C ASN D 113 43.56 21.16 8.63
N ASN D 114 44.78 21.54 8.26
CA ASN D 114 46.00 20.95 8.78
C ASN D 114 46.04 19.44 8.55
N VAL D 115 45.61 19.02 7.36
CA VAL D 115 45.63 17.61 6.97
C VAL D 115 47.07 17.23 6.66
N PRO D 116 47.49 15.99 6.93
CA PRO D 116 48.89 15.62 6.70
C PRO D 116 49.15 15.00 5.33
N ASP D 117 50.16 15.52 4.63
CA ASP D 117 50.63 14.97 3.36
C ASP D 117 49.52 14.92 2.32
N LEU D 118 48.98 16.09 1.99
CA LEU D 118 47.93 16.23 1.00
C LEU D 118 48.57 16.61 -0.32
N ARG D 119 48.74 15.62 -1.20
CA ARG D 119 49.30 15.82 -2.53
C ARG D 119 48.23 15.62 -3.59
N MET D 120 48.35 16.37 -4.68
CA MET D 120 47.39 16.35 -5.77
C MET D 120 47.98 15.56 -6.94
N ILE D 121 47.38 14.42 -7.24
CA ILE D 121 47.84 13.58 -8.35
C ILE D 121 47.37 14.20 -9.66
N GLU D 122 48.19 14.06 -10.70
CA GLU D 122 47.94 14.72 -11.97
C GLU D 122 47.07 13.89 -12.90
N GLY D 123 47.54 12.70 -13.27
CA GLY D 123 46.81 11.84 -14.18
C GLY D 123 47.59 10.60 -14.57
N SER D 124 48.81 10.80 -15.07
CA SER D 124 49.68 9.66 -15.35
C SER D 124 50.15 8.99 -14.07
N GLU D 125 50.23 9.75 -12.97
CA GLU D 125 50.63 9.20 -11.68
C GLU D 125 49.50 8.46 -10.98
N ILE D 126 48.27 8.55 -11.48
CA ILE D 126 47.15 7.83 -10.88
C ILE D 126 47.39 6.34 -10.91
N GLN D 127 47.85 5.83 -12.05
CA GLN D 127 48.10 4.40 -12.20
C GLN D 127 49.19 3.89 -11.26
N GLU D 128 50.03 4.79 -10.74
CA GLU D 128 51.04 4.39 -9.77
C GLU D 128 50.47 4.14 -8.38
N ILE D 129 49.25 4.62 -8.12
CA ILE D 129 48.56 4.38 -6.86
C ILE D 129 47.40 3.41 -7.03
N GLU D 130 46.57 3.63 -8.04
CA GLU D 130 45.50 2.71 -8.40
C GLU D 130 45.58 2.46 -9.91
N PRO D 131 46.16 1.34 -10.33
CA PRO D 131 46.39 1.12 -11.77
C PRO D 131 45.14 0.86 -12.59
N TYR D 132 44.00 0.57 -11.94
CA TYR D 132 42.77 0.28 -12.67
C TYR D 132 41.78 1.45 -12.68
N CYS D 133 42.07 2.53 -11.95
CA CYS D 133 41.17 3.67 -11.89
C CYS D 133 41.54 4.72 -12.92
N GLN D 134 40.53 5.36 -13.49
CA GLN D 134 40.74 6.42 -14.48
C GLN D 134 40.58 7.78 -13.82
N GLY D 135 39.97 8.72 -14.52
CA GLY D 135 39.71 10.05 -14.00
C GLY D 135 40.63 11.10 -14.63
N VAL D 136 40.29 12.35 -14.36
CA VAL D 136 41.05 13.49 -14.87
C VAL D 136 42.07 13.91 -13.83
N MET D 137 41.60 14.52 -12.74
CA MET D 137 42.45 14.94 -11.63
C MET D 137 42.02 14.23 -10.35
N ALA D 138 42.92 14.20 -9.38
CA ALA D 138 42.63 13.54 -8.12
C ALA D 138 43.47 14.15 -7.01
N LEU D 139 43.06 13.86 -5.76
CA LEU D 139 43.73 14.37 -4.58
C LEU D 139 44.08 13.19 -3.67
N HIS D 140 45.37 12.99 -3.43
CA HIS D 140 45.87 11.86 -2.67
C HIS D 140 46.17 12.26 -1.22
N SER D 141 45.92 11.32 -0.30
CA SER D 141 46.27 11.47 1.10
C SER D 141 46.59 10.09 1.65
N PRO D 142 47.86 9.77 1.90
CA PRO D 142 48.23 8.37 2.19
C PRO D 142 47.94 7.91 3.60
N HIS D 143 47.70 8.81 4.55
CA HIS D 143 47.58 8.42 5.95
C HIS D 143 46.14 8.05 6.34
N THR D 144 45.28 7.78 5.38
CA THR D 144 44.00 7.17 5.70
C THR D 144 44.21 5.69 6.01
N GLY D 145 43.28 5.11 6.78
CA GLY D 145 43.47 3.79 7.32
C GLY D 145 42.23 2.93 7.21
N ILE D 146 42.47 1.62 7.23
CA ILE D 146 41.43 0.60 7.32
C ILE D 146 41.49 0.02 8.73
N VAL D 147 40.31 -0.23 9.31
CA VAL D 147 40.25 -0.64 10.71
C VAL D 147 38.91 -1.34 10.95
N ASP D 148 38.90 -2.27 11.90
CA ASP D 148 37.68 -2.89 12.39
C ASP D 148 37.19 -2.05 13.58
N TRP D 149 36.26 -1.12 13.32
CA TRP D 149 35.76 -0.29 14.40
C TRP D 149 34.99 -1.09 15.43
N GLY D 150 34.41 -2.23 15.04
CA GLY D 150 33.80 -3.11 16.01
C GLY D 150 34.81 -3.75 16.95
N LEU D 151 36.01 -4.05 16.43
CA LEU D 151 37.06 -4.57 17.28
C LEU D 151 37.62 -3.50 18.21
N VAL D 152 37.67 -2.26 17.75
CA VAL D 152 38.16 -1.17 18.60
C VAL D 152 37.16 -0.86 19.72
N THR D 153 35.86 -0.91 19.40
CA THR D 153 34.85 -0.67 20.42
C THR D 153 34.93 -1.71 21.53
N GLU D 154 35.22 -2.97 21.17
CA GLU D 154 35.40 -4.00 22.19
C GLU D 154 36.62 -3.72 23.05
N HIS D 155 37.66 -3.09 22.49
CA HIS D 155 38.82 -2.72 23.28
C HIS D 155 38.56 -1.51 24.17
N TYR D 156 37.65 -0.62 23.75
CA TYR D 156 37.27 0.49 24.62
C TYR D 156 36.60 -0.03 25.88
N GLY D 157 35.67 -0.96 25.74
CA GLY D 157 35.03 -1.54 26.91
C GLY D 157 35.93 -2.49 27.68
N GLN D 158 36.88 -3.12 26.99
CA GLN D 158 37.85 -3.98 27.67
C GLN D 158 38.69 -3.16 28.65
N ASP D 159 39.11 -1.96 28.23
CA ASP D 159 39.80 -1.07 29.16
C ASP D 159 38.85 -0.56 30.24
N PHE D 160 37.63 -0.19 29.85
CA PHE D 160 36.64 0.28 30.82
C PHE D 160 36.37 -0.78 31.88
N LYS D 161 36.26 -2.04 31.48
CA LYS D 161 36.04 -3.11 32.44
C LYS D 161 37.28 -3.40 33.27
N GLN D 162 38.47 -3.14 32.71
CA GLN D 162 39.71 -3.36 33.44
C GLN D 162 40.08 -2.19 34.34
N CYS D 163 39.31 -1.09 34.29
CA CYS D 163 39.55 0.07 35.15
C CYS D 163 38.48 0.23 36.21
N GLY D 164 37.74 -0.84 36.52
CA GLY D 164 36.69 -0.78 37.51
C GLY D 164 35.31 -0.65 36.92
N ASP D 166 31.98 -2.10 34.72
CA ASP D 166 31.04 -3.18 34.47
C ASP D 166 30.17 -2.89 33.26
N ILE D 167 30.22 -3.78 32.28
CA ILE D 167 29.44 -3.66 31.05
C ILE D 167 28.22 -4.58 31.19
N TYR D 168 27.04 -3.98 31.36
CA TYR D 168 25.80 -4.73 31.50
C TYR D 168 25.18 -4.89 30.11
N LEU D 169 25.30 -6.09 29.56
CA LEU D 169 24.80 -6.39 28.23
C LEU D 169 23.40 -6.98 28.31
N ASP D 170 22.71 -6.99 27.16
CA ASP D 170 21.31 -7.42 27.08
C ASP D 170 20.42 -6.59 28.01
N PHE D 171 20.75 -5.32 28.18
CA PHE D 171 20.02 -4.40 29.06
C PHE D 171 19.31 -3.39 28.16
N ASN D 172 18.07 -3.70 27.80
CA ASN D 172 17.26 -2.79 26.99
C ASN D 172 16.62 -1.77 27.95
N VAL D 173 17.19 -0.57 28.01
CA VAL D 173 16.72 0.46 28.92
C VAL D 173 15.31 0.87 28.50
N SER D 174 14.34 0.67 29.39
CA SER D 174 12.95 0.98 29.11
C SER D 174 12.56 2.34 29.65
N LYS D 175 11.94 2.36 30.82
CA LYS D 175 11.48 3.59 31.46
C LYS D 175 12.46 4.04 32.54
N PHE D 176 12.19 5.21 33.09
CA PHE D 176 12.98 5.79 34.17
C PHE D 176 12.07 6.09 35.35
N THR D 177 12.61 5.92 36.56
CA THR D 177 11.85 6.18 37.77
C THR D 177 12.68 6.97 38.78
N TYR D 185 21.54 8.04 45.45
CA TYR D 185 21.14 7.56 44.13
C TYR D 185 19.64 7.70 43.93
N PRO D 186 19.19 8.90 43.51
CA PRO D 186 17.77 9.16 43.29
C PRO D 186 17.22 8.48 42.04
N THR D 188 16.41 5.35 39.22
CA THR D 188 16.36 3.94 38.85
C THR D 188 16.28 3.78 37.34
N ILE D 189 17.10 2.89 36.79
CA ILE D 189 17.13 2.60 35.37
C ILE D 189 16.55 1.22 35.17
N HIS D 190 15.36 1.15 34.57
CA HIS D 190 14.66 -0.10 34.36
C HIS D 190 15.05 -0.73 33.04
N GLY D 191 14.98 -2.07 32.98
CA GLY D 191 15.25 -2.81 31.79
C GLY D 191 14.00 -3.43 31.19
N ALA D 192 14.23 -4.27 30.18
CA ALA D 192 13.11 -4.96 29.51
C ALA D 192 12.57 -6.11 30.34
N LYS D 193 13.43 -6.77 31.11
CA LYS D 193 12.99 -7.91 31.92
C LYS D 193 12.55 -7.43 33.30
N PRO D 194 11.50 -8.03 33.86
CA PRO D 194 11.07 -7.65 35.22
C PRO D 194 12.13 -8.06 36.25
N GLY D 195 12.50 -7.11 37.10
CA GLY D 195 13.54 -7.30 38.07
C GLY D 195 14.90 -6.76 37.67
N GLN D 196 15.12 -6.57 36.36
CA GLN D 196 16.37 -6.01 35.86
C GLN D 196 16.42 -4.53 36.21
N THR D 197 17.27 -4.17 37.18
CA THR D 197 17.29 -2.81 37.70
C THR D 197 18.70 -2.44 38.11
N VAL D 198 18.96 -1.13 38.14
CA VAL D 198 20.20 -0.56 38.64
C VAL D 198 20.01 0.94 38.80
N ARG D 199 20.28 1.45 40.01
CA ARG D 199 20.11 2.86 40.31
C ARG D 199 21.43 3.60 40.21
N THR D 200 21.34 4.87 39.82
CA THR D 200 22.52 5.71 39.64
C THR D 200 22.21 7.14 40.08
N LYS D 201 23.26 7.95 40.15
CA LYS D 201 23.13 9.35 40.51
C LYS D 201 23.22 10.30 39.32
N ASN D 202 23.75 9.84 38.20
CA ASN D 202 23.87 10.67 36.99
C ASN D 202 23.91 9.81 35.74
N LEU D 204 24.22 9.37 31.41
CA LEU D 204 23.98 9.92 30.07
C LEU D 204 23.62 8.79 29.10
N THR D 205 22.91 9.16 28.02
CA THR D 205 22.48 8.21 27.01
C THR D 205 23.13 8.55 25.68
N CYS D 206 23.58 7.53 24.97
CA CYS D 206 24.21 7.69 23.66
C CYS D 206 23.66 6.67 22.68
N GLY D 207 22.36 6.39 22.77
CA GLY D 207 21.73 5.50 21.82
C GLY D 207 21.88 6.03 20.41
N GLY D 208 22.30 5.18 19.48
CA GLY D 208 22.57 5.62 18.13
C GLY D 208 21.31 5.99 17.39
N LEU D 209 20.56 4.98 16.96
CA LEU D 209 19.31 5.19 16.26
C LEU D 209 18.14 5.48 17.20
N GLN D 210 18.39 5.53 18.51
CA GLN D 210 17.33 5.76 19.49
C GLN D 210 17.61 6.95 20.41
N SER D 211 18.56 7.83 20.06
CA SER D 211 18.85 8.99 20.89
C SER D 211 17.65 9.92 21.00
N ASP D 212 16.72 9.85 20.05
CA ASP D 212 15.51 10.65 20.14
C ASP D 212 14.47 9.98 21.04
N LEU D 213 14.40 8.65 21.01
CA LEU D 213 13.46 7.93 21.87
C LEU D 213 13.91 7.87 23.31
N LEU D 214 15.23 7.77 23.55
CA LEU D 214 15.74 7.77 24.92
C LEU D 214 15.52 9.13 25.58
N ALA D 215 15.68 10.22 24.82
CA ALA D 215 15.48 11.56 25.39
C ALA D 215 14.03 11.78 25.77
N GLU D 216 13.08 11.22 25.00
CA GLU D 216 11.67 11.37 25.32
C GLU D 216 11.26 10.61 26.57
N LYS D 217 12.14 9.81 27.15
CA LYS D 217 11.82 9.09 28.38
C LYS D 217 12.03 9.94 29.63
N THR D 218 12.62 11.13 29.50
CA THR D 218 12.84 12.01 30.65
C THR D 218 12.27 13.40 30.44
N GLY D 219 11.47 13.60 29.39
CA GLY D 219 10.83 14.88 29.17
C GLY D 219 11.46 15.78 28.12
N CYS D 220 12.31 15.24 27.24
CA CYS D 220 12.90 16.05 26.20
C CYS D 220 11.96 16.17 25.00
N PRO D 221 12.08 17.24 24.22
CA PRO D 221 11.24 17.38 23.03
C PRO D 221 11.57 16.32 21.99
N ARG D 222 10.65 16.14 21.05
CA ARG D 222 10.87 15.19 19.97
C ARG D 222 12.02 15.61 19.07
N ASP D 223 12.20 16.91 18.86
CA ASP D 223 13.30 17.40 18.04
C ASP D 223 14.59 17.44 18.86
N PRO D 224 15.73 17.08 18.25
CA PRO D 224 15.83 16.62 16.86
C PRO D 224 15.52 15.13 16.70
N ARG D 225 14.73 14.79 15.69
CA ARG D 225 14.40 13.40 15.43
C ARG D 225 15.55 12.69 14.74
N ILE D 226 15.52 11.36 14.76
CA ILE D 226 16.51 10.52 14.11
C ILE D 226 15.85 9.90 12.89
N VAL D 227 16.41 10.15 11.72
CA VAL D 227 15.90 9.64 10.45
C VAL D 227 16.86 8.55 9.97
N PRO D 228 16.44 7.28 9.92
CA PRO D 228 17.35 6.21 9.51
C PRO D 228 17.62 6.26 8.01
N PHE D 229 18.90 6.23 7.65
CA PHE D 229 19.35 6.20 6.25
C PHE D 229 20.18 4.93 6.06
N ARG D 230 19.61 3.96 5.35
CA ARG D 230 20.30 2.70 5.14
C ARG D 230 21.50 2.88 4.22
N GLY D 231 22.64 2.35 4.62
CA GLY D 231 23.84 2.40 3.80
C GLY D 231 24.20 1.04 3.24
N GLU D 232 23.72 0.73 2.04
CA GLU D 232 23.93 -0.58 1.46
C GLU D 232 25.30 -0.70 0.80
N TYR D 233 25.88 -1.89 0.90
CA TYR D 233 27.20 -2.17 0.37
C TYR D 233 27.14 -3.25 -0.70
N LEU D 234 28.15 -3.24 -1.57
CA LEU D 234 28.32 -4.25 -2.61
C LEU D 234 29.70 -4.86 -2.47
N LEU D 235 29.76 -6.19 -2.48
CA LEU D 235 31.01 -6.93 -2.31
C LEU D 235 31.56 -7.30 -3.68
N LEU D 236 32.72 -6.77 -4.02
CA LEU D 236 33.37 -7.12 -5.27
C LEU D 236 33.86 -8.57 -5.22
N THR D 237 33.87 -9.21 -6.39
CA THR D 237 34.20 -10.62 -6.46
C THR D 237 35.64 -10.86 -6.00
N LYS D 238 35.86 -12.04 -5.40
CA LYS D 238 37.19 -12.40 -4.94
C LYS D 238 38.16 -12.63 -6.09
N GLU D 239 37.65 -12.99 -7.27
CA GLU D 239 38.52 -13.21 -8.44
C GLU D 239 39.16 -11.91 -8.92
N LYS D 240 38.61 -10.76 -8.56
CA LYS D 240 39.16 -9.46 -8.94
C LYS D 240 39.21 -8.53 -7.73
N GLN D 241 39.58 -9.08 -6.57
CA GLN D 241 39.82 -8.27 -5.38
C GLN D 241 41.17 -7.57 -5.40
N HIS D 242 41.84 -7.52 -6.56
CA HIS D 242 43.15 -6.88 -6.67
C HIS D 242 43.07 -5.53 -7.38
N MET D 243 41.94 -5.20 -8.01
CA MET D 243 41.81 -3.94 -8.74
C MET D 243 41.70 -2.74 -7.81
N VAL D 244 41.44 -2.94 -6.52
CA VAL D 244 41.26 -1.86 -5.57
C VAL D 244 42.32 -2.06 -4.48
N LYS D 245 43.40 -1.29 -4.55
CA LYS D 245 44.47 -1.42 -3.56
C LYS D 245 44.14 -0.66 -2.28
N GLY D 246 43.77 0.61 -2.40
CA GLY D 246 43.36 1.39 -1.26
C GLY D 246 41.96 1.93 -1.40
N ASN D 247 41.66 3.05 -0.74
CA ASN D 247 40.35 3.67 -0.88
C ASN D 247 40.27 4.47 -2.17
N ILE D 248 39.07 4.55 -2.73
CA ILE D 248 38.79 5.36 -3.92
C ILE D 248 37.46 6.06 -3.67
N TYR D 249 37.52 7.36 -3.39
CA TYR D 249 36.33 8.14 -3.07
C TYR D 249 35.96 9.07 -4.21
N PRO D 250 34.67 9.21 -4.52
CA PRO D 250 34.24 10.19 -5.51
C PRO D 250 34.11 11.57 -4.88
N VAL D 251 33.97 12.57 -5.74
CA VAL D 251 33.73 13.94 -5.29
C VAL D 251 32.23 14.10 -5.06
N PRO D 252 31.78 14.21 -3.81
CA PRO D 252 30.34 14.27 -3.53
C PRO D 252 29.81 15.70 -3.56
N ASP D 253 28.50 15.80 -3.59
CA ASP D 253 27.83 17.09 -3.50
C ASP D 253 28.01 17.64 -2.08
N PRO D 254 28.56 18.84 -1.91
CA PRO D 254 28.85 19.34 -0.55
C PRO D 254 27.60 19.67 0.26
N ARG D 255 26.41 19.68 -0.35
CA ARG D 255 25.19 19.97 0.39
C ARG D 255 24.77 18.83 1.31
N PHE D 256 25.31 17.63 1.13
CA PHE D 256 24.92 16.48 1.93
C PHE D 256 26.14 15.91 2.68
N PRO D 257 25.93 15.37 3.87
CA PRO D 257 27.06 14.75 4.61
C PRO D 257 27.49 13.41 4.03
N PHE D 258 26.71 12.83 3.12
CA PHE D 258 27.07 11.53 2.55
C PHE D 258 28.24 11.70 1.59
N LEU D 259 29.28 10.89 1.79
CA LEU D 259 30.46 10.93 0.94
C LEU D 259 30.29 10.18 -0.37
N GLY D 260 29.15 9.52 -0.57
CA GLY D 260 28.90 8.80 -1.80
C GLY D 260 29.47 7.39 -1.77
N VAL D 261 29.01 6.59 -2.74
CA VAL D 261 29.49 5.22 -2.87
C VAL D 261 30.96 5.24 -3.27
N HIS D 262 31.79 4.52 -2.52
CA HIS D 262 33.23 4.55 -2.71
C HIS D 262 33.80 3.14 -2.63
N PHE D 263 35.01 2.99 -3.17
CA PHE D 263 35.75 1.74 -3.11
C PHE D 263 36.54 1.70 -1.81
N THR D 264 36.34 0.64 -1.02
CA THR D 264 37.04 0.55 0.26
C THR D 264 37.39 -0.89 0.58
N PRO D 265 38.67 -1.23 0.81
CA PRO D 265 39.06 -2.57 1.18
C PRO D 265 38.90 -2.75 2.69
N ARG D 266 38.71 -4.00 3.11
CA ARG D 266 38.51 -4.32 4.54
C ARG D 266 39.74 -5.04 5.07
N MET D 267 39.74 -5.36 6.34
CA MET D 267 40.91 -6.05 6.94
C MET D 267 41.13 -7.42 6.30
N ASP D 268 40.08 -8.14 5.94
CA ASP D 268 40.18 -9.49 5.40
C ASP D 268 40.39 -9.52 3.89
N GLY D 269 40.78 -8.39 3.29
CA GLY D 269 41.07 -8.33 1.87
C GLY D 269 39.87 -8.06 0.99
N SER D 270 38.65 -8.14 1.52
CA SER D 270 37.48 -7.86 0.71
C SER D 270 37.35 -6.35 0.47
N ILE D 271 36.65 -6.02 -0.61
CA ILE D 271 36.42 -4.64 -1.02
C ILE D 271 34.93 -4.39 -1.06
N TRP D 272 34.47 -3.38 -0.32
CA TRP D 272 33.07 -3.02 -0.25
C TRP D 272 32.82 -1.78 -1.11
N LEU D 273 31.72 -1.81 -1.87
CA LEU D 273 31.32 -0.71 -2.73
C LEU D 273 30.12 -0.03 -2.10
N GLY D 274 30.33 1.18 -1.58
CA GLY D 274 29.29 1.93 -0.92
C GLY D 274 29.84 2.82 0.16
N PRO D 275 28.97 3.24 1.11
CA PRO D 275 27.54 2.92 1.10
C PRO D 275 26.70 4.01 0.43
N ASN D 276 25.48 3.66 0.03
CA ASN D 276 24.56 4.62 -0.55
C ASN D 276 23.73 5.28 0.55
N ALA D 277 22.81 6.15 0.15
CA ALA D 277 21.94 6.88 1.07
C ALA D 277 20.49 6.63 0.68
N VAL D 278 19.95 5.52 1.15
CA VAL D 278 18.56 5.14 0.90
C VAL D 278 17.78 5.26 2.19
N LEU D 279 16.64 5.95 2.14
CA LEU D 279 15.81 6.14 3.32
C LEU D 279 15.33 4.79 3.85
N ALA D 280 15.78 4.46 5.06
CA ALA D 280 15.39 3.21 5.69
C ALA D 280 13.98 3.34 6.26
N LEU D 281 13.13 2.36 5.95
CA LEU D 281 11.75 2.34 6.43
C LEU D 281 11.64 1.67 7.79
N LYS D 282 12.63 1.85 8.64
CA LYS D 282 12.67 1.34 10.01
C LYS D 282 13.91 1.89 10.68
N ARG D 283 13.81 2.16 11.98
CA ARG D 283 14.97 2.63 12.75
C ARG D 283 16.14 1.66 12.62
N GLU D 284 15.87 0.37 12.71
CA GLU D 284 16.89 -0.65 12.50
C GLU D 284 16.58 -1.45 11.24
N GLY D 285 16.23 -0.76 10.16
CA GLY D 285 15.92 -1.43 8.91
C GLY D 285 17.15 -1.68 8.07
N TYR D 286 17.80 -2.83 8.28
CA TYR D 286 19.03 -3.15 7.57
C TYR D 286 18.78 -3.72 6.18
N THR D 287 17.57 -4.19 5.89
CA THR D 287 17.21 -4.67 4.56
C THR D 287 15.97 -3.93 4.08
N TRP D 288 15.70 -4.04 2.78
CA TRP D 288 14.62 -3.27 2.17
C TRP D 288 13.25 -3.70 2.68
N GLY D 289 13.01 -5.02 2.72
CA GLY D 289 11.69 -5.51 3.08
C GLY D 289 11.31 -5.28 4.52
N ASP D 290 12.28 -5.03 5.39
CA ASP D 290 12.02 -4.87 6.83
C ASP D 290 11.51 -3.46 7.07
N ILE D 291 10.20 -3.32 7.25
CA ILE D 291 9.57 -2.02 7.47
C ILE D 291 8.78 -2.07 8.78
N ASN D 292 8.51 -0.88 9.31
CA ASN D 292 7.73 -0.73 10.53
C ASN D 292 6.80 0.46 10.37
N LEU D 293 5.49 0.20 10.41
CA LEU D 293 4.51 1.26 10.15
C LEU D 293 4.55 2.34 11.22
N PHE D 294 4.76 1.96 12.48
CA PHE D 294 4.79 2.95 13.55
C PHE D 294 5.97 3.90 13.39
N GLU D 295 7.11 3.38 12.93
CA GLU D 295 8.30 4.20 12.72
C GLU D 295 8.28 4.95 11.40
N LEU D 296 7.27 4.75 10.56
CA LEU D 296 7.08 5.54 9.35
C LEU D 296 6.14 6.71 9.57
N PHE D 297 5.04 6.50 10.30
CA PHE D 297 4.24 7.63 10.75
C PHE D 297 5.03 8.55 11.66
N ASP D 298 6.16 8.09 12.20
CA ASP D 298 7.05 8.96 12.96
C ASP D 298 7.85 9.86 12.03
N ALA D 299 8.54 9.27 11.05
CA ALA D 299 9.44 10.05 10.19
C ALA D 299 8.65 10.87 9.18
N LEU D 300 7.60 10.29 8.59
CA LEU D 300 6.87 10.98 7.53
C LEU D 300 6.03 12.12 8.07
N ARG D 301 5.38 11.93 9.22
CA ARG D 301 4.60 13.00 9.83
C ARG D 301 5.46 14.03 10.55
N TYR D 302 6.78 13.83 10.57
CA TYR D 302 7.66 14.82 11.18
C TYR D 302 7.66 16.09 10.34
N PRO D 303 7.55 17.27 10.97
CA PRO D 303 7.46 18.51 10.17
C PRO D 303 8.70 18.77 9.32
N GLY D 304 9.89 18.50 9.85
CA GLY D 304 11.11 18.76 9.10
C GLY D 304 11.34 17.81 7.94
N PHE D 305 10.76 16.61 8.00
CA PHE D 305 10.97 15.65 6.92
C PHE D 305 10.36 16.12 5.61
N VAL D 306 9.15 16.69 5.67
CA VAL D 306 8.52 17.21 4.46
C VAL D 306 9.31 18.39 3.91
N LYS D 307 9.94 19.17 4.79
CA LYS D 307 10.76 20.29 4.33
C LYS D 307 12.00 19.80 3.59
N MET D 308 12.67 18.78 4.11
CA MET D 308 13.83 18.23 3.43
C MET D 308 13.42 17.48 2.17
N ALA D 309 12.31 16.74 2.24
CA ALA D 309 11.83 16.02 1.06
C ALA D 309 11.43 16.96 -0.07
N SER D 310 10.92 18.15 0.27
CA SER D 310 10.54 19.11 -0.75
C SER D 310 11.73 19.74 -1.45
N LYS D 311 12.97 19.36 -1.08
CA LYS D 311 14.15 19.95 -1.69
C LYS D 311 15.13 18.89 -2.17
N TYR D 312 15.17 17.74 -1.50
CA TYR D 312 16.16 16.71 -1.76
C TYR D 312 15.53 15.37 -2.12
N ILE D 313 14.33 15.39 -2.69
CA ILE D 313 13.68 14.14 -3.07
C ILE D 313 14.30 13.55 -4.32
N GLY D 314 14.78 14.39 -5.25
CA GLY D 314 15.35 13.89 -6.48
C GLY D 314 16.60 13.08 -6.26
N PHE D 315 17.50 13.57 -5.38
CA PHE D 315 18.70 12.82 -5.06
C PHE D 315 18.39 11.55 -4.29
N GLY D 316 17.34 11.58 -3.45
CA GLY D 316 16.96 10.39 -2.70
C GLY D 316 16.25 9.35 -3.54
N LEU D 317 15.54 9.78 -4.59
CA LEU D 317 14.86 8.83 -5.44
C LEU D 317 15.83 8.08 -6.34
N SER D 318 16.86 8.78 -6.85
CA SER D 318 17.85 8.11 -7.68
C SER D 318 18.70 7.13 -6.85
N GLU D 319 18.89 7.42 -5.56
CA GLU D 319 19.56 6.47 -4.70
C GLU D 319 18.76 5.18 -4.57
N MET D 320 17.44 5.29 -4.42
CA MET D 320 16.58 4.11 -4.39
C MET D 320 16.56 3.42 -5.74
N SER D 321 16.69 4.18 -6.83
CA SER D 321 16.71 3.57 -8.16
C SER D 321 17.98 2.75 -8.36
N LYS D 322 19.12 3.26 -7.88
CA LYS D 322 20.35 2.49 -7.96
C LYS D 322 20.31 1.26 -7.05
N SER D 323 19.55 1.34 -5.96
CA SER D 323 19.43 0.20 -5.06
C SER D 323 18.48 -0.85 -5.60
N TRP D 324 17.36 -0.42 -6.20
CA TRP D 324 16.44 -1.38 -6.80
C TRP D 324 17.08 -2.12 -7.96
N PHE D 325 17.86 -1.43 -8.77
CA PHE D 325 18.54 -2.03 -9.92
C PHE D 325 20.02 -1.72 -9.82
N ILE D 326 20.83 -2.73 -9.50
CA ILE D 326 22.28 -2.60 -9.60
C ILE D 326 22.68 -2.34 -11.05
N ASN D 327 21.77 -2.64 -11.98
CA ASN D 327 21.89 -2.23 -13.38
C ASN D 327 22.43 -0.81 -13.51
N LEU D 328 21.86 0.13 -12.74
CA LEU D 328 22.28 1.53 -12.80
C LEU D 328 23.48 1.84 -11.92
N GLN D 329 23.68 1.08 -10.84
CA GLN D 329 24.76 1.41 -9.90
C GLN D 329 26.13 1.19 -10.51
N ILE D 330 26.33 0.06 -11.19
CA ILE D 330 27.64 -0.22 -11.76
C ILE D 330 27.92 0.68 -12.96
N LYS D 331 26.87 1.15 -13.65
CA LYS D 331 27.07 2.08 -14.75
C LYS D 331 27.71 3.38 -14.28
N ALA D 332 27.48 3.75 -13.01
CA ALA D 332 28.14 4.90 -12.44
C ALA D 332 29.52 4.56 -11.91
N LEU D 333 29.72 3.30 -11.48
CA LEU D 333 31.02 2.91 -10.95
C LEU D 333 32.04 2.70 -12.06
N GLN D 334 31.57 2.38 -13.28
CA GLN D 334 32.49 2.18 -14.40
C GLN D 334 33.21 3.45 -14.81
N LYS D 335 32.69 4.62 -14.42
CA LYS D 335 33.38 5.87 -14.68
C LYS D 335 34.70 5.99 -13.93
N TYR D 336 34.93 5.14 -12.92
CA TYR D 336 36.18 5.11 -12.18
C TYR D 336 37.05 3.92 -12.59
N ILE D 337 36.58 2.70 -12.36
CA ILE D 337 37.21 1.52 -12.94
C ILE D 337 36.20 0.88 -13.88
N PRO D 338 36.47 0.88 -15.19
CA PRO D 338 35.49 0.36 -16.16
C PRO D 338 35.59 -1.13 -16.46
N ASP D 339 36.35 -1.90 -15.67
CA ASP D 339 36.53 -3.32 -15.91
C ASP D 339 35.74 -4.17 -14.92
N ILE D 340 34.55 -3.72 -14.54
CA ILE D 340 33.66 -4.47 -13.66
C ILE D 340 32.35 -4.71 -14.37
N THR D 341 31.82 -5.92 -14.24
CA THR D 341 30.57 -6.33 -14.86
C THR D 341 29.53 -6.61 -13.79
N GLU D 342 28.34 -7.01 -14.24
CA GLU D 342 27.26 -7.30 -13.30
C GLU D 342 27.55 -8.55 -12.48
N TYR D 343 28.13 -9.57 -13.12
CA TYR D 343 28.45 -10.81 -12.42
C TYR D 343 29.59 -10.64 -11.42
N ASP D 344 30.31 -9.52 -11.47
CA ASP D 344 31.42 -9.28 -10.56
C ASP D 344 30.97 -8.67 -9.23
N ILE D 345 29.72 -8.29 -9.11
CA ILE D 345 29.19 -7.68 -7.90
C ILE D 345 28.23 -8.65 -7.23
N GLN D 346 27.95 -8.39 -5.95
CA GLN D 346 27.02 -9.20 -5.18
C GLN D 346 26.52 -8.37 -4.01
N ARG D 347 25.21 -8.46 -3.74
CA ARG D 347 24.62 -7.68 -2.66
C ARG D 347 25.19 -8.12 -1.32
N GLY D 348 25.73 -7.16 -0.57
CA GLY D 348 26.32 -7.44 0.72
C GLY D 348 25.52 -6.86 1.86
N PRO D 349 26.11 -6.84 3.06
CA PRO D 349 25.40 -6.30 4.22
C PRO D 349 25.27 -4.78 4.15
N ALA D 350 24.64 -4.18 5.16
CA ALA D 350 24.38 -2.75 5.14
C ALA D 350 24.37 -2.21 6.56
N GLY D 351 24.47 -0.88 6.67
CA GLY D 351 24.36 -0.19 7.93
C GLY D 351 23.26 0.87 7.86
N VAL D 352 22.91 1.39 9.02
CA VAL D 352 21.85 2.39 9.15
C VAL D 352 22.43 3.63 9.80
N ARG D 353 22.27 4.78 9.15
CA ARG D 353 22.78 6.04 9.69
C ARG D 353 21.78 6.65 10.65
N ALA D 354 22.29 7.17 11.76
CA ALA D 354 21.46 7.84 12.76
C ALA D 354 21.50 9.35 12.52
N GLN D 355 20.97 9.73 11.37
CA GLN D 355 20.96 11.14 10.94
C GLN D 355 19.93 11.91 11.72
N ALA D 356 20.37 12.92 12.47
CA ALA D 356 19.47 13.80 13.19
C ALA D 356 18.94 14.88 12.25
N MET D 357 17.70 15.31 12.51
CA MET D 357 17.03 16.30 11.66
C MET D 357 16.24 17.24 12.54
N ASP D 358 16.46 18.54 12.37
CA ASP D 358 15.73 19.54 13.14
C ASP D 358 14.35 19.76 12.53
N LEU D 359 13.60 20.70 13.11
CA LEU D 359 12.21 20.90 12.70
C LEU D 359 12.08 21.61 11.36
N ASP D 360 13.15 22.23 10.86
CA ASP D 360 13.12 22.88 9.56
C ASP D 360 13.69 22.03 8.43
N GLY D 361 14.14 20.80 8.74
CA GLY D 361 14.59 19.88 7.72
C GLY D 361 16.10 19.74 7.60
N ASN D 362 16.87 20.60 8.25
CA ASN D 362 18.32 20.52 8.16
C ASN D 362 18.83 19.28 8.89
N LEU D 363 19.97 18.78 8.42
CA LEU D 363 20.61 17.60 8.99
C LEU D 363 21.66 18.04 10.01
N VAL D 364 21.45 17.68 11.27
CA VAL D 364 22.36 18.08 12.34
C VAL D 364 23.73 17.44 12.13
N ASP D 365 24.78 18.23 12.37
CA ASP D 365 26.14 17.71 12.23
C ASP D 365 27.05 18.16 13.37
N ASP D 366 26.48 18.64 14.48
CA ASP D 366 27.26 19.10 15.62
C ASP D 366 26.73 18.43 16.89
N PHE D 367 27.40 18.72 18.01
CA PHE D 367 26.98 18.17 19.29
C PHE D 367 25.60 18.67 19.66
N VAL D 368 24.77 17.78 20.20
CA VAL D 368 23.43 18.12 20.68
C VAL D 368 23.23 17.42 22.02
N PHE D 369 23.15 18.19 23.09
CA PHE D 369 22.86 17.67 24.42
C PHE D 369 21.57 18.32 24.93
N ASP D 370 20.67 17.50 25.47
CA ASP D 370 19.40 18.01 25.97
C ASP D 370 18.98 17.20 27.18
N ARG D 371 18.50 17.91 28.20
CA ARG D 371 17.99 17.32 29.43
C ARG D 371 16.52 17.63 29.59
N GLY D 372 15.92 17.07 30.63
CA GLY D 372 14.51 17.25 30.90
C GLY D 372 14.15 18.67 31.29
N ALA D 379 15.22 14.74 35.72
CA ALA D 379 15.17 15.80 34.72
C ALA D 379 16.49 16.56 34.67
N LYS D 380 17.16 16.65 35.82
CA LYS D 380 18.44 17.34 35.91
C LYS D 380 19.64 16.40 35.92
N ARG D 381 19.46 15.16 36.38
CA ARG D 381 20.54 14.19 36.43
C ARG D 381 20.66 13.36 35.16
N VAL D 382 19.87 13.67 34.12
CA VAL D 382 19.92 12.95 32.86
C VAL D 382 20.46 13.90 31.79
N LEU D 383 21.11 13.32 30.78
CA LEU D 383 21.71 14.12 29.71
C LEU D 383 21.86 13.22 28.48
N HIS D 384 21.11 13.52 27.43
CA HIS D 384 21.09 12.70 26.23
C HIS D 384 21.90 13.37 25.14
N CYS D 385 23.00 12.72 24.72
CA CYS D 385 23.79 13.18 23.58
C CYS D 385 23.08 12.71 22.32
N ARG D 386 22.07 13.48 21.91
CA ARG D 386 21.21 13.11 20.79
C ARG D 386 21.94 13.12 19.46
N ASN D 387 23.12 13.73 19.37
CA ASN D 387 23.88 13.72 18.13
C ASN D 387 25.34 14.02 18.44
N ALA D 388 26.23 13.47 17.63
CA ALA D 388 27.67 13.68 17.75
C ALA D 388 28.25 14.01 16.39
N PRO D 389 29.33 14.81 16.35
CA PRO D 389 29.93 15.17 15.06
C PRO D 389 30.43 13.95 14.31
N SER D 390 30.49 14.09 12.99
CA SER D 390 30.93 13.04 12.08
C SER D 390 32.36 13.28 11.63
N PRO D 391 33.17 12.23 11.44
CA PRO D 391 32.80 10.83 11.63
C PRO D 391 32.99 10.35 13.06
N GLY D 392 31.95 9.76 13.65
CA GLY D 392 32.01 9.35 15.04
C GLY D 392 32.98 8.23 15.33
N ALA D 393 33.41 7.49 14.30
CA ALA D 393 34.28 6.34 14.52
C ALA D 393 35.73 6.78 14.73
N THR D 394 36.29 7.57 13.80
CA THR D 394 37.65 8.05 13.97
C THR D 394 37.75 9.07 15.08
N SER D 395 36.73 9.93 15.20
CA SER D 395 36.68 10.93 16.26
C SER D 395 36.28 10.34 17.60
N SER D 396 36.28 9.01 17.73
CA SER D 396 35.82 8.36 18.95
C SER D 396 36.55 8.88 20.19
N LEU D 397 37.88 8.88 20.15
CA LEU D 397 38.64 9.37 21.30
C LEU D 397 38.57 10.88 21.43
N ALA D 398 38.46 11.61 20.31
CA ALA D 398 38.36 13.06 20.38
C ALA D 398 36.99 13.50 20.85
N ILE D 399 35.93 12.85 20.36
CA ILE D 399 34.58 13.18 20.80
C ILE D 399 34.39 12.80 22.27
N ALA D 400 34.95 11.65 22.68
CA ALA D 400 34.82 11.22 24.07
C ALA D 400 35.37 12.25 25.03
N LYS D 401 36.45 12.94 24.64
CA LYS D 401 36.98 14.00 25.48
C LYS D 401 35.99 15.16 25.59
N MET D 402 35.24 15.44 24.52
CA MET D 402 34.23 16.49 24.57
C MET D 402 33.01 16.07 25.38
N ILE D 403 32.62 14.80 25.30
CA ILE D 403 31.49 14.33 26.09
C ILE D 403 31.86 14.28 27.57
N ALA D 404 33.10 13.88 27.87
CA ALA D 404 33.54 13.85 29.26
C ALA D 404 33.67 15.23 29.87
N ASP D 405 33.88 16.26 29.04
CA ASP D 405 33.92 17.63 29.55
C ASP D 405 32.51 18.19 29.78
N LYS D 406 31.54 17.78 28.97
CA LYS D 406 30.19 18.29 29.13
C LYS D 406 29.49 17.64 30.31
N ILE D 407 29.78 16.36 30.57
CA ILE D 407 29.16 15.67 31.69
C ILE D 407 29.79 16.09 33.03
N GLU D 408 31.08 16.44 33.01
CA GLU D 408 31.73 16.89 34.24
C GLU D 408 31.20 18.26 34.68
N ASN D 409 30.74 19.09 33.74
CA ASN D 409 30.19 20.38 34.10
C ASN D 409 28.74 20.27 34.55
N GLU D 410 27.94 19.50 33.81
CA GLU D 410 26.54 19.29 34.17
C GLU D 410 26.41 18.30 35.32
N SER D 412 28.79 17.87 37.91
CA SER D 412 29.76 18.48 38.81
C SER D 412 30.71 17.44 39.39
N ILE D 413 31.31 16.65 38.51
CA ILE D 413 32.24 15.60 38.91
C ILE D 413 33.54 16.22 39.40
PA FAD E . 10.54 -21.38 20.82
O1A FAD E . 9.78 -20.55 19.91
O2A FAD E . 10.94 -20.81 22.09
O5B FAD E . 11.76 -22.02 20.12
C5B FAD E . 12.45 -21.50 19.00
C4B FAD E . 13.87 -21.18 19.38
O4B FAD E . 14.72 -21.48 18.25
C3B FAD E . 14.13 -19.70 19.70
O3B FAD E . 14.68 -19.44 20.97
C2B FAD E . 15.01 -19.21 18.55
O2B FAD E . 15.88 -18.21 18.97
C1B FAD E . 15.70 -20.49 18.15
N9A FAD E . 16.17 -20.44 16.81
C8A FAD E . 15.47 -20.20 15.71
N7A FAD E . 16.20 -20.18 14.62
C5A FAD E . 17.47 -20.43 15.07
C6A FAD E . 18.72 -20.54 14.43
N6A FAD E . 18.91 -20.39 13.13
N1A FAD E . 19.78 -20.77 15.19
C2A FAD E . 19.62 -20.89 16.50
N3A FAD E . 18.52 -20.81 17.20
C4A FAD E . 17.47 -20.57 16.42
N1 FAD E . 1.98 -23.59 26.19
C2 FAD E . 1.52 -23.93 27.37
O2 FAD E . 1.73 -25.00 27.80
N3 FAD E . 0.80 -23.15 28.10
C4 FAD E . 0.46 -21.90 27.69
O4 FAD E . -0.19 -21.22 28.42
C4X FAD E . 0.92 -21.48 26.49
N5 FAD E . 0.60 -20.28 26.11
C5X FAD E . 1.09 -19.87 24.90
C6 FAD E . 0.78 -18.59 24.47
C7 FAD E . 1.26 -18.12 23.28
C7M FAD E . 0.91 -16.73 22.83
C8 FAD E . 2.08 -18.93 22.50
C8M FAD E . 2.61 -18.43 21.19
C9 FAD E . 2.36 -20.19 22.89
C9A FAD E . 1.88 -20.70 24.10
N10 FAD E . 2.18 -21.96 24.56
C10 FAD E . 1.70 -22.40 25.75
C1' FAD E . 2.94 -22.86 23.70
C2' FAD E . 4.34 -23.07 24.05
O2' FAD E . 4.89 -21.90 24.51
C3' FAD E . 5.04 -23.42 22.75
O3' FAD E . 4.40 -24.48 22.14
C4' FAD E . 6.48 -23.75 23.04
O4' FAD E . 6.94 -22.62 23.76
C5' FAD E . 7.32 -23.86 21.82
O5' FAD E . 8.59 -24.40 22.15
P FAD E . 9.74 -24.24 21.15
O1P FAD E . 10.86 -24.83 21.85
O2P FAD E . 9.33 -24.81 19.87
O3P FAD E . 9.73 -22.68 21.14
C1B LMT F . -15.23 -17.50 22.24
C2B LMT F . -16.75 -17.38 22.00
C3B LMT F . -17.18 -15.90 21.89
C4B LMT F . -16.63 -15.09 23.09
C5B LMT F . -15.11 -15.34 23.16
C6B LMT F . -14.49 -14.53 24.29
O1B LMT F . -14.56 -17.12 21.07
O2B LMT F . -17.03 -18.05 20.83
O3B LMT F . -18.54 -15.77 21.76
O4' LMT F . -16.86 -13.75 22.91
O5B LMT F . -14.81 -16.71 23.31
O6B LMT F . -13.19 -14.91 24.48
C1' LMT F . -11.32 -18.17 18.74
C2' LMT F . -12.23 -19.35 19.14
C3' LMT F . -13.57 -18.84 19.73
C4' LMT F . -13.34 -17.75 20.80
C5' LMT F . -12.41 -16.73 20.13
C6' LMT F . -12.21 -15.45 20.90
O1' LMT F . -10.07 -18.63 18.41
O2' LMT F . -12.50 -20.07 18.00
O3' LMT F . -14.27 -19.88 20.27
O5' LMT F . -11.16 -17.32 19.85
O6' LMT F . -11.51 -15.79 22.02
C1 LMT F . -9.25 -17.70 17.73
C2 LMT F . -9.94 -17.47 16.41
C3 LMT F . -9.75 -18.52 15.37
C4 LMT F . -9.30 -17.82 14.11
C5 LMT F . -9.01 -18.81 13.04
C6 LMT F . -7.80 -18.45 12.25
C7 LMT F . -8.21 -17.75 10.99
C8 LMT F . -7.00 -17.15 10.36
C9 LMT F . -7.28 -16.22 9.23
C10 LMT F . -7.06 -16.97 7.95
C11 LMT F . -6.59 -16.07 6.86
C12 LMT F . -5.34 -15.37 7.24
PA FAD G . -28.67 8.88 -9.24
O1A FAD G . -27.62 8.37 -8.33
O2A FAD G . -28.58 8.38 -10.68
O5B FAD G . -28.69 10.46 -9.22
C5B FAD G . -27.48 11.22 -9.34
C4B FAD G . -27.37 11.77 -10.75
O4B FAD G . -26.78 13.09 -10.71
C3B FAD G . -26.51 10.92 -11.69
O3B FAD G . -27.15 10.75 -12.95
C2B FAD G . -25.21 11.74 -11.81
O2B FAD G . -24.59 11.57 -13.08
C1B FAD G . -25.74 13.16 -11.66
N9A FAD G . -24.74 14.12 -11.18
C8A FAD G . -23.96 14.02 -10.06
N7A FAD G . -23.16 15.03 -9.88
C5A FAD G . -23.41 15.86 -10.96
C6A FAD G . -22.88 17.10 -11.35
N6A FAD G . -21.94 17.76 -10.68
N1A FAD G . -23.36 17.66 -12.49
C2A FAD G . -24.31 17.01 -13.17
N3A FAD G . -24.89 15.83 -12.89
C4A FAD G . -24.39 15.31 -11.78
N1 FAD G . -34.66 1.30 -5.05
C2 FAD G . -35.81 0.58 -5.20
O2 FAD G . -36.92 1.11 -5.09
N3 FAD G . -35.74 -0.77 -5.51
C4 FAD G . -34.59 -1.50 -5.69
O4 FAD G . -34.66 -2.70 -5.96
C4X FAD G . -33.37 -0.74 -5.53
N5 FAD G . -32.24 -1.35 -5.67
C5X FAD G . -31.07 -0.62 -5.51
C6 FAD G . -29.85 -1.26 -5.67
C7 FAD G . -28.64 -0.57 -5.52
C7M FAD G . -27.34 -1.30 -5.69
C8 FAD G . -28.67 0.80 -5.21
C8M FAD G . -27.40 1.58 -5.04
C9 FAD G . -29.90 1.45 -5.05
C9A FAD G . -31.09 0.74 -5.20
N10 FAD G . -32.34 1.38 -5.05
C10 FAD G . -33.51 0.66 -5.21
C1' FAD G . -32.44 2.80 -4.73
C2' FAD G . -32.53 3.70 -5.94
O2' FAD G . -31.76 3.16 -7.02
C3' FAD G . -31.99 5.08 -5.60
O3' FAD G . -32.53 5.48 -4.34
C4' FAD G . -32.32 6.15 -6.63
O4' FAD G . -31.69 5.82 -7.87
C5' FAD G . -31.91 7.53 -6.19
O5' FAD G . -32.13 8.47 -7.27
P FAD G . -30.98 9.43 -7.76
O1P FAD G . -31.57 10.54 -8.64
O2P FAD G . -30.18 9.91 -6.61
O3P FAD G . -30.11 8.49 -8.69
C1B LMT H . -28.91 -12.41 6.25
C2B LMT H . -28.88 -13.44 7.41
C3B LMT H . -27.87 -14.57 7.10
C4B LMT H . -28.10 -15.15 5.69
C5B LMT H . -28.07 -13.97 4.70
C6B LMT H . -28.21 -14.47 3.27
O1B LMT H . -27.75 -11.65 6.29
O2B LMT H . -28.51 -12.76 8.54
O3B LMT H . -27.89 -15.54 8.07
O4' LMT H . -27.13 -16.05 5.36
O5B LMT H . -29.06 -13.03 5.00
O6B LMT H . -28.19 -13.42 2.40
C1' LMT H . -26.52 -7.74 5.71
C2' LMT H . -27.75 -7.90 6.63
C3' LMT H . -27.92 -9.38 7.05
C4' LMT H . -27.85 -10.32 5.83
C5' LMT H . -26.52 -9.94 5.13
C6' LMT H . -26.09 -10.90 4.05
O1' LMT H . -26.50 -6.48 5.18
O2' LMT H . -27.57 -7.14 7.75
O3' LMT H . -29.11 -9.57 7.70
O5' LMT H . -26.60 -8.64 4.63
O6' LMT H . -26.97 -10.71 3.01
C1 LMT H . -25.26 -6.10 4.61
C2 LMT H . -24.30 -6.06 5.75
C3 LMT H . -24.34 -4.83 6.60
C4 LMT H . -23.07 -4.07 6.34
C5 LMT H . -22.85 -3.05 7.40
C6 LMT H . -21.72 -2.12 7.06
C7 LMT H . -21.18 -1.52 8.32
C8 LMT H . -20.00 -0.68 7.96
C9 LMT H . -18.84 -1.46 7.41
C10 LMT H . -17.58 -0.79 7.88
C11 LMT H . -17.38 0.56 7.24
C12 LMT H . -17.33 1.65 8.25
PA FAD I . -7.64 9.17 -29.13
O1A FAD I . -7.41 8.82 -27.70
O2A FAD I . -8.37 10.49 -29.35
O5B FAD I . -8.40 7.99 -29.87
C5B FAD I . -9.00 6.91 -29.12
C4B FAD I . -10.51 7.03 -29.21
O4B FAD I . -11.10 5.71 -29.28
C3B FAD I . -11.17 7.75 -28.03
O3B FAD I . -12.17 8.64 -28.49
C2B FAD I . -11.76 6.59 -27.21
O2B FAD I . -12.92 7.00 -26.49
C1B FAD I . -12.13 5.61 -28.33
N9A FAD I . -12.23 4.22 -27.88
C8A FAD I . -11.32 3.52 -27.12
N7A FAD I . -11.67 2.29 -26.88
C5A FAD I . -12.90 2.16 -27.51
C6A FAD I . -13.81 1.09 -27.62
N6A FAD I . -13.61 -0.11 -27.07
N1A FAD I . -14.94 1.29 -28.32
C2A FAD I . -15.15 2.50 -28.87
N3A FAD I . -14.37 3.58 -28.83
C4A FAD I . -13.26 3.35 -28.13
N1 FAD I . 0.16 15.87 -30.83
C2 FAD I . 0.52 16.98 -31.53
O2 FAD I . 0.65 16.96 -32.76
N3 FAD I . 0.75 18.17 -30.86
C4 FAD I . 0.65 18.36 -29.49
O4 FAD I . 0.89 19.47 -29.02
C4X FAD I . 0.27 17.18 -28.76
N5 FAD I . 0.15 17.27 -27.46
C5X FAD I . -0.21 16.14 -26.76
C6 FAD I . -0.33 16.21 -25.38
C7 FAD I . -0.70 15.09 -24.63
C7M FAD I . -0.83 15.23 -23.14
C8 FAD I . -0.95 13.87 -25.28
C8M FAD I . -1.35 12.65 -24.50
C9 FAD I . -0.82 13.79 -26.66
C9A FAD I . -0.45 14.91 -27.41
N10 FAD I . -0.32 14.86 -28.81
C10 FAD I . 0.04 15.97 -29.52
C1' FAD I . -0.56 13.61 -29.54
C2' FAD I . -1.98 13.46 -30.06
O2' FAD I . -2.91 14.02 -29.12
C3' FAD I . -2.30 11.97 -30.26
O3' FAD I . -1.19 11.36 -30.89
C4' FAD I . -3.55 11.70 -31.07
O4' FAD I . -4.69 12.29 -30.42
C5' FAD I . -3.79 10.22 -31.30
O5' FAD I . -5.07 10.03 -31.92
P FAD I . -6.06 8.90 -31.43
O1P FAD I . -7.41 9.06 -32.12
O2P FAD I . -5.43 7.57 -31.56
O3P FAD I . -6.25 9.25 -29.89
C1B LMT J . 14.79 19.44 -19.92
C2B LMT J . 16.17 19.77 -19.32
C3B LMT J . 16.03 20.41 -17.92
C4B LMT J . 14.99 21.55 -17.95
C5B LMT J . 13.70 20.97 -18.53
C6B LMT J . 12.60 22.03 -18.48
O1B LMT J . 14.27 18.30 -19.29
O2B LMT J . 16.87 18.60 -19.25
O3B LMT J . 17.25 20.81 -17.43
O4' LMT J . 14.76 22.02 -16.67
O5B LMT J . 13.89 20.50 -19.83
O6B LMT J . 11.64 21.74 -19.43
C1' LMT J . 12.11 14.89 -20.11
C2' LMT J . 13.25 15.19 -21.11
C3' LMT J . 14.20 16.26 -20.54
C4' LMT J . 13.40 17.48 -20.04
C5' LMT J . 12.33 16.91 -19.09
C6' LMT J . 11.57 17.95 -18.32
O1' LMT J . 11.18 14.06 -20.69
O2' LMT J . 13.96 14.02 -21.31
O3' LMT J . 15.12 16.65 -21.48
O5' LMT J . 11.45 16.10 -19.80
O6' LMT J . 11.04 18.80 -19.25
C1 LMT J . 10.46 13.27 -19.77
C2 LMT J . 11.48 12.41 -19.10
C3 LMT J . 11.75 11.08 -19.71
C4 LMT J . 10.62 10.16 -19.31
C5 LMT J . 11.07 8.74 -19.37
C6 LMT J . 10.09 7.81 -18.72
C7 LMT J . 10.66 6.43 -18.67
C8 LMT J . 9.65 5.52 -18.08
C9 LMT J . 9.55 5.58 -16.59
C10 LMT J . 10.05 4.26 -16.07
C11 LMT J . 9.25 3.80 -14.89
C12 LMT J . 7.87 3.43 -15.28
PA FAD K . 25.93 2.90 17.76
O1A FAD K . 24.66 2.73 17.02
O2A FAD K . 26.93 1.74 17.60
O5B FAD K . 25.65 3.14 19.30
C5B FAD K . 24.34 2.91 19.85
C4B FAD K . 24.33 1.71 20.75
O4B FAD K . 23.41 1.93 21.85
C3B FAD K . 23.92 0.40 20.10
O3B FAD K . 24.77 -0.68 20.49
C2B FAD K . 22.47 0.20 20.57
O2B FAD K . 22.13 -1.17 20.67
C1B FAD K . 22.54 0.82 21.96
N9A FAD K . 21.25 1.29 22.47
C8A FAD K . 20.34 2.08 21.82
N7A FAD K . 19.26 2.34 22.51
C5A FAD K . 19.48 1.68 23.71
C6A FAD K . 18.71 1.57 24.88
N6A FAD K . 17.51 2.13 25.05
N1A FAD K . 19.21 0.82 25.90
C2A FAD K . 20.41 0.25 25.74
N3A FAD K . 21.23 0.30 24.68
C4A FAD K . 20.70 1.03 23.70
N1 FAD K . 32.73 6.54 10.55
C2 FAD K . 34.03 6.59 10.16
O2 FAD K . 34.88 7.21 10.82
N3 FAD K . 34.44 5.95 9.01
C4 FAD K . 33.63 5.20 8.18
O4 FAD K . 34.11 4.66 7.18
C4X FAD K . 32.24 5.15 8.59
N5 FAD K . 31.41 4.49 7.86
C5X FAD K . 30.08 4.43 8.26
C6 FAD K . 29.18 3.72 7.48
C7 FAD K . 27.83 3.64 7.84
C7M FAD K . 26.88 2.85 6.98
C8 FAD K . 27.38 4.29 9.00
C8M FAD K . 25.94 4.22 9.42
C9 FAD K . 28.29 5.01 9.77
C9A FAD K . 29.63 5.08 9.42
N10 FAD K . 30.57 5.79 10.19
C10 FAD K . 31.88 5.86 9.80
C1' FAD K . 30.16 6.51 11.41
C2' FAD K . 30.25 5.66 12.67
O2' FAD K . 30.16 4.27 12.34
C3' FAD K . 29.12 6.04 13.62
O3' FAD K . 28.89 7.45 13.51
C4' FAD K . 29.38 5.69 15.09
O4' FAD K . 29.39 4.28 15.24
C5' FAD K . 28.36 6.32 16.01
O5' FAD K . 28.57 5.80 17.35
P FAD K . 27.36 5.29 18.23
O1P FAD K . 27.89 4.56 19.47
O2P FAD K . 26.42 6.41 18.51
O3P FAD K . 26.66 4.23 17.29
C1B LMT L . 29.02 10.79 -6.96
C2B LMT L . 29.09 11.39 -8.38
C3B LMT L . 28.61 10.37 -9.44
C4B LMT L . 29.29 9.00 -9.25
C5B LMT L . 29.09 8.59 -7.78
C6B LMT L . 29.70 7.21 -7.54
O1B LMT L . 27.69 10.71 -6.56
O2B LMT L . 28.29 12.51 -8.39
O3B LMT L . 28.74 10.86 -10.71
O4' LMT L . 28.74 8.06 -10.07
O5B LMT L . 29.63 9.54 -6.89
O6B LMT L . 29.56 6.87 -6.22
C1' LMT L . 25.44 11.12 -3.11
C2' LMT L . 26.42 12.28 -3.40
C3' LMT L . 26.90 12.20 -4.87
C4' LMT L . 27.44 10.80 -5.18
C5' LMT L . 26.28 9.85 -4.82
C6' LMT L . 26.44 8.43 -5.28
O1' LMT L . 25.12 11.07 -1.78
O2' LMT L . 25.76 13.46 -3.21
O3' LMT L . 27.85 13.14 -5.12
O5' LMT L . 26.05 9.88 -3.44
O6' LMT L . 27.57 7.96 -4.67
C1 LMT L . 23.95 10.34 -1.49
C2 LMT L . 22.86 10.99 -2.27
C3 LMT L . 22.19 12.15 -1.63
C4 LMT L . 21.32 11.62 -0.53
C5 LMT L . 20.35 12.66 -0.08
C6 LMT L . 19.12 12.05 0.51
C7 LMT L . 18.12 13.13 0.80
C8 LMT L . 16.95 12.52 1.49
C9 LMT L . 16.07 11.71 0.59
C10 LMT L . 14.79 12.49 0.43
C11 LMT L . 13.59 11.60 0.59
C12 LMT L . 13.57 10.97 1.94
#